data_1W70
# 
_entry.id   1W70 
# 
_audit_conform.dict_name       mmcif_pdbx.dic 
_audit_conform.dict_version    5.397 
_audit_conform.dict_location   http://mmcif.pdb.org/dictionaries/ascii/mmcif_pdbx.dic 
# 
loop_
_database_2.database_id 
_database_2.database_code 
_database_2.pdbx_database_accession 
_database_2.pdbx_DOI 
PDB   1W70         pdb_00001w70 10.2210/pdb1w70/pdb 
PDBE  EBI-20877    ?            ?                   
WWPDB D_1290020877 ?            ?                   
# 
loop_
_pdbx_audit_revision_history.ordinal 
_pdbx_audit_revision_history.data_content_type 
_pdbx_audit_revision_history.major_revision 
_pdbx_audit_revision_history.minor_revision 
_pdbx_audit_revision_history.revision_date 
1 'Structure model' 1 0 2005-01-18 
2 'Structure model' 1 1 2011-05-08 
3 'Structure model' 1 2 2011-07-13 
4 'Structure model' 1 3 2019-03-06 
5 'Structure model' 1 4 2019-05-22 
6 'Structure model' 1 5 2023-12-13 
7 'Structure model' 1 6 2024-10-23 
# 
_pdbx_audit_revision_details.ordinal             1 
_pdbx_audit_revision_details.revision_ordinal    1 
_pdbx_audit_revision_details.data_content_type   'Structure model' 
_pdbx_audit_revision_details.provider            repository 
_pdbx_audit_revision_details.type                'Initial release' 
_pdbx_audit_revision_details.description         ? 
_pdbx_audit_revision_details.details             ? 
# 
loop_
_pdbx_audit_revision_group.ordinal 
_pdbx_audit_revision_group.revision_ordinal 
_pdbx_audit_revision_group.data_content_type 
_pdbx_audit_revision_group.group 
1  2 'Structure model' 'Version format compliance' 
2  3 'Structure model' 'Version format compliance' 
3  4 'Structure model' 'Data collection'           
4  4 'Structure model' 'Derived calculations'      
5  4 'Structure model' 'Experimental preparation'  
6  4 'Structure model' Other                       
7  5 'Structure model' 'Data collection'           
8  5 'Structure model' 'Experimental preparation'  
9  6 'Structure model' 'Data collection'           
10 6 'Structure model' 'Database references'       
11 6 'Structure model' Other                       
12 6 'Structure model' 'Refinement description'    
13 7 'Structure model' 'Structure summary'         
# 
loop_
_pdbx_audit_revision_category.ordinal 
_pdbx_audit_revision_category.revision_ordinal 
_pdbx_audit_revision_category.data_content_type 
_pdbx_audit_revision_category.category 
1  4 'Structure model' exptl_crystal_grow            
2  4 'Structure model' pdbx_database_proc            
3  4 'Structure model' pdbx_database_status          
4  4 'Structure model' struct_conn                   
5  5 'Structure model' exptl_crystal_grow            
6  6 'Structure model' chem_comp_atom                
7  6 'Structure model' chem_comp_bond                
8  6 'Structure model' database_2                    
9  6 'Structure model' pdbx_database_status          
10 6 'Structure model' pdbx_initial_refinement_model 
11 7 'Structure model' pdbx_entry_details            
12 7 'Structure model' pdbx_modification_feature     
# 
loop_
_pdbx_audit_revision_item.ordinal 
_pdbx_audit_revision_item.revision_ordinal 
_pdbx_audit_revision_item.data_content_type 
_pdbx_audit_revision_item.item 
1 4 'Structure model' '_exptl_crystal_grow.method'                   
2 4 'Structure model' '_pdbx_database_status.recvd_author_approval'  
3 4 'Structure model' '_struct_conn.pdbx_leaving_atom_flag'          
4 5 'Structure model' '_exptl_crystal_grow.temp'                     
5 6 'Structure model' '_database_2.pdbx_DOI'                         
6 6 'Structure model' '_database_2.pdbx_database_accession'          
7 6 'Structure model' '_pdbx_database_status.status_code_sf'         
8 7 'Structure model' '_pdbx_entry_details.has_protein_modification' 
# 
_pdbx_database_status.status_code                     REL 
_pdbx_database_status.entry_id                        1W70 
_pdbx_database_status.deposit_site                    PDBE 
_pdbx_database_status.process_site                    PDBE 
_pdbx_database_status.SG_entry                        . 
_pdbx_database_status.recvd_initial_deposition_date   2004-08-26 
_pdbx_database_status.pdb_format_compatible           Y 
_pdbx_database_status.status_code_sf                  REL 
_pdbx_database_status.status_code_mr                  ? 
_pdbx_database_status.status_code_cs                  ? 
_pdbx_database_status.methods_development_category    ? 
_pdbx_database_status.status_code_nmr_data            ? 
# 
loop_
_pdbx_database_related.db_name 
_pdbx_database_related.db_id 
_pdbx_database_related.content_type 
_pdbx_database_related.details 
PDB 1H6H unspecified 'STRUCTURE OF THE PX DOMAIN FROM P40PHOX BOUND TO PHOSPHATIDYLINOSITOL 3-PHOSPHATE' 
PDB 1OEY unspecified 'HETERODIMER OF P40PHOX AND P67PHOX PB1 DOMAINS FROM HUMAN NADPH OXIDASE' 
PDB 1W6X unspecified 'SH3 DOMAIN OF P40PHOX, COMPONENT OF THE NADPH OXIDASE' 
PDB 1GD5 unspecified 'SOLUTION STRUCTURE OF THE PX DOMAIN FROM HUMAN P47PHOXNADPH OXIDASE' 
PDB 1K4U unspecified 
'SOLUTION STRUCTURE OF THE C-TERMINAL SH3 DOMAIN OF P67PHOXCOMPLEXED WITH THE C- TERMINAL TAIL REGION OF P47PHOX' 
PDB 1KQ6 unspecified 'P47PHOX PX DOMAIN' 
PDB 1NG2 unspecified 'STRUCTURE OF AUTOINHIBITED P47PHOX' 
PDB 1O7K unspecified 'HUMAN P47 PX DOMAIN COMPLEX WITH SULPHATES' 
PDB 1OV3 unspecified 'STRUCTURE OF THE P22PHOX-P47PHOX COMPLEX' 
PDB 1UEC unspecified 'CRYSTAL STRUCTURE OF AUTOINHIBITED FORM OF TANDEM SH3DOMAIN OF P47PHOX' 
# 
loop_
_audit_author.name 
_audit_author.pdbx_ordinal 
'Massenet, C.'       1 
'Chenavas, S.'       2 
'Cohen-Addad, C.'    3 
'Dagher, M.-C.'      4 
'Brandolin, G.'      5 
'Pebay-Peyroula, E.' 6 
'Fieschi, F.'        7 
# 
_citation.id                        primary 
_citation.title                     
;Effects of P47Phox C-Terminus Phosphorylation on Binding Interactions with P40Phox and P67Phox: Structural and Functional Comparison of P40Phox P67Phox SH3 Domains
;
_citation.journal_abbrev            J.Biol.Chem. 
_citation.journal_volume            280 
_citation.page_first                13752 
_citation.page_last                 ? 
_citation.year                      2005 
_citation.journal_id_ASTM           JBCHA3 
_citation.country                   US 
_citation.journal_id_ISSN           0021-9258 
_citation.journal_id_CSD            0071 
_citation.book_publisher            ? 
_citation.pdbx_database_id_PubMed   15657040 
_citation.pdbx_database_id_DOI      10.1074/JBC.M412897200 
# 
loop_
_citation_author.citation_id 
_citation_author.name 
_citation_author.ordinal 
_citation_author.identifier_ORCID 
primary 'Massenet, C.'       1 ? 
primary 'Chenavas, S.'       2 ? 
primary 'Cohen-Addad, C.'    3 ? 
primary 'Dagher, M.-C.'      4 ? 
primary 'Brandolin, G.'      5 ? 
primary 'Pebay-Peyroula, E.' 6 ? 
primary 'Fieschi, F.'        7 ? 
# 
loop_
_entity.id 
_entity.type 
_entity.src_method 
_entity.pdbx_description 
_entity.formula_weight 
_entity.pdbx_number_of_molecules 
_entity.pdbx_ec 
_entity.pdbx_mutation 
_entity.pdbx_fragment 
_entity.details 
1 polymer     man 'NEUTROPHIL CYTOSOL FACTOR 4' 6791.013 2   ? ? 'SH3 DOMAIN, RESIDUES 174-228'        ? 
2 polymer     syn 'NEUTROPHIL CYTOSOL FACTOR 1' 1387.581 2   ? ? 'POLYPROLINE MOTIF, RESIDUES 360-372' ? 
3 non-polymer syn 'SULFATE ION'                 96.063   4   ? ? ?                                     ? 
4 non-polymer syn 'trifluoroacetic acid'        114.023  2   ? ? ?                                     ? 
5 water       nat water                         18.015   227 ? ? ?                                     ? 
# 
loop_
_entity_name_com.entity_id 
_entity_name_com.name 
1 'NCF-4, NEUTROPHIL NADPH OXIDASE FACTOR 4, P40PHOX, P40-PHOX'                        
2 'NCF-1,NEUTROPHIL NADPH OXIDASE FACTOR 1,47 KDA NEUTROPHIL OXIDASE FACTOR, P47-PHOX' 
# 
loop_
_entity_poly.entity_id 
_entity_poly.type 
_entity_poly.nstd_linkage 
_entity_poly.nstd_monomer 
_entity_poly.pdbx_seq_one_letter_code 
_entity_poly.pdbx_seq_one_letter_code_can 
_entity_poly.pdbx_strand_id 
_entity_poly.pdbx_target_identifier 
1 'polypeptide(L)' no no  LIKHMRAEALFDFTGNSKLELNFKAGDVIFLLSRINKDWLEGTVRGATGIFPLSFVKILK 
LIKHMRAEALFDFTGNSKLELNFKAGDVIFLLSRINKDWLEGTVRGATGIFPLSFVKILK A,B ? 
2 'polypeptide(L)' no yes '(ACE)KPQPAVPPRPSAD'                                         XKPQPAVPPRPSAD C,D ? 
# 
loop_
_pdbx_entity_nonpoly.entity_id 
_pdbx_entity_nonpoly.name 
_pdbx_entity_nonpoly.comp_id 
3 'SULFATE ION'          SO4 
4 'trifluoroacetic acid' TFA 
5 water                  HOH 
# 
loop_
_entity_poly_seq.entity_id 
_entity_poly_seq.num 
_entity_poly_seq.mon_id 
_entity_poly_seq.hetero 
1 1  LEU n 
1 2  ILE n 
1 3  LYS n 
1 4  HIS n 
1 5  MET n 
1 6  ARG n 
1 7  ALA n 
1 8  GLU n 
1 9  ALA n 
1 10 LEU n 
1 11 PHE n 
1 12 ASP n 
1 13 PHE n 
1 14 THR n 
1 15 GLY n 
1 16 ASN n 
1 17 SER n 
1 18 LYS n 
1 19 LEU n 
1 20 GLU n 
1 21 LEU n 
1 22 ASN n 
1 23 PHE n 
1 24 LYS n 
1 25 ALA n 
1 26 GLY n 
1 27 ASP n 
1 28 VAL n 
1 29 ILE n 
1 30 PHE n 
1 31 LEU n 
1 32 LEU n 
1 33 SER n 
1 34 ARG n 
1 35 ILE n 
1 36 ASN n 
1 37 LYS n 
1 38 ASP n 
1 39 TRP n 
1 40 LEU n 
1 41 GLU n 
1 42 GLY n 
1 43 THR n 
1 44 VAL n 
1 45 ARG n 
1 46 GLY n 
1 47 ALA n 
1 48 THR n 
1 49 GLY n 
1 50 ILE n 
1 51 PHE n 
1 52 PRO n 
1 53 LEU n 
1 54 SER n 
1 55 PHE n 
1 56 VAL n 
1 57 LYS n 
1 58 ILE n 
1 59 LEU n 
1 60 LYS n 
2 1  ACE n 
2 2  LYS n 
2 3  PRO n 
2 4  GLN n 
2 5  PRO n 
2 6  ALA n 
2 7  VAL n 
2 8  PRO n 
2 9  PRO n 
2 10 ARG n 
2 11 PRO n 
2 12 SER n 
2 13 ALA n 
2 14 ASP n 
# 
_entity_src_gen.entity_id                          1 
_entity_src_gen.pdbx_src_id                        1 
_entity_src_gen.pdbx_alt_source_flag               sample 
_entity_src_gen.pdbx_seq_type                      ? 
_entity_src_gen.pdbx_beg_seq_num                   ? 
_entity_src_gen.pdbx_end_seq_num                   ? 
_entity_src_gen.gene_src_common_name               HUMAN 
_entity_src_gen.gene_src_genus                     ? 
_entity_src_gen.pdbx_gene_src_gene                 ? 
_entity_src_gen.gene_src_species                   ? 
_entity_src_gen.gene_src_strain                    ? 
_entity_src_gen.gene_src_tissue                    ? 
_entity_src_gen.gene_src_tissue_fraction           ? 
_entity_src_gen.gene_src_details                   ? 
_entity_src_gen.pdbx_gene_src_fragment             ? 
_entity_src_gen.pdbx_gene_src_scientific_name      'HOMO SAPIENS' 
_entity_src_gen.pdbx_gene_src_ncbi_taxonomy_id     9606 
_entity_src_gen.pdbx_gene_src_variant              ? 
_entity_src_gen.pdbx_gene_src_cell_line            ? 
_entity_src_gen.pdbx_gene_src_atcc                 ? 
_entity_src_gen.pdbx_gene_src_organ                ? 
_entity_src_gen.pdbx_gene_src_organelle            ? 
_entity_src_gen.pdbx_gene_src_cell                 NEUTROPHIL 
_entity_src_gen.pdbx_gene_src_cellular_location    ? 
_entity_src_gen.host_org_common_name               ? 
_entity_src_gen.pdbx_host_org_scientific_name      'ESCHERICHIA COLI' 
_entity_src_gen.pdbx_host_org_ncbi_taxonomy_id     469008 
_entity_src_gen.host_org_genus                     ? 
_entity_src_gen.pdbx_host_org_gene                 ? 
_entity_src_gen.pdbx_host_org_organ                ? 
_entity_src_gen.host_org_species                   ? 
_entity_src_gen.pdbx_host_org_tissue               ? 
_entity_src_gen.pdbx_host_org_tissue_fraction      ? 
_entity_src_gen.pdbx_host_org_strain               'BL21(DE3)' 
_entity_src_gen.pdbx_host_org_variant              ? 
_entity_src_gen.pdbx_host_org_cell_line            ? 
_entity_src_gen.pdbx_host_org_atcc                 ? 
_entity_src_gen.pdbx_host_org_culture_collection   ? 
_entity_src_gen.pdbx_host_org_cell                 ? 
_entity_src_gen.pdbx_host_org_organelle            ? 
_entity_src_gen.pdbx_host_org_cellular_location    ? 
_entity_src_gen.pdbx_host_org_vector_type          ? 
_entity_src_gen.pdbx_host_org_vector               ? 
_entity_src_gen.host_org_details                   ? 
_entity_src_gen.expression_system_id               ? 
_entity_src_gen.plasmid_name                       PIVEX2.4 
_entity_src_gen.plasmid_details                    ? 
_entity_src_gen.pdbx_description                   ? 
# 
_pdbx_entity_src_syn.entity_id              2 
_pdbx_entity_src_syn.pdbx_src_id            1 
_pdbx_entity_src_syn.pdbx_alt_source_flag   sample 
_pdbx_entity_src_syn.pdbx_beg_seq_num       ? 
_pdbx_entity_src_syn.pdbx_end_seq_num       ? 
_pdbx_entity_src_syn.organism_scientific    'HOMO SAPIENS' 
_pdbx_entity_src_syn.organism_common_name   HUMAN 
_pdbx_entity_src_syn.ncbi_taxonomy_id       9606 
_pdbx_entity_src_syn.details                ? 
# 
loop_
_chem_comp.id 
_chem_comp.type 
_chem_comp.mon_nstd_flag 
_chem_comp.name 
_chem_comp.pdbx_synonyms 
_chem_comp.formula 
_chem_comp.formula_weight 
ACE non-polymer         . 'ACETYL GROUP'         ? 'C2 H4 O'        44.053  
ALA 'L-peptide linking' y ALANINE                ? 'C3 H7 N O2'     89.093  
ARG 'L-peptide linking' y ARGININE               ? 'C6 H15 N4 O2 1' 175.209 
ASN 'L-peptide linking' y ASPARAGINE             ? 'C4 H8 N2 O3'    132.118 
ASP 'L-peptide linking' y 'ASPARTIC ACID'        ? 'C4 H7 N O4'     133.103 
GLN 'L-peptide linking' y GLUTAMINE              ? 'C5 H10 N2 O3'   146.144 
GLU 'L-peptide linking' y 'GLUTAMIC ACID'        ? 'C5 H9 N O4'     147.129 
GLY 'peptide linking'   y GLYCINE                ? 'C2 H5 N O2'     75.067  
HIS 'L-peptide linking' y HISTIDINE              ? 'C6 H10 N3 O2 1' 156.162 
HOH non-polymer         . WATER                  ? 'H2 O'           18.015  
ILE 'L-peptide linking' y ISOLEUCINE             ? 'C6 H13 N O2'    131.173 
LEU 'L-peptide linking' y LEUCINE                ? 'C6 H13 N O2'    131.173 
LYS 'L-peptide linking' y LYSINE                 ? 'C6 H15 N2 O2 1' 147.195 
MET 'L-peptide linking' y METHIONINE             ? 'C5 H11 N O2 S'  149.211 
PHE 'L-peptide linking' y PHENYLALANINE          ? 'C9 H11 N O2'    165.189 
PRO 'L-peptide linking' y PROLINE                ? 'C5 H9 N O2'     115.130 
SER 'L-peptide linking' y SERINE                 ? 'C3 H7 N O3'     105.093 
SO4 non-polymer         . 'SULFATE ION'          ? 'O4 S -2'        96.063  
TFA non-polymer         . 'trifluoroacetic acid' ? 'C2 H F3 O2'     114.023 
THR 'L-peptide linking' y THREONINE              ? 'C4 H9 N O3'     119.119 
TRP 'L-peptide linking' y TRYPTOPHAN             ? 'C11 H12 N2 O2'  204.225 
VAL 'L-peptide linking' y VALINE                 ? 'C5 H11 N O2'    117.146 
# 
loop_
_pdbx_poly_seq_scheme.asym_id 
_pdbx_poly_seq_scheme.entity_id 
_pdbx_poly_seq_scheme.seq_id 
_pdbx_poly_seq_scheme.mon_id 
_pdbx_poly_seq_scheme.ndb_seq_num 
_pdbx_poly_seq_scheme.pdb_seq_num 
_pdbx_poly_seq_scheme.auth_seq_num 
_pdbx_poly_seq_scheme.pdb_mon_id 
_pdbx_poly_seq_scheme.auth_mon_id 
_pdbx_poly_seq_scheme.pdb_strand_id 
_pdbx_poly_seq_scheme.pdb_ins_code 
_pdbx_poly_seq_scheme.hetero 
A 1 1  LEU 1  169 169 LEU LEU A . n 
A 1 2  ILE 2  170 170 ILE ILE A . n 
A 1 3  LYS 3  171 171 LYS LYS A . n 
A 1 4  HIS 4  172 172 HIS HIS A . n 
A 1 5  MET 5  173 173 MET MET A . n 
A 1 6  ARG 6  174 174 ARG ARG A . n 
A 1 7  ALA 7  175 175 ALA ALA A . n 
A 1 8  GLU 8  176 176 GLU GLU A . n 
A 1 9  ALA 9  177 177 ALA ALA A . n 
A 1 10 LEU 10 178 178 LEU LEU A . n 
A 1 11 PHE 11 179 179 PHE PHE A . n 
A 1 12 ASP 12 180 180 ASP ASP A . n 
A 1 13 PHE 13 181 181 PHE PHE A . n 
A 1 14 THR 14 182 182 THR THR A . n 
A 1 15 GLY 15 183 183 GLY GLY A . n 
A 1 16 ASN 16 184 184 ASN ASN A . n 
A 1 17 SER 17 185 185 SER SER A . n 
A 1 18 LYS 18 186 186 LYS LYS A . n 
A 1 19 LEU 19 187 187 LEU LEU A . n 
A 1 20 GLU 20 188 188 GLU GLU A . n 
A 1 21 LEU 21 189 189 LEU LEU A . n 
A 1 22 ASN 22 190 190 ASN ASN A . n 
A 1 23 PHE 23 191 191 PHE PHE A . n 
A 1 24 LYS 24 192 192 LYS LYS A . n 
A 1 25 ALA 25 193 193 ALA ALA A . n 
A 1 26 GLY 26 194 194 GLY GLY A . n 
A 1 27 ASP 27 195 195 ASP ASP A . n 
A 1 28 VAL 28 196 196 VAL VAL A . n 
A 1 29 ILE 29 197 197 ILE ILE A . n 
A 1 30 PHE 30 198 198 PHE PHE A . n 
A 1 31 LEU 31 199 199 LEU LEU A . n 
A 1 32 LEU 32 200 200 LEU LEU A . n 
A 1 33 SER 33 201 201 SER SER A . n 
A 1 34 ARG 34 202 202 ARG ARG A . n 
A 1 35 ILE 35 203 203 ILE ILE A . n 
A 1 36 ASN 36 204 204 ASN ASN A . n 
A 1 37 LYS 37 205 205 LYS LYS A . n 
A 1 38 ASP 38 206 206 ASP ASP A . n 
A 1 39 TRP 39 207 207 TRP TRP A . n 
A 1 40 LEU 40 208 208 LEU LEU A . n 
A 1 41 GLU 41 209 209 GLU GLU A . n 
A 1 42 GLY 42 210 210 GLY GLY A . n 
A 1 43 THR 43 211 211 THR THR A . n 
A 1 44 VAL 44 212 212 VAL VAL A . n 
A 1 45 ARG 45 213 213 ARG ARG A . n 
A 1 46 GLY 46 214 214 GLY GLY A . n 
A 1 47 ALA 47 215 215 ALA ALA A . n 
A 1 48 THR 48 216 216 THR THR A . n 
A 1 49 GLY 49 217 217 GLY GLY A . n 
A 1 50 ILE 50 218 218 ILE ILE A . n 
A 1 51 PHE 51 219 219 PHE PHE A . n 
A 1 52 PRO 52 220 220 PRO PRO A . n 
A 1 53 LEU 53 221 221 LEU LEU A . n 
A 1 54 SER 54 222 222 SER SER A . n 
A 1 55 PHE 55 223 223 PHE PHE A . n 
A 1 56 VAL 56 224 224 VAL VAL A . n 
A 1 57 LYS 57 225 225 LYS LYS A . n 
A 1 58 ILE 58 226 226 ILE ILE A . n 
A 1 59 LEU 59 227 227 LEU LEU A . n 
A 1 60 LYS 60 228 228 LYS LYS A . n 
B 1 1  LEU 1  169 169 LEU LEU B . n 
B 1 2  ILE 2  170 170 ILE ILE B . n 
B 1 3  LYS 3  171 171 LYS LYS B . n 
B 1 4  HIS 4  172 172 HIS HIS B . n 
B 1 5  MET 5  173 173 MET MET B . n 
B 1 6  ARG 6  174 174 ARG ARG B . n 
B 1 7  ALA 7  175 175 ALA ALA B . n 
B 1 8  GLU 8  176 176 GLU GLU B . n 
B 1 9  ALA 9  177 177 ALA ALA B . n 
B 1 10 LEU 10 178 178 LEU LEU B . n 
B 1 11 PHE 11 179 179 PHE PHE B . n 
B 1 12 ASP 12 180 180 ASP ASP B . n 
B 1 13 PHE 13 181 181 PHE PHE B . n 
B 1 14 THR 14 182 182 THR THR B . n 
B 1 15 GLY 15 183 183 GLY GLY B . n 
B 1 16 ASN 16 184 184 ASN ASN B . n 
B 1 17 SER 17 185 185 SER SER B . n 
B 1 18 LYS 18 186 186 LYS LYS B . n 
B 1 19 LEU 19 187 187 LEU LEU B . n 
B 1 20 GLU 20 188 188 GLU GLU B . n 
B 1 21 LEU 21 189 189 LEU LEU B . n 
B 1 22 ASN 22 190 190 ASN ASN B . n 
B 1 23 PHE 23 191 191 PHE PHE B . n 
B 1 24 LYS 24 192 192 LYS LYS B . n 
B 1 25 ALA 25 193 193 ALA ALA B . n 
B 1 26 GLY 26 194 194 GLY GLY B . n 
B 1 27 ASP 27 195 195 ASP ASP B . n 
B 1 28 VAL 28 196 196 VAL VAL B . n 
B 1 29 ILE 29 197 197 ILE ILE B . n 
B 1 30 PHE 30 198 198 PHE PHE B . n 
B 1 31 LEU 31 199 199 LEU LEU B . n 
B 1 32 LEU 32 200 200 LEU LEU B . n 
B 1 33 SER 33 201 201 SER SER B . n 
B 1 34 ARG 34 202 202 ARG ARG B . n 
B 1 35 ILE 35 203 203 ILE ILE B . n 
B 1 36 ASN 36 204 204 ASN ASN B . n 
B 1 37 LYS 37 205 205 LYS LYS B . n 
B 1 38 ASP 38 206 206 ASP ASP B . n 
B 1 39 TRP 39 207 207 TRP TRP B . n 
B 1 40 LEU 40 208 208 LEU LEU B . n 
B 1 41 GLU 41 209 209 GLU GLU B . n 
B 1 42 GLY 42 210 210 GLY GLY B . n 
B 1 43 THR 43 211 211 THR THR B . n 
B 1 44 VAL 44 212 212 VAL VAL B . n 
B 1 45 ARG 45 213 213 ARG ARG B . n 
B 1 46 GLY 46 214 214 GLY GLY B . n 
B 1 47 ALA 47 215 215 ALA ALA B . n 
B 1 48 THR 48 216 216 THR THR B . n 
B 1 49 GLY 49 217 217 GLY GLY B . n 
B 1 50 ILE 50 218 218 ILE ILE B . n 
B 1 51 PHE 51 219 219 PHE PHE B . n 
B 1 52 PRO 52 220 220 PRO PRO B . n 
B 1 53 LEU 53 221 221 LEU LEU B . n 
B 1 54 SER 54 222 222 SER SER B . n 
B 1 55 PHE 55 223 223 PHE PHE B . n 
B 1 56 VAL 56 224 224 VAL VAL B . n 
B 1 57 LYS 57 225 225 LYS LYS B . n 
B 1 58 ILE 58 226 226 ILE ILE B . n 
B 1 59 LEU 59 227 227 LEU LEU B . n 
B 1 60 LYS 60 228 228 LYS LYS B . n 
C 2 1  ACE 1  359 359 ACE ACE C . n 
C 2 2  LYS 2  360 360 LYS LYS C . n 
C 2 3  PRO 3  361 361 PRO PRO C . n 
C 2 4  GLN 4  362 362 GLN GLN C . n 
C 2 5  PRO 5  363 363 PRO PRO C . n 
C 2 6  ALA 6  364 364 ALA ALA C . n 
C 2 7  VAL 7  365 365 VAL VAL C . n 
C 2 8  PRO 8  366 366 PRO PRO C . n 
C 2 9  PRO 9  367 367 PRO PRO C . n 
C 2 10 ARG 10 368 368 ARG ARG C . n 
C 2 11 PRO 11 369 369 PRO PRO C . n 
C 2 12 SER 12 370 370 SER SER C . n 
C 2 13 ALA 13 371 371 ALA ALA C . n 
C 2 14 ASP 14 372 372 ASP ASP C . n 
D 2 1  ACE 1  359 359 ACE ACE D . n 
D 2 2  LYS 2  360 360 LYS LYS D . n 
D 2 3  PRO 3  361 361 PRO PRO D . n 
D 2 4  GLN 4  362 362 GLN GLN D . n 
D 2 5  PRO 5  363 363 PRO PRO D . n 
D 2 6  ALA 6  364 364 ALA ALA D . n 
D 2 7  VAL 7  365 365 VAL VAL D . n 
D 2 8  PRO 8  366 366 PRO PRO D . n 
D 2 9  PRO 9  367 367 PRO PRO D . n 
D 2 10 ARG 10 368 368 ARG ARG D . n 
D 2 11 PRO 11 369 369 PRO PRO D . n 
D 2 12 SER 12 370 370 SER SER D . n 
D 2 13 ALA 13 371 ?   ?   ?   D . n 
D 2 14 ASP 14 372 ?   ?   ?   D . n 
# 
loop_
_pdbx_nonpoly_scheme.asym_id 
_pdbx_nonpoly_scheme.entity_id 
_pdbx_nonpoly_scheme.mon_id 
_pdbx_nonpoly_scheme.ndb_seq_num 
_pdbx_nonpoly_scheme.pdb_seq_num 
_pdbx_nonpoly_scheme.auth_seq_num 
_pdbx_nonpoly_scheme.pdb_mon_id 
_pdbx_nonpoly_scheme.auth_mon_id 
_pdbx_nonpoly_scheme.pdb_strand_id 
_pdbx_nonpoly_scheme.pdb_ins_code 
E 3 SO4 1  1229 1229 SO4 SO4 A . 
F 3 SO4 1  1229 1229 SO4 SO4 B . 
G 3 SO4 1  1230 1230 SO4 SO4 B . 
H 3 SO4 1  1231 1231 SO4 SO4 B . 
I 4 TFA 1  1232 1232 TFA TFA B . 
J 4 TFA 1  1233 1233 TFA TFA B . 
K 5 HOH 1  2001 2001 HOH HOH A . 
K 5 HOH 2  2002 2002 HOH HOH A . 
K 5 HOH 3  2003 2003 HOH HOH A . 
K 5 HOH 4  2004 2004 HOH HOH A . 
K 5 HOH 5  2005 2005 HOH HOH A . 
K 5 HOH 6  2006 2006 HOH HOH A . 
K 5 HOH 7  2007 2007 HOH HOH A . 
K 5 HOH 8  2008 2008 HOH HOH A . 
K 5 HOH 9  2009 2009 HOH HOH A . 
K 5 HOH 10 2010 2010 HOH HOH A . 
K 5 HOH 11 2011 2011 HOH HOH A . 
K 5 HOH 12 2012 2012 HOH HOH A . 
K 5 HOH 13 2013 2013 HOH HOH A . 
K 5 HOH 14 2014 2014 HOH HOH A . 
K 5 HOH 15 2015 2015 HOH HOH A . 
K 5 HOH 16 2016 2016 HOH HOH A . 
K 5 HOH 17 2017 2017 HOH HOH A . 
K 5 HOH 18 2018 2018 HOH HOH A . 
K 5 HOH 19 2019 2019 HOH HOH A . 
K 5 HOH 20 2020 2020 HOH HOH A . 
K 5 HOH 21 2021 2021 HOH HOH A . 
K 5 HOH 22 2022 2022 HOH HOH A . 
K 5 HOH 23 2023 2023 HOH HOH A . 
K 5 HOH 24 2024 2024 HOH HOH A . 
K 5 HOH 25 2025 2025 HOH HOH A . 
K 5 HOH 26 2026 2026 HOH HOH A . 
K 5 HOH 27 2027 2027 HOH HOH A . 
K 5 HOH 28 2028 2028 HOH HOH A . 
K 5 HOH 29 2029 2029 HOH HOH A . 
K 5 HOH 30 2030 2030 HOH HOH A . 
K 5 HOH 31 2031 2031 HOH HOH A . 
K 5 HOH 32 2032 2032 HOH HOH A . 
K 5 HOH 33 2033 2033 HOH HOH A . 
K 5 HOH 34 2034 2034 HOH HOH A . 
K 5 HOH 35 2035 2035 HOH HOH A . 
K 5 HOH 36 2036 2036 HOH HOH A . 
K 5 HOH 37 2037 2037 HOH HOH A . 
K 5 HOH 38 2038 2038 HOH HOH A . 
K 5 HOH 39 2039 2039 HOH HOH A . 
K 5 HOH 40 2040 2040 HOH HOH A . 
K 5 HOH 41 2041 2041 HOH HOH A . 
K 5 HOH 42 2042 2042 HOH HOH A . 
K 5 HOH 43 2043 2043 HOH HOH A . 
K 5 HOH 44 2044 2044 HOH HOH A . 
K 5 HOH 45 2045 2045 HOH HOH A . 
K 5 HOH 46 2046 2046 HOH HOH A . 
K 5 HOH 47 2047 2047 HOH HOH A . 
K 5 HOH 48 2048 2048 HOH HOH A . 
K 5 HOH 49 2049 2049 HOH HOH A . 
K 5 HOH 50 2050 2050 HOH HOH A . 
K 5 HOH 51 2051 2051 HOH HOH A . 
K 5 HOH 52 2052 2052 HOH HOH A . 
K 5 HOH 53 2053 2053 HOH HOH A . 
K 5 HOH 54 2054 2054 HOH HOH A . 
K 5 HOH 55 2055 2055 HOH HOH A . 
K 5 HOH 56 2056 2056 HOH HOH A . 
K 5 HOH 57 2057 2057 HOH HOH A . 
K 5 HOH 58 2058 2058 HOH HOH A . 
K 5 HOH 59 2059 2059 HOH HOH A . 
K 5 HOH 60 2060 2060 HOH HOH A . 
K 5 HOH 61 2061 2061 HOH HOH A . 
K 5 HOH 62 2062 2062 HOH HOH A . 
K 5 HOH 63 2063 2063 HOH HOH A . 
K 5 HOH 64 2064 2064 HOH HOH A . 
K 5 HOH 65 2065 2065 HOH HOH A . 
K 5 HOH 66 2066 2066 HOH HOH A . 
K 5 HOH 67 2067 2067 HOH HOH A . 
K 5 HOH 68 2068 2068 HOH HOH A . 
K 5 HOH 69 2069 2069 HOH HOH A . 
K 5 HOH 70 2070 2070 HOH HOH A . 
K 5 HOH 71 2071 2071 HOH HOH A . 
K 5 HOH 72 2072 2072 HOH HOH A . 
K 5 HOH 73 2073 2073 HOH HOH A . 
K 5 HOH 74 2074 2074 HOH HOH A . 
K 5 HOH 75 2075 2075 HOH HOH A . 
K 5 HOH 76 2076 2076 HOH HOH A . 
K 5 HOH 77 2077 2077 HOH HOH A . 
K 5 HOH 78 2078 2078 HOH HOH A . 
K 5 HOH 79 2079 2079 HOH HOH A . 
K 5 HOH 80 2080 2080 HOH HOH A . 
K 5 HOH 81 2081 2081 HOH HOH A . 
K 5 HOH 82 2082 2082 HOH HOH A . 
K 5 HOH 83 2083 2083 HOH HOH A . 
K 5 HOH 84 2084 2084 HOH HOH A . 
K 5 HOH 85 2085 2085 HOH HOH A . 
K 5 HOH 86 2086 2086 HOH HOH A . 
L 5 HOH 1  2001 2001 HOH HOH B . 
L 5 HOH 2  2002 2002 HOH HOH B . 
L 5 HOH 3  2003 2003 HOH HOH B . 
L 5 HOH 4  2004 2004 HOH HOH B . 
L 5 HOH 5  2005 2005 HOH HOH B . 
L 5 HOH 6  2006 2006 HOH HOH B . 
L 5 HOH 7  2007 2007 HOH HOH B . 
L 5 HOH 8  2008 2008 HOH HOH B . 
L 5 HOH 9  2009 2009 HOH HOH B . 
L 5 HOH 10 2010 2010 HOH HOH B . 
L 5 HOH 11 2011 2011 HOH HOH B . 
L 5 HOH 12 2012 2012 HOH HOH B . 
L 5 HOH 13 2013 2013 HOH HOH B . 
L 5 HOH 14 2014 2014 HOH HOH B . 
L 5 HOH 15 2015 2015 HOH HOH B . 
L 5 HOH 16 2016 2016 HOH HOH B . 
L 5 HOH 17 2017 2017 HOH HOH B . 
L 5 HOH 18 2018 2018 HOH HOH B . 
L 5 HOH 19 2019 2019 HOH HOH B . 
L 5 HOH 20 2020 2020 HOH HOH B . 
L 5 HOH 21 2021 2021 HOH HOH B . 
L 5 HOH 22 2022 2022 HOH HOH B . 
L 5 HOH 23 2023 2023 HOH HOH B . 
L 5 HOH 24 2024 2024 HOH HOH B . 
L 5 HOH 25 2025 2025 HOH HOH B . 
L 5 HOH 26 2026 2026 HOH HOH B . 
L 5 HOH 27 2027 2027 HOH HOH B . 
L 5 HOH 28 2028 2028 HOH HOH B . 
L 5 HOH 29 2029 2029 HOH HOH B . 
L 5 HOH 30 2030 2030 HOH HOH B . 
L 5 HOH 31 2031 2031 HOH HOH B . 
L 5 HOH 32 2032 2032 HOH HOH B . 
L 5 HOH 33 2033 2033 HOH HOH B . 
L 5 HOH 34 2034 2034 HOH HOH B . 
L 5 HOH 35 2035 2035 HOH HOH B . 
L 5 HOH 36 2036 2036 HOH HOH B . 
L 5 HOH 37 2037 2037 HOH HOH B . 
L 5 HOH 38 2038 2038 HOH HOH B . 
L 5 HOH 39 2039 2039 HOH HOH B . 
L 5 HOH 40 2040 2040 HOH HOH B . 
L 5 HOH 41 2041 2041 HOH HOH B . 
L 5 HOH 42 2042 2042 HOH HOH B . 
L 5 HOH 43 2043 2043 HOH HOH B . 
L 5 HOH 44 2044 2044 HOH HOH B . 
L 5 HOH 45 2045 2045 HOH HOH B . 
L 5 HOH 46 2046 2046 HOH HOH B . 
L 5 HOH 47 2047 2047 HOH HOH B . 
L 5 HOH 48 2048 2048 HOH HOH B . 
L 5 HOH 49 2049 2049 HOH HOH B . 
L 5 HOH 50 2050 2050 HOH HOH B . 
L 5 HOH 51 2051 2051 HOH HOH B . 
L 5 HOH 52 2052 2052 HOH HOH B . 
L 5 HOH 53 2053 2053 HOH HOH B . 
L 5 HOH 54 2054 2054 HOH HOH B . 
L 5 HOH 55 2055 2055 HOH HOH B . 
L 5 HOH 56 2056 2056 HOH HOH B . 
L 5 HOH 57 2057 2057 HOH HOH B . 
L 5 HOH 58 2058 2058 HOH HOH B . 
L 5 HOH 59 2059 2059 HOH HOH B . 
L 5 HOH 60 2060 2060 HOH HOH B . 
L 5 HOH 61 2061 2061 HOH HOH B . 
L 5 HOH 62 2062 2062 HOH HOH B . 
L 5 HOH 63 2063 2063 HOH HOH B . 
L 5 HOH 64 2064 2064 HOH HOH B . 
L 5 HOH 65 2065 2065 HOH HOH B . 
L 5 HOH 66 2066 2066 HOH HOH B . 
L 5 HOH 67 2067 2067 HOH HOH B . 
L 5 HOH 68 2068 2068 HOH HOH B . 
L 5 HOH 69 2069 2069 HOH HOH B . 
L 5 HOH 70 2070 2070 HOH HOH B . 
L 5 HOH 71 2071 2071 HOH HOH B . 
L 5 HOH 72 2072 2072 HOH HOH B . 
L 5 HOH 73 2073 2073 HOH HOH B . 
L 5 HOH 74 2074 2074 HOH HOH B . 
L 5 HOH 75 2075 2075 HOH HOH B . 
L 5 HOH 76 2076 2076 HOH HOH B . 
L 5 HOH 77 2077 2077 HOH HOH B . 
L 5 HOH 78 2078 2078 HOH HOH B . 
L 5 HOH 79 2079 2079 HOH HOH B . 
L 5 HOH 80 2080 2080 HOH HOH B . 
L 5 HOH 81 2081 2081 HOH HOH B . 
L 5 HOH 82 2082 2082 HOH HOH B . 
L 5 HOH 83 2083 2083 HOH HOH B . 
L 5 HOH 84 2084 2084 HOH HOH B . 
L 5 HOH 85 2085 2085 HOH HOH B . 
L 5 HOH 86 2086 2086 HOH HOH B . 
L 5 HOH 87 2087 2087 HOH HOH B . 
L 5 HOH 88 2088 2088 HOH HOH B . 
L 5 HOH 89 2089 2089 HOH HOH B . 
L 5 HOH 90 2090 2090 HOH HOH B . 
M 5 HOH 1  2001 2001 HOH HOH C . 
M 5 HOH 2  2002 2002 HOH HOH C . 
M 5 HOH 3  2003 2003 HOH HOH C . 
M 5 HOH 4  2004 2004 HOH HOH C . 
M 5 HOH 5  2005 2005 HOH HOH C . 
M 5 HOH 6  2006 2006 HOH HOH C . 
M 5 HOH 7  2007 2007 HOH HOH C . 
M 5 HOH 8  2008 2008 HOH HOH C . 
M 5 HOH 9  2009 2009 HOH HOH C . 
M 5 HOH 10 2010 2010 HOH HOH C . 
M 5 HOH 11 2011 2011 HOH HOH C . 
M 5 HOH 12 2012 2012 HOH HOH C . 
M 5 HOH 13 2013 2013 HOH HOH C . 
M 5 HOH 14 2014 2014 HOH HOH C . 
M 5 HOH 15 2015 2015 HOH HOH C . 
M 5 HOH 16 2016 2016 HOH HOH C . 
M 5 HOH 17 2017 2017 HOH HOH C . 
M 5 HOH 18 2018 2018 HOH HOH C . 
M 5 HOH 19 2019 2019 HOH HOH C . 
M 5 HOH 20 2020 2020 HOH HOH C . 
M 5 HOH 21 2021 2021 HOH HOH C . 
M 5 HOH 22 2022 2022 HOH HOH C . 
M 5 HOH 23 2023 2023 HOH HOH C . 
M 5 HOH 24 2024 2024 HOH HOH C . 
M 5 HOH 25 2025 2025 HOH HOH C . 
M 5 HOH 26 2026 2026 HOH HOH C . 
M 5 HOH 27 2027 2027 HOH HOH C . 
M 5 HOH 28 2028 2028 HOH HOH C . 
M 5 HOH 29 2029 2029 HOH HOH C . 
M 5 HOH 30 2030 2030 HOH HOH C . 
M 5 HOH 31 2031 2031 HOH HOH C . 
N 5 HOH 1  2001 2001 HOH HOH D . 
N 5 HOH 2  2002 2002 HOH HOH D . 
N 5 HOH 3  2003 2003 HOH HOH D . 
N 5 HOH 4  2004 2004 HOH HOH D . 
N 5 HOH 5  2005 2005 HOH HOH D . 
N 5 HOH 6  2006 2006 HOH HOH D . 
N 5 HOH 7  2007 2007 HOH HOH D . 
N 5 HOH 8  2008 2008 HOH HOH D . 
N 5 HOH 9  2009 2009 HOH HOH D . 
N 5 HOH 10 2010 2010 HOH HOH D . 
N 5 HOH 11 2011 2011 HOH HOH D . 
N 5 HOH 12 2012 2012 HOH HOH D . 
N 5 HOH 13 2013 2013 HOH HOH D . 
N 5 HOH 14 2014 2014 HOH HOH D . 
N 5 HOH 15 2015 2015 HOH HOH D . 
N 5 HOH 16 2016 2016 HOH HOH D . 
N 5 HOH 17 2017 2017 HOH HOH D . 
N 5 HOH 18 2018 2018 HOH HOH D . 
N 5 HOH 19 2019 2019 HOH HOH D . 
N 5 HOH 20 2020 2020 HOH HOH D . 
# 
loop_
_pdbx_unobs_or_zero_occ_atoms.id 
_pdbx_unobs_or_zero_occ_atoms.PDB_model_num 
_pdbx_unobs_or_zero_occ_atoms.polymer_flag 
_pdbx_unobs_or_zero_occ_atoms.occupancy_flag 
_pdbx_unobs_or_zero_occ_atoms.auth_asym_id 
_pdbx_unobs_or_zero_occ_atoms.auth_comp_id 
_pdbx_unobs_or_zero_occ_atoms.auth_seq_id 
_pdbx_unobs_or_zero_occ_atoms.PDB_ins_code 
_pdbx_unobs_or_zero_occ_atoms.auth_atom_id 
_pdbx_unobs_or_zero_occ_atoms.label_alt_id 
_pdbx_unobs_or_zero_occ_atoms.label_asym_id 
_pdbx_unobs_or_zero_occ_atoms.label_comp_id 
_pdbx_unobs_or_zero_occ_atoms.label_seq_id 
_pdbx_unobs_or_zero_occ_atoms.label_atom_id 
1 1 Y 1 D LYS 360 ? CG ? D LYS 2  CG 
2 1 Y 1 D LYS 360 ? CD ? D LYS 2  CD 
3 1 Y 1 D LYS 360 ? CE ? D LYS 2  CE 
4 1 Y 1 D LYS 360 ? NZ ? D LYS 2  NZ 
5 1 Y 1 D SER 370 ? CA ? D SER 12 CA 
6 1 Y 1 D SER 370 ? C  ? D SER 12 C  
7 1 Y 1 D SER 370 ? O  ? D SER 12 O  
8 1 Y 1 D SER 370 ? CB ? D SER 12 CB 
9 1 Y 1 D SER 370 ? OG ? D SER 12 OG 
# 
loop_
_software.name 
_software.classification 
_software.version 
_software.citation_id 
_software.pdbx_ordinal 
CNS   refinement       1.0 ? 1 
DENZO 'data reduction' .   ? 2 
CCP4  'data scaling'   .   ? 3 
AMoRE phasing          .   ? 4 
# 
_cell.entry_id           1W70 
_cell.length_a           39.640 
_cell.length_b           50.490 
_cell.length_c           68.180 
_cell.angle_alpha        90.00 
_cell.angle_beta         90.00 
_cell.angle_gamma        90.00 
_cell.Z_PDB              8 
_cell.pdbx_unique_axis   ? 
# 
_symmetry.entry_id                         1W70 
_symmetry.space_group_name_H-M             'P 21 21 21' 
_symmetry.pdbx_full_space_group_name_H-M   ? 
_symmetry.cell_setting                     ? 
_symmetry.Int_Tables_number                19 
# 
_exptl.entry_id          1W70 
_exptl.method            'X-RAY DIFFRACTION' 
_exptl.crystals_number   1 
# 
_exptl_crystal.id                    1 
_exptl_crystal.density_meas          ? 
_exptl_crystal.density_Matthews      2.09 
_exptl_crystal.density_percent_sol   41.02 
_exptl_crystal.description           ? 
# 
_exptl_crystal_grow.crystal_id      1 
_exptl_crystal_grow.method          'VAPOR DIFFUSION' 
_exptl_crystal_grow.temp            293 
_exptl_crystal_grow.temp_details    ? 
_exptl_crystal_grow.pH              ? 
_exptl_crystal_grow.pdbx_pH_range   ? 
_exptl_crystal_grow.pdbx_details    
;VAPOR DIFFUSION AT 20 DEGRE C AT 14MG/ML OF P40PHOX SH3 WITH A1/5 RATIO WITH POLYPROLINE PEPTIDE, 20 MM HEPES PH 7.5, 150 MM NACL MIXED WITH 100 MM NA-CITRATE/CITRIC ACID PH5, 2.4 M SA
;
# 
_diffrn.id                     1 
_diffrn.ambient_temp           100.0 
_diffrn.ambient_temp_details   ? 
_diffrn.crystal_id             1 
# 
_diffrn_detector.diffrn_id              1 
_diffrn_detector.detector               CCD 
_diffrn_detector.type                   'ADSC CCD' 
_diffrn_detector.pdbx_collection_date   ? 
_diffrn_detector.details                ? 
# 
_diffrn_radiation.diffrn_id                        1 
_diffrn_radiation.wavelength_id                    1 
_diffrn_radiation.pdbx_monochromatic_or_laue_m_l   M 
_diffrn_radiation.monochromator                    ? 
_diffrn_radiation.pdbx_diffrn_protocol             'SINGLE WAVELENGTH' 
_diffrn_radiation.pdbx_scattering_type             x-ray 
# 
_diffrn_radiation_wavelength.id           1 
_diffrn_radiation_wavelength.wavelength   0.9798 
_diffrn_radiation_wavelength.wt           1.0 
# 
_diffrn_source.diffrn_id                   1 
_diffrn_source.source                      SYNCHROTRON 
_diffrn_source.type                        'ESRF BEAMLINE BM30A' 
_diffrn_source.pdbx_synchrotron_site       ESRF 
_diffrn_source.pdbx_synchrotron_beamline   BM30A 
_diffrn_source.pdbx_wavelength             0.9798 
_diffrn_source.pdbx_wavelength_list        ? 
# 
_reflns.pdbx_diffrn_id               1 
_reflns.pdbx_ordinal                 1 
_reflns.entry_id                     1W70 
_reflns.observed_criterion_sigma_I   0.000 
_reflns.observed_criterion_sigma_F   ? 
_reflns.d_resolution_low             23.700 
_reflns.d_resolution_high            1.460 
_reflns.number_obs                   23121 
_reflns.number_all                   ? 
_reflns.percent_possible_obs         94.3 
_reflns.pdbx_Rmerge_I_obs            0.03000 
_reflns.pdbx_Rsym_value              ? 
_reflns.pdbx_netI_over_sigmaI        13.0000 
_reflns.B_iso_Wilson_estimate        ? 
_reflns.pdbx_redundancy              5.000 
# 
_reflns_shell.pdbx_diffrn_id         1 
_reflns_shell.pdbx_ordinal           1 
_reflns_shell.d_res_high             1.46 
_reflns_shell.d_res_low              1.54 
_reflns_shell.percent_possible_all   83.7 
_reflns_shell.Rmerge_I_obs           0.20000 
_reflns_shell.pdbx_Rsym_value        ? 
_reflns_shell.meanI_over_sigI_obs    3.100 
_reflns_shell.pdbx_redundancy        4.00 
# 
_refine.pdbx_refine_id                           'X-RAY DIFFRACTION' 
_refine.entry_id                                 1W70 
_refine.pdbx_diffrn_id                           1 
_refine.pdbx_TLS_residual_ADP_flag               ? 
_refine.ls_number_reflns_obs                     23121 
_refine.ls_number_reflns_all                     ? 
_refine.pdbx_ls_sigma_I                          ? 
_refine.pdbx_ls_sigma_F                          0.0 
_refine.pdbx_data_cutoff_high_absF               10000 
_refine.pdbx_data_cutoff_low_absF                ? 
_refine.pdbx_data_cutoff_high_rms_absF           ? 
_refine.ls_d_res_low                             23.7 
_refine.ls_d_res_high                            1.46 
_refine.ls_percent_reflns_obs                    94.7 
_refine.ls_R_factor_obs                          0.1811 
_refine.ls_R_factor_all                          ? 
_refine.ls_R_factor_R_work                       0.1811 
_refine.ls_R_factor_R_free                       0.2073 
_refine.ls_R_factor_R_free_error                 ? 
_refine.ls_R_factor_R_free_error_details         ? 
_refine.ls_percent_reflns_R_free                 4.8 
_refine.ls_number_reflns_R_free                  1168 
_refine.ls_number_parameters                     ? 
_refine.ls_number_restraints                     ? 
_refine.occupancy_min                            ? 
_refine.occupancy_max                            ? 
_refine.correlation_coeff_Fo_to_Fc               ? 
_refine.correlation_coeff_Fo_to_Fc_free          ? 
_refine.B_iso_mean                               16.91 
_refine.aniso_B[1][1]                            1.939 
_refine.aniso_B[2][2]                            1.290 
_refine.aniso_B[3][3]                            -3.229 
_refine.aniso_B[1][2]                            0.000 
_refine.aniso_B[1][3]                            0.000 
_refine.aniso_B[2][3]                            0.000 
_refine.solvent_model_details                    'FLAT MODEL' 
_refine.solvent_model_param_ksol                 0.541566 
_refine.solvent_model_param_bsol                 76.2164 
_refine.pdbx_solvent_vdw_probe_radii             ? 
_refine.pdbx_solvent_ion_probe_radii             ? 
_refine.pdbx_solvent_shrinkage_radii             ? 
_refine.pdbx_ls_cross_valid_method               THROUGHOUT 
_refine.details                                  ? 
_refine.pdbx_starting_model                      'PDB ENTRY 1W6X' 
_refine.pdbx_method_to_determine_struct          'MOLECULAR REPLACEMENT' 
_refine.pdbx_isotropic_thermal_model             ? 
_refine.pdbx_stereochemistry_target_values       'MAXIMUM LIKELIHOOD' 
_refine.pdbx_stereochem_target_val_spec_case     ? 
_refine.pdbx_R_Free_selection_details            RANDOM 
_refine.pdbx_overall_ESU_R                       ? 
_refine.pdbx_overall_ESU_R_Free                  ? 
_refine.overall_SU_ML                            ? 
_refine.pdbx_overall_phase_error                 ? 
_refine.overall_SU_B                             ? 
_refine.overall_SU_R_Cruickshank_DPI             ? 
_refine.pdbx_overall_SU_R_free_Cruickshank_DPI   ? 
_refine.pdbx_overall_SU_R_Blow_DPI               ? 
_refine.pdbx_overall_SU_R_free_Blow_DPI          ? 
# 
_refine_analyze.pdbx_refine_id                  'X-RAY DIFFRACTION' 
_refine_analyze.entry_id                        1W70 
_refine_analyze.Luzzati_coordinate_error_obs    0.15 
_refine_analyze.Luzzati_sigma_a_obs             0.08 
_refine_analyze.Luzzati_d_res_low_obs           5 
_refine_analyze.Luzzati_coordinate_error_free   0.17 
_refine_analyze.Luzzati_sigma_a_free            0.09 
_refine_analyze.Luzzati_d_res_low_free          ? 
_refine_analyze.number_disordered_residues      ? 
_refine_analyze.occupancy_sum_hydrogen          ? 
_refine_analyze.occupancy_sum_non_hydrogen      ? 
# 
_refine_hist.pdbx_refine_id                   'X-RAY DIFFRACTION' 
_refine_hist.cycle_id                         LAST 
_refine_hist.pdbx_number_atoms_protein        1135 
_refine_hist.pdbx_number_atoms_nucleic_acid   0 
_refine_hist.pdbx_number_atoms_ligand         34 
_refine_hist.number_atoms_solvent             227 
_refine_hist.number_atoms_total               1396 
_refine_hist.d_res_high                       1.46 
_refine_hist.d_res_low                        23.7 
# 
loop_
_refine_ls_restr.type 
_refine_ls_restr.dev_ideal 
_refine_ls_restr.dev_ideal_target 
_refine_ls_restr.weight 
_refine_ls_restr.number 
_refine_ls_restr.pdbx_refine_id 
_refine_ls_restr.pdbx_restraint_function 
c_bond_d                0.008391 ? ? ? 'X-RAY DIFFRACTION' ? 
c_bond_d_na             ?        ? ? ? 'X-RAY DIFFRACTION' ? 
c_bond_d_prot           ?        ? ? ? 'X-RAY DIFFRACTION' ? 
c_angle_d               ?        ? ? ? 'X-RAY DIFFRACTION' ? 
c_angle_d_na            ?        ? ? ? 'X-RAY DIFFRACTION' ? 
c_angle_d_prot          ?        ? ? ? 'X-RAY DIFFRACTION' ? 
c_angle_deg             1.49521  ? ? ? 'X-RAY DIFFRACTION' ? 
c_angle_deg_na          ?        ? ? ? 'X-RAY DIFFRACTION' ? 
c_angle_deg_prot        ?        ? ? ? 'X-RAY DIFFRACTION' ? 
c_dihedral_angle_d      25.50055 ? ? ? 'X-RAY DIFFRACTION' ? 
c_dihedral_angle_d_na   ?        ? ? ? 'X-RAY DIFFRACTION' ? 
c_dihedral_angle_d_prot ?        ? ? ? 'X-RAY DIFFRACTION' ? 
c_improper_angle_d      1.05772  ? ? ? 'X-RAY DIFFRACTION' ? 
c_improper_angle_d_na   ?        ? ? ? 'X-RAY DIFFRACTION' ? 
c_improper_angle_d_prot ?        ? ? ? 'X-RAY DIFFRACTION' ? 
c_mcbond_it             ?        ? ? ? 'X-RAY DIFFRACTION' ? 
c_mcangle_it            ?        ? ? ? 'X-RAY DIFFRACTION' ? 
c_scbond_it             ?        ? ? ? 'X-RAY DIFFRACTION' ? 
c_scangle_it            ?        ? ? ? 'X-RAY DIFFRACTION' ? 
# 
_refine_ls_shell.pdbx_refine_id                   'X-RAY DIFFRACTION' 
_refine_ls_shell.pdbx_total_number_of_bins_used   10 
_refine_ls_shell.d_res_high                       1.46 
_refine_ls_shell.d_res_low                        1.51 
_refine_ls_shell.number_reflns_R_work             1820 
_refine_ls_shell.R_factor_R_work                  0.2308 
_refine_ls_shell.percent_reflns_obs               79.47 
_refine_ls_shell.R_factor_R_free                  0.2602 
_refine_ls_shell.R_factor_R_free_error            ? 
_refine_ls_shell.percent_reflns_R_free            4.51 
_refine_ls_shell.number_reflns_R_free             108 
_refine_ls_shell.number_reflns_all                ? 
_refine_ls_shell.R_factor_all                     ? 
# 
loop_
_pdbx_xplor_file.pdbx_refine_id 
_pdbx_xplor_file.serial_no 
_pdbx_xplor_file.param_file 
_pdbx_xplor_file.topol_file 
'X-RAY DIFFRACTION' 1 PROTEIN_REP.PARAM ? 
'X-RAY DIFFRACTION' 2 WATER_REP.PARAM   ? 
'X-RAY DIFFRACTION' 3 ION.PARAM         ? 
'X-RAY DIFFRACTION' 4 SULF.PARAM        ? 
'X-RAY DIFFRACTION' 5 TFA.PARAM         ? 
# 
_struct.entry_id                  1W70 
_struct.title                     'SH3 domain of p40phox complexed with C-terminal polyProline region of p47phox' 
_struct.pdbx_model_details        ? 
_struct.pdbx_CASP_flag            ? 
_struct.pdbx_model_type_details   ? 
# 
_struct_keywords.entry_id        1W70 
_struct_keywords.pdbx_keywords   'SH3 DOMAIN' 
_struct_keywords.text            'NADPH OXIDASE, P40PHOX, P47PHOX, SH3 DOMAIN, POLYPROLINE' 
# 
loop_
_struct_asym.id 
_struct_asym.pdbx_blank_PDB_chainid_flag 
_struct_asym.pdbx_modified 
_struct_asym.entity_id 
_struct_asym.details 
A N N 1 ? 
B N N 1 ? 
C N N 2 ? 
D N N 2 ? 
E N N 3 ? 
F N N 3 ? 
G N N 3 ? 
H N N 3 ? 
I N N 4 ? 
J N N 4 ? 
K N N 5 ? 
L N N 5 ? 
M N N 5 ? 
N N N 5 ? 
# 
loop_
_struct_ref.id 
_struct_ref.db_name 
_struct_ref.db_code 
_struct_ref.entity_id 
_struct_ref.pdbx_seq_one_letter_code 
_struct_ref.pdbx_align_begin 
_struct_ref.pdbx_db_accession 
_struct_ref.pdbx_db_isoform 
1 PDB 1W70       1 ? ? 1W70   ? 
2 UNP NCF4_HUMAN 1 ? ? Q15080 ? 
3 PDB 1W70       2 ? ? 1W70   ? 
4 UNP NCF1_HUMAN 2 ? ? P14598 ? 
# 
loop_
_struct_ref_seq.align_id 
_struct_ref_seq.ref_id 
_struct_ref_seq.pdbx_PDB_id_code 
_struct_ref_seq.pdbx_strand_id 
_struct_ref_seq.seq_align_beg 
_struct_ref_seq.pdbx_seq_align_beg_ins_code 
_struct_ref_seq.seq_align_end 
_struct_ref_seq.pdbx_seq_align_end_ins_code 
_struct_ref_seq.pdbx_db_accession 
_struct_ref_seq.db_align_beg 
_struct_ref_seq.pdbx_db_align_beg_ins_code 
_struct_ref_seq.db_align_end 
_struct_ref_seq.pdbx_db_align_end_ins_code 
_struct_ref_seq.pdbx_auth_seq_align_beg 
_struct_ref_seq.pdbx_auth_seq_align_end 
1 1 1W70 A 1 ? 5  ? 1W70   169 ? 173 ? 169 173 
2 2 1W70 A 6 ? 60 ? Q15080 174 ? 228 ? 174 228 
3 1 1W70 B 1 ? 5  ? 1W70   169 ? 173 ? 169 173 
4 2 1W70 B 6 ? 60 ? Q15080 174 ? 228 ? 174 228 
5 3 1W70 C 1 ? 1  ? 1W70   359 ? 359 ? 359 359 
6 4 1W70 C 2 ? 14 ? P14598 360 ? 372 ? 360 372 
7 3 1W70 D 1 ? 1  ? 1W70   359 ? 359 ? 359 359 
8 4 1W70 D 2 ? 14 ? P14598 360 ? 372 ? 360 372 
# 
loop_
_pdbx_struct_assembly.id 
_pdbx_struct_assembly.details 
_pdbx_struct_assembly.method_details 
_pdbx_struct_assembly.oligomeric_details 
_pdbx_struct_assembly.oligomeric_count 
1 author_and_software_defined_assembly PQS dimeric 2 
2 author_and_software_defined_assembly PQS dimeric 2 
# 
loop_
_pdbx_struct_assembly_gen.assembly_id 
_pdbx_struct_assembly_gen.oper_expression 
_pdbx_struct_assembly_gen.asym_id_list 
1 1 A,C,E,K,M         
2 1 B,D,F,G,H,I,J,L,N 
# 
_pdbx_struct_oper_list.id                   1 
_pdbx_struct_oper_list.type                 'identity operation' 
_pdbx_struct_oper_list.name                 1_555 
_pdbx_struct_oper_list.symmetry_operation   x,y,z 
_pdbx_struct_oper_list.matrix[1][1]         1.0000000000 
_pdbx_struct_oper_list.matrix[1][2]         0.0000000000 
_pdbx_struct_oper_list.matrix[1][3]         0.0000000000 
_pdbx_struct_oper_list.vector[1]            0.0000000000 
_pdbx_struct_oper_list.matrix[2][1]         0.0000000000 
_pdbx_struct_oper_list.matrix[2][2]         1.0000000000 
_pdbx_struct_oper_list.matrix[2][3]         0.0000000000 
_pdbx_struct_oper_list.vector[2]            0.0000000000 
_pdbx_struct_oper_list.matrix[3][1]         0.0000000000 
_pdbx_struct_oper_list.matrix[3][2]         0.0000000000 
_pdbx_struct_oper_list.matrix[3][3]         1.0000000000 
_pdbx_struct_oper_list.vector[3]            0.0000000000 
# 
_struct_biol.id        1 
_struct_biol.details   
;CHAINS A AND B ARE ISOLATED FRAGMENTS OF                     
 P40PHOXAND THERE IS NO BIOLOGICAL EVIDENCE OF                        
 THEIRDIMERIZATION. HOWEVER, SINCE EACH CHAIN IS                      
 INCOMPLEX WITH A PEPTIDE IN THIS ENTRY, THE                          
 BIOLOGICALUNIT IS CLASSIFIED AS DIMERIC.
;
# 
loop_
_struct_conn.id 
_struct_conn.conn_type_id 
_struct_conn.pdbx_leaving_atom_flag 
_struct_conn.pdbx_PDB_id 
_struct_conn.ptnr1_label_asym_id 
_struct_conn.ptnr1_label_comp_id 
_struct_conn.ptnr1_label_seq_id 
_struct_conn.ptnr1_label_atom_id 
_struct_conn.pdbx_ptnr1_label_alt_id 
_struct_conn.pdbx_ptnr1_PDB_ins_code 
_struct_conn.pdbx_ptnr1_standard_comp_id 
_struct_conn.ptnr1_symmetry 
_struct_conn.ptnr2_label_asym_id 
_struct_conn.ptnr2_label_comp_id 
_struct_conn.ptnr2_label_seq_id 
_struct_conn.ptnr2_label_atom_id 
_struct_conn.pdbx_ptnr2_label_alt_id 
_struct_conn.pdbx_ptnr2_PDB_ins_code 
_struct_conn.ptnr1_auth_asym_id 
_struct_conn.ptnr1_auth_comp_id 
_struct_conn.ptnr1_auth_seq_id 
_struct_conn.ptnr2_auth_asym_id 
_struct_conn.ptnr2_auth_comp_id 
_struct_conn.ptnr2_auth_seq_id 
_struct_conn.ptnr2_symmetry 
_struct_conn.pdbx_ptnr3_label_atom_id 
_struct_conn.pdbx_ptnr3_label_seq_id 
_struct_conn.pdbx_ptnr3_label_comp_id 
_struct_conn.pdbx_ptnr3_label_asym_id 
_struct_conn.pdbx_ptnr3_label_alt_id 
_struct_conn.pdbx_ptnr3_PDB_ins_code 
_struct_conn.details 
_struct_conn.pdbx_dist_value 
_struct_conn.pdbx_value_order 
_struct_conn.pdbx_role 
covale1 covale both ? C ACE 1 C ? ? ? 1_555 C LYS 2 N ? ? C ACE 359 C LYS 360 1_555 ? ? ? ? ? ? ? 1.333 ? ? 
covale2 covale both ? D ACE 1 C ? ? ? 1_555 D LYS 2 N ? ? D ACE 359 D LYS 360 1_555 ? ? ? ? ? ? ? 1.328 ? ? 
# 
_struct_conn_type.id          covale 
_struct_conn_type.criteria    ? 
_struct_conn_type.reference   ? 
# 
loop_
_pdbx_modification_feature.ordinal 
_pdbx_modification_feature.label_comp_id 
_pdbx_modification_feature.label_asym_id 
_pdbx_modification_feature.label_seq_id 
_pdbx_modification_feature.label_alt_id 
_pdbx_modification_feature.modified_residue_label_comp_id 
_pdbx_modification_feature.modified_residue_label_asym_id 
_pdbx_modification_feature.modified_residue_label_seq_id 
_pdbx_modification_feature.modified_residue_label_alt_id 
_pdbx_modification_feature.auth_comp_id 
_pdbx_modification_feature.auth_asym_id 
_pdbx_modification_feature.auth_seq_id 
_pdbx_modification_feature.PDB_ins_code 
_pdbx_modification_feature.symmetry 
_pdbx_modification_feature.modified_residue_auth_comp_id 
_pdbx_modification_feature.modified_residue_auth_asym_id 
_pdbx_modification_feature.modified_residue_auth_seq_id 
_pdbx_modification_feature.modified_residue_PDB_ins_code 
_pdbx_modification_feature.modified_residue_symmetry 
_pdbx_modification_feature.comp_id_linking_atom 
_pdbx_modification_feature.modified_residue_id_linking_atom 
_pdbx_modification_feature.modified_residue_id 
_pdbx_modification_feature.ref_pcm_id 
_pdbx_modification_feature.ref_comp_id 
_pdbx_modification_feature.type 
_pdbx_modification_feature.category 
1 ACE C 1 ? LYS C 2 ? ACE C 359 ? 1_555 LYS C 360 ? 1_555 . . LYS 20 ACE None 'Terminal acetylation' 
2 ACE D 1 ? LYS D 2 ? ACE D 359 ? 1_555 LYS D 360 ? 1_555 . . LYS 20 ACE None 'Terminal acetylation' 
# 
loop_
_struct_sheet.id 
_struct_sheet.type 
_struct_sheet.number_strands 
_struct_sheet.details 
AA ? 5 ? 
BA ? 5 ? 
BB ? 2 ? 
# 
loop_
_struct_sheet_order.sheet_id 
_struct_sheet_order.range_id_1 
_struct_sheet_order.range_id_2 
_struct_sheet_order.offset 
_struct_sheet_order.sense 
AA 1 2 ? anti-parallel 
AA 2 3 ? anti-parallel 
AA 3 4 ? anti-parallel 
AA 4 5 ? anti-parallel 
BA 1 2 ? anti-parallel 
BA 2 3 ? anti-parallel 
BA 3 4 ? anti-parallel 
BA 4 5 ? anti-parallel 
BB 1 2 ? anti-parallel 
# 
loop_
_struct_sheet_range.sheet_id 
_struct_sheet_range.id 
_struct_sheet_range.beg_label_comp_id 
_struct_sheet_range.beg_label_asym_id 
_struct_sheet_range.beg_label_seq_id 
_struct_sheet_range.pdbx_beg_PDB_ins_code 
_struct_sheet_range.end_label_comp_id 
_struct_sheet_range.end_label_asym_id 
_struct_sheet_range.end_label_seq_id 
_struct_sheet_range.pdbx_end_PDB_ins_code 
_struct_sheet_range.beg_auth_comp_id 
_struct_sheet_range.beg_auth_asym_id 
_struct_sheet_range.beg_auth_seq_id 
_struct_sheet_range.end_auth_comp_id 
_struct_sheet_range.end_auth_asym_id 
_struct_sheet_range.end_auth_seq_id 
AA 1 ALA A 47 ? PRO A 52 ? ALA A 215 PRO A 220 
AA 2 TRP A 39 ? VAL A 44 ? TRP A 207 VAL A 212 
AA 3 VAL A 28 ? ARG A 34 ? VAL A 196 ARG A 202 
AA 4 ARG A 6  ? ALA A 9  ? ARG A 174 ALA A 177 
AA 5 VAL A 56 ? ILE A 58 ? VAL A 224 ILE A 226 
BA 1 ALA B 47 ? PRO B 52 ? ALA B 215 PRO B 220 
BA 2 TRP B 39 ? VAL B 44 ? TRP B 207 VAL B 212 
BA 3 VAL B 28 ? ARG B 34 ? VAL B 196 ARG B 202 
BA 4 ARG B 6  ? ALA B 9  ? ARG B 174 ALA B 177 
BA 5 VAL B 56 ? ILE B 58 ? VAL B 224 ILE B 226 
BB 1 PHE B 13 ? THR B 14 ? PHE B 181 THR B 182 
BB 2 ASN B 22 ? PHE B 23 ? ASN B 190 PHE B 191 
# 
loop_
_pdbx_struct_sheet_hbond.sheet_id 
_pdbx_struct_sheet_hbond.range_id_1 
_pdbx_struct_sheet_hbond.range_id_2 
_pdbx_struct_sheet_hbond.range_1_label_atom_id 
_pdbx_struct_sheet_hbond.range_1_label_comp_id 
_pdbx_struct_sheet_hbond.range_1_label_asym_id 
_pdbx_struct_sheet_hbond.range_1_label_seq_id 
_pdbx_struct_sheet_hbond.range_1_PDB_ins_code 
_pdbx_struct_sheet_hbond.range_1_auth_atom_id 
_pdbx_struct_sheet_hbond.range_1_auth_comp_id 
_pdbx_struct_sheet_hbond.range_1_auth_asym_id 
_pdbx_struct_sheet_hbond.range_1_auth_seq_id 
_pdbx_struct_sheet_hbond.range_2_label_atom_id 
_pdbx_struct_sheet_hbond.range_2_label_comp_id 
_pdbx_struct_sheet_hbond.range_2_label_asym_id 
_pdbx_struct_sheet_hbond.range_2_label_seq_id 
_pdbx_struct_sheet_hbond.range_2_PDB_ins_code 
_pdbx_struct_sheet_hbond.range_2_auth_atom_id 
_pdbx_struct_sheet_hbond.range_2_auth_comp_id 
_pdbx_struct_sheet_hbond.range_2_auth_asym_id 
_pdbx_struct_sheet_hbond.range_2_auth_seq_id 
AA 1 2 N PHE A 51 ? N PHE A 219 O LEU A 40 ? O LEU A 208 
AA 2 3 N THR A 43 ? N THR A 211 O PHE A 30 ? O PHE A 198 
AA 3 4 N ILE A 29 ? N ILE A 197 O ALA A 7  ? O ALA A 175 
AA 4 5 N GLU A 8  ? N GLU A 176 O LYS A 57 ? O LYS A 225 
BA 1 2 N PHE B 51 ? N PHE B 219 O LEU B 40 ? O LEU B 208 
BA 2 3 N THR B 43 ? N THR B 211 O PHE B 30 ? O PHE B 198 
BA 3 4 N ILE B 29 ? N ILE B 197 O ALA B 7  ? O ALA B 175 
BA 4 5 N GLU B 8  ? N GLU B 176 O LYS B 57 ? O LYS B 225 
BB 1 2 N PHE B 13 ? N PHE B 181 O PHE B 23 ? O PHE B 191 
# 
loop_
_struct_site.id 
_struct_site.pdbx_evidence_code 
_struct_site.pdbx_auth_asym_id 
_struct_site.pdbx_auth_comp_id 
_struct_site.pdbx_auth_seq_id 
_struct_site.pdbx_auth_ins_code 
_struct_site.pdbx_num_residues 
_struct_site.details 
AC1 Software ? ? ? ? 5  'BINDING SITE FOR RESIDUE SO4 A1229' 
AC2 Software ? ? ? ? 4  'BINDING SITE FOR RESIDUE SO4 B1229' 
AC3 Software ? ? ? ? 11 'BINDING SITE FOR RESIDUE SO4 B1230' 
AC4 Software ? ? ? ? 5  'BINDING SITE FOR RESIDUE SO4 B1231' 
AC5 Software ? ? ? ? 9  'BINDING SITE FOR RESIDUE TFA B1232' 
AC6 Software ? ? ? ? 7  'BINDING SITE FOR RESIDUE TFA B1233' 
# 
loop_
_struct_site_gen.id 
_struct_site_gen.site_id 
_struct_site_gen.pdbx_num_res 
_struct_site_gen.label_comp_id 
_struct_site_gen.label_asym_id 
_struct_site_gen.label_seq_id 
_struct_site_gen.pdbx_auth_ins_code 
_struct_site_gen.auth_comp_id 
_struct_site_gen.auth_asym_id 
_struct_site_gen.auth_seq_id 
_struct_site_gen.label_atom_id 
_struct_site_gen.label_alt_id 
_struct_site_gen.symmetry 
_struct_site_gen.details 
1  AC1 5  LYS A 3  ? LYS A 171  . ? 1_555 ? 
2  AC1 5  HIS A 4  ? HIS A 172  . ? 1_555 ? 
3  AC1 5  HOH K .  ? HOH A 2083 . ? 1_555 ? 
4  AC1 5  HOH K .  ? HOH A 2084 . ? 1_555 ? 
5  AC1 5  HOH K .  ? HOH A 2085 . ? 1_555 ? 
6  AC2 4  ARG B 34 ? ARG B 202  . ? 1_555 ? 
7  AC2 4  ASN B 36 ? ASN B 204  . ? 1_555 ? 
8  AC2 4  LYS B 37 ? LYS B 205  . ? 1_555 ? 
9  AC2 4  HOH L .  ? HOH B 2081 . ? 1_555 ? 
10 AC3 11 ILE B 2  ? ILE B 170  . ? 1_555 ? 
11 AC3 11 LYS B 3  ? LYS B 171  . ? 1_555 ? 
12 AC3 11 HIS B 4  ? HIS B 172  . ? 1_555 ? 
13 AC3 11 ARG B 6  ? ARG B 174  . ? 1_555 ? 
14 AC3 11 PHE B 30 ? PHE B 198  . ? 1_555 ? 
15 AC3 11 HOH L .  ? HOH B 2045 . ? 1_555 ? 
16 AC3 11 HOH L .  ? HOH B 2082 . ? 1_555 ? 
17 AC3 11 HOH L .  ? HOH B 2083 . ? 1_555 ? 
18 AC3 11 HOH L .  ? HOH B 2084 . ? 1_555 ? 
19 AC3 11 HOH L .  ? HOH B 2086 . ? 1_555 ? 
20 AC3 11 HOH L .  ? HOH B 2087 . ? 1_555 ? 
21 AC4 5  LYS A 24 ? LYS A 192  . ? 1_555 ? 
22 AC4 5  LYS A 37 ? LYS A 205  . ? 1_555 ? 
23 AC4 5  ARG B 6  ? ARG B 174  . ? 1_555 ? 
24 AC4 5  PHE B 30 ? PHE B 198  . ? 1_555 ? 
25 AC4 5  HOH L .  ? HOH B 2088 . ? 1_555 ? 
26 AC5 9  LEU A 19 ? LEU A 187  . ? 1_555 ? 
27 AC5 9  ILE A 35 ? ILE A 203  . ? 1_555 ? 
28 AC5 9  ILE A 50 ? ILE A 218  . ? 1_555 ? 
29 AC5 9  LEU B 1  ? LEU B 169  . ? 1_555 ? 
30 AC5 9  ILE B 2  ? ILE B 170  . ? 1_555 ? 
31 AC5 9  SER B 33 ? SER B 201  . ? 1_555 ? 
32 AC5 9  ARG B 34 ? ARG B 202  . ? 1_555 ? 
33 AC5 9  HOH L .  ? HOH B 2089 . ? 1_555 ? 
34 AC5 9  PRO C 11 ? PRO C 369  . ? 1_555 ? 
35 AC6 7  ILE A 2  ? ILE A 170  . ? 1_555 ? 
36 AC6 7  ARG A 34 ? ARG A 202  . ? 1_555 ? 
37 AC6 7  LEU B 19 ? LEU B 187  . ? 1_555 ? 
38 AC6 7  ILE B 50 ? ILE B 218  . ? 1_555 ? 
39 AC6 7  HOH L .  ? HOH B 2090 . ? 1_555 ? 
40 AC6 7  PRO D 11 ? PRO D 369  . ? 1_555 ? 
41 AC6 7  SER D 12 ? SER D 370  . ? 1_555 ? 
# 
_pdbx_entry_details.entry_id                   1W70 
_pdbx_entry_details.compound_details           
;COMPONENT OF THE NADPH-OXIDASE, A MULTICOMPONENT ENZYME
 SYSTEM RESPONSIBLE FOR TRANSPORT OF ELECTRONS FROM
 NADPH TO MOLECULAR OXYGEN, GENERATING REACTIVE
 OXIDANT INTERMEDIATES. P40-PHOX ASSOCIATES PRIMARILY
 WITH P67-PHOX TO FORM A COMPLEX WITH P47-PHOX.
 NCF2, NCF1, AND A MEMBRANE BOUND CYTOCHROME B558 ARE
 REQUIRED FOR ACTIVATION OF THE LATENT NADPH OXIDASE
(NECESSARY FOR SUPEROXIDE PRODUCTION).
;
_pdbx_entry_details.source_details             ? 
_pdbx_entry_details.nonpolymer_details         ? 
_pdbx_entry_details.sequence_details           ? 
_pdbx_entry_details.has_ligand_of_interest     ? 
_pdbx_entry_details.has_protein_modification   Y 
# 
loop_
_pdbx_validate_torsion.id 
_pdbx_validate_torsion.PDB_model_num 
_pdbx_validate_torsion.auth_comp_id 
_pdbx_validate_torsion.auth_asym_id 
_pdbx_validate_torsion.auth_seq_id 
_pdbx_validate_torsion.PDB_ins_code 
_pdbx_validate_torsion.label_alt_id 
_pdbx_validate_torsion.phi 
_pdbx_validate_torsion.psi 
1 1 ASN A 204 ? ? -160.78 -168.41 
2 1 ASN B 204 ? ? -161.30 -167.30 
3 1 ALA C 371 ? ? -145.19 38.88   
# 
loop_
_pdbx_unobs_or_zero_occ_residues.id 
_pdbx_unobs_or_zero_occ_residues.PDB_model_num 
_pdbx_unobs_or_zero_occ_residues.polymer_flag 
_pdbx_unobs_or_zero_occ_residues.occupancy_flag 
_pdbx_unobs_or_zero_occ_residues.auth_asym_id 
_pdbx_unobs_or_zero_occ_residues.auth_comp_id 
_pdbx_unobs_or_zero_occ_residues.auth_seq_id 
_pdbx_unobs_or_zero_occ_residues.PDB_ins_code 
_pdbx_unobs_or_zero_occ_residues.label_asym_id 
_pdbx_unobs_or_zero_occ_residues.label_comp_id 
_pdbx_unobs_or_zero_occ_residues.label_seq_id 
1 1 Y 1 D ALA 371 ? D ALA 13 
2 1 Y 1 D ASP 372 ? D ASP 14 
# 
loop_
_chem_comp_atom.comp_id 
_chem_comp_atom.atom_id 
_chem_comp_atom.type_symbol 
_chem_comp_atom.pdbx_aromatic_flag 
_chem_comp_atom.pdbx_stereo_config 
_chem_comp_atom.pdbx_ordinal 
ACE C    C N N 1   
ACE O    O N N 2   
ACE CH3  C N N 3   
ACE H    H N N 4   
ACE H1   H N N 5   
ACE H2   H N N 6   
ACE H3   H N N 7   
ALA N    N N N 8   
ALA CA   C N S 9   
ALA C    C N N 10  
ALA O    O N N 11  
ALA CB   C N N 12  
ALA OXT  O N N 13  
ALA H    H N N 14  
ALA H2   H N N 15  
ALA HA   H N N 16  
ALA HB1  H N N 17  
ALA HB2  H N N 18  
ALA HB3  H N N 19  
ALA HXT  H N N 20  
ARG N    N N N 21  
ARG CA   C N S 22  
ARG C    C N N 23  
ARG O    O N N 24  
ARG CB   C N N 25  
ARG CG   C N N 26  
ARG CD   C N N 27  
ARG NE   N N N 28  
ARG CZ   C N N 29  
ARG NH1  N N N 30  
ARG NH2  N N N 31  
ARG OXT  O N N 32  
ARG H    H N N 33  
ARG H2   H N N 34  
ARG HA   H N N 35  
ARG HB2  H N N 36  
ARG HB3  H N N 37  
ARG HG2  H N N 38  
ARG HG3  H N N 39  
ARG HD2  H N N 40  
ARG HD3  H N N 41  
ARG HE   H N N 42  
ARG HH11 H N N 43  
ARG HH12 H N N 44  
ARG HH21 H N N 45  
ARG HH22 H N N 46  
ARG HXT  H N N 47  
ASN N    N N N 48  
ASN CA   C N S 49  
ASN C    C N N 50  
ASN O    O N N 51  
ASN CB   C N N 52  
ASN CG   C N N 53  
ASN OD1  O N N 54  
ASN ND2  N N N 55  
ASN OXT  O N N 56  
ASN H    H N N 57  
ASN H2   H N N 58  
ASN HA   H N N 59  
ASN HB2  H N N 60  
ASN HB3  H N N 61  
ASN HD21 H N N 62  
ASN HD22 H N N 63  
ASN HXT  H N N 64  
ASP N    N N N 65  
ASP CA   C N S 66  
ASP C    C N N 67  
ASP O    O N N 68  
ASP CB   C N N 69  
ASP CG   C N N 70  
ASP OD1  O N N 71  
ASP OD2  O N N 72  
ASP OXT  O N N 73  
ASP H    H N N 74  
ASP H2   H N N 75  
ASP HA   H N N 76  
ASP HB2  H N N 77  
ASP HB3  H N N 78  
ASP HD2  H N N 79  
ASP HXT  H N N 80  
GLN N    N N N 81  
GLN CA   C N S 82  
GLN C    C N N 83  
GLN O    O N N 84  
GLN CB   C N N 85  
GLN CG   C N N 86  
GLN CD   C N N 87  
GLN OE1  O N N 88  
GLN NE2  N N N 89  
GLN OXT  O N N 90  
GLN H    H N N 91  
GLN H2   H N N 92  
GLN HA   H N N 93  
GLN HB2  H N N 94  
GLN HB3  H N N 95  
GLN HG2  H N N 96  
GLN HG3  H N N 97  
GLN HE21 H N N 98  
GLN HE22 H N N 99  
GLN HXT  H N N 100 
GLU N    N N N 101 
GLU CA   C N S 102 
GLU C    C N N 103 
GLU O    O N N 104 
GLU CB   C N N 105 
GLU CG   C N N 106 
GLU CD   C N N 107 
GLU OE1  O N N 108 
GLU OE2  O N N 109 
GLU OXT  O N N 110 
GLU H    H N N 111 
GLU H2   H N N 112 
GLU HA   H N N 113 
GLU HB2  H N N 114 
GLU HB3  H N N 115 
GLU HG2  H N N 116 
GLU HG3  H N N 117 
GLU HE2  H N N 118 
GLU HXT  H N N 119 
GLY N    N N N 120 
GLY CA   C N N 121 
GLY C    C N N 122 
GLY O    O N N 123 
GLY OXT  O N N 124 
GLY H    H N N 125 
GLY H2   H N N 126 
GLY HA2  H N N 127 
GLY HA3  H N N 128 
GLY HXT  H N N 129 
HIS N    N N N 130 
HIS CA   C N S 131 
HIS C    C N N 132 
HIS O    O N N 133 
HIS CB   C N N 134 
HIS CG   C Y N 135 
HIS ND1  N Y N 136 
HIS CD2  C Y N 137 
HIS CE1  C Y N 138 
HIS NE2  N Y N 139 
HIS OXT  O N N 140 
HIS H    H N N 141 
HIS H2   H N N 142 
HIS HA   H N N 143 
HIS HB2  H N N 144 
HIS HB3  H N N 145 
HIS HD1  H N N 146 
HIS HD2  H N N 147 
HIS HE1  H N N 148 
HIS HE2  H N N 149 
HIS HXT  H N N 150 
HOH O    O N N 151 
HOH H1   H N N 152 
HOH H2   H N N 153 
ILE N    N N N 154 
ILE CA   C N S 155 
ILE C    C N N 156 
ILE O    O N N 157 
ILE CB   C N S 158 
ILE CG1  C N N 159 
ILE CG2  C N N 160 
ILE CD1  C N N 161 
ILE OXT  O N N 162 
ILE H    H N N 163 
ILE H2   H N N 164 
ILE HA   H N N 165 
ILE HB   H N N 166 
ILE HG12 H N N 167 
ILE HG13 H N N 168 
ILE HG21 H N N 169 
ILE HG22 H N N 170 
ILE HG23 H N N 171 
ILE HD11 H N N 172 
ILE HD12 H N N 173 
ILE HD13 H N N 174 
ILE HXT  H N N 175 
LEU N    N N N 176 
LEU CA   C N S 177 
LEU C    C N N 178 
LEU O    O N N 179 
LEU CB   C N N 180 
LEU CG   C N N 181 
LEU CD1  C N N 182 
LEU CD2  C N N 183 
LEU OXT  O N N 184 
LEU H    H N N 185 
LEU H2   H N N 186 
LEU HA   H N N 187 
LEU HB2  H N N 188 
LEU HB3  H N N 189 
LEU HG   H N N 190 
LEU HD11 H N N 191 
LEU HD12 H N N 192 
LEU HD13 H N N 193 
LEU HD21 H N N 194 
LEU HD22 H N N 195 
LEU HD23 H N N 196 
LEU HXT  H N N 197 
LYS N    N N N 198 
LYS CA   C N S 199 
LYS C    C N N 200 
LYS O    O N N 201 
LYS CB   C N N 202 
LYS CG   C N N 203 
LYS CD   C N N 204 
LYS CE   C N N 205 
LYS NZ   N N N 206 
LYS OXT  O N N 207 
LYS H    H N N 208 
LYS H2   H N N 209 
LYS HA   H N N 210 
LYS HB2  H N N 211 
LYS HB3  H N N 212 
LYS HG2  H N N 213 
LYS HG3  H N N 214 
LYS HD2  H N N 215 
LYS HD3  H N N 216 
LYS HE2  H N N 217 
LYS HE3  H N N 218 
LYS HZ1  H N N 219 
LYS HZ2  H N N 220 
LYS HZ3  H N N 221 
LYS HXT  H N N 222 
MET N    N N N 223 
MET CA   C N S 224 
MET C    C N N 225 
MET O    O N N 226 
MET CB   C N N 227 
MET CG   C N N 228 
MET SD   S N N 229 
MET CE   C N N 230 
MET OXT  O N N 231 
MET H    H N N 232 
MET H2   H N N 233 
MET HA   H N N 234 
MET HB2  H N N 235 
MET HB3  H N N 236 
MET HG2  H N N 237 
MET HG3  H N N 238 
MET HE1  H N N 239 
MET HE2  H N N 240 
MET HE3  H N N 241 
MET HXT  H N N 242 
PHE N    N N N 243 
PHE CA   C N S 244 
PHE C    C N N 245 
PHE O    O N N 246 
PHE CB   C N N 247 
PHE CG   C Y N 248 
PHE CD1  C Y N 249 
PHE CD2  C Y N 250 
PHE CE1  C Y N 251 
PHE CE2  C Y N 252 
PHE CZ   C Y N 253 
PHE OXT  O N N 254 
PHE H    H N N 255 
PHE H2   H N N 256 
PHE HA   H N N 257 
PHE HB2  H N N 258 
PHE HB3  H N N 259 
PHE HD1  H N N 260 
PHE HD2  H N N 261 
PHE HE1  H N N 262 
PHE HE2  H N N 263 
PHE HZ   H N N 264 
PHE HXT  H N N 265 
PRO N    N N N 266 
PRO CA   C N S 267 
PRO C    C N N 268 
PRO O    O N N 269 
PRO CB   C N N 270 
PRO CG   C N N 271 
PRO CD   C N N 272 
PRO OXT  O N N 273 
PRO H    H N N 274 
PRO HA   H N N 275 
PRO HB2  H N N 276 
PRO HB3  H N N 277 
PRO HG2  H N N 278 
PRO HG3  H N N 279 
PRO HD2  H N N 280 
PRO HD3  H N N 281 
PRO HXT  H N N 282 
SER N    N N N 283 
SER CA   C N S 284 
SER C    C N N 285 
SER O    O N N 286 
SER CB   C N N 287 
SER OG   O N N 288 
SER OXT  O N N 289 
SER H    H N N 290 
SER H2   H N N 291 
SER HA   H N N 292 
SER HB2  H N N 293 
SER HB3  H N N 294 
SER HG   H N N 295 
SER HXT  H N N 296 
SO4 S    S N N 297 
SO4 O1   O N N 298 
SO4 O2   O N N 299 
SO4 O3   O N N 300 
SO4 O4   O N N 301 
TFA C1   C N N 302 
TFA C2   C N N 303 
TFA O    O N N 304 
TFA F1   F N N 305 
TFA F2   F N N 306 
TFA F3   F N N 307 
TFA OXT  O N N 308 
TFA HXT  H N N 309 
THR N    N N N 310 
THR CA   C N S 311 
THR C    C N N 312 
THR O    O N N 313 
THR CB   C N R 314 
THR OG1  O N N 315 
THR CG2  C N N 316 
THR OXT  O N N 317 
THR H    H N N 318 
THR H2   H N N 319 
THR HA   H N N 320 
THR HB   H N N 321 
THR HG1  H N N 322 
THR HG21 H N N 323 
THR HG22 H N N 324 
THR HG23 H N N 325 
THR HXT  H N N 326 
TRP N    N N N 327 
TRP CA   C N S 328 
TRP C    C N N 329 
TRP O    O N N 330 
TRP CB   C N N 331 
TRP CG   C Y N 332 
TRP CD1  C Y N 333 
TRP CD2  C Y N 334 
TRP NE1  N Y N 335 
TRP CE2  C Y N 336 
TRP CE3  C Y N 337 
TRP CZ2  C Y N 338 
TRP CZ3  C Y N 339 
TRP CH2  C Y N 340 
TRP OXT  O N N 341 
TRP H    H N N 342 
TRP H2   H N N 343 
TRP HA   H N N 344 
TRP HB2  H N N 345 
TRP HB3  H N N 346 
TRP HD1  H N N 347 
TRP HE1  H N N 348 
TRP HE3  H N N 349 
TRP HZ2  H N N 350 
TRP HZ3  H N N 351 
TRP HH2  H N N 352 
TRP HXT  H N N 353 
VAL N    N N N 354 
VAL CA   C N S 355 
VAL C    C N N 356 
VAL O    O N N 357 
VAL CB   C N N 358 
VAL CG1  C N N 359 
VAL CG2  C N N 360 
VAL OXT  O N N 361 
VAL H    H N N 362 
VAL H2   H N N 363 
VAL HA   H N N 364 
VAL HB   H N N 365 
VAL HG11 H N N 366 
VAL HG12 H N N 367 
VAL HG13 H N N 368 
VAL HG21 H N N 369 
VAL HG22 H N N 370 
VAL HG23 H N N 371 
VAL HXT  H N N 372 
# 
loop_
_chem_comp_bond.comp_id 
_chem_comp_bond.atom_id_1 
_chem_comp_bond.atom_id_2 
_chem_comp_bond.value_order 
_chem_comp_bond.pdbx_aromatic_flag 
_chem_comp_bond.pdbx_stereo_config 
_chem_comp_bond.pdbx_ordinal 
ACE C   O    doub N N 1   
ACE C   CH3  sing N N 2   
ACE C   H    sing N N 3   
ACE CH3 H1   sing N N 4   
ACE CH3 H2   sing N N 5   
ACE CH3 H3   sing N N 6   
ALA N   CA   sing N N 7   
ALA N   H    sing N N 8   
ALA N   H2   sing N N 9   
ALA CA  C    sing N N 10  
ALA CA  CB   sing N N 11  
ALA CA  HA   sing N N 12  
ALA C   O    doub N N 13  
ALA C   OXT  sing N N 14  
ALA CB  HB1  sing N N 15  
ALA CB  HB2  sing N N 16  
ALA CB  HB3  sing N N 17  
ALA OXT HXT  sing N N 18  
ARG N   CA   sing N N 19  
ARG N   H    sing N N 20  
ARG N   H2   sing N N 21  
ARG CA  C    sing N N 22  
ARG CA  CB   sing N N 23  
ARG CA  HA   sing N N 24  
ARG C   O    doub N N 25  
ARG C   OXT  sing N N 26  
ARG CB  CG   sing N N 27  
ARG CB  HB2  sing N N 28  
ARG CB  HB3  sing N N 29  
ARG CG  CD   sing N N 30  
ARG CG  HG2  sing N N 31  
ARG CG  HG3  sing N N 32  
ARG CD  NE   sing N N 33  
ARG CD  HD2  sing N N 34  
ARG CD  HD3  sing N N 35  
ARG NE  CZ   sing N N 36  
ARG NE  HE   sing N N 37  
ARG CZ  NH1  sing N N 38  
ARG CZ  NH2  doub N N 39  
ARG NH1 HH11 sing N N 40  
ARG NH1 HH12 sing N N 41  
ARG NH2 HH21 sing N N 42  
ARG NH2 HH22 sing N N 43  
ARG OXT HXT  sing N N 44  
ASN N   CA   sing N N 45  
ASN N   H    sing N N 46  
ASN N   H2   sing N N 47  
ASN CA  C    sing N N 48  
ASN CA  CB   sing N N 49  
ASN CA  HA   sing N N 50  
ASN C   O    doub N N 51  
ASN C   OXT  sing N N 52  
ASN CB  CG   sing N N 53  
ASN CB  HB2  sing N N 54  
ASN CB  HB3  sing N N 55  
ASN CG  OD1  doub N N 56  
ASN CG  ND2  sing N N 57  
ASN ND2 HD21 sing N N 58  
ASN ND2 HD22 sing N N 59  
ASN OXT HXT  sing N N 60  
ASP N   CA   sing N N 61  
ASP N   H    sing N N 62  
ASP N   H2   sing N N 63  
ASP CA  C    sing N N 64  
ASP CA  CB   sing N N 65  
ASP CA  HA   sing N N 66  
ASP C   O    doub N N 67  
ASP C   OXT  sing N N 68  
ASP CB  CG   sing N N 69  
ASP CB  HB2  sing N N 70  
ASP CB  HB3  sing N N 71  
ASP CG  OD1  doub N N 72  
ASP CG  OD2  sing N N 73  
ASP OD2 HD2  sing N N 74  
ASP OXT HXT  sing N N 75  
GLN N   CA   sing N N 76  
GLN N   H    sing N N 77  
GLN N   H2   sing N N 78  
GLN CA  C    sing N N 79  
GLN CA  CB   sing N N 80  
GLN CA  HA   sing N N 81  
GLN C   O    doub N N 82  
GLN C   OXT  sing N N 83  
GLN CB  CG   sing N N 84  
GLN CB  HB2  sing N N 85  
GLN CB  HB3  sing N N 86  
GLN CG  CD   sing N N 87  
GLN CG  HG2  sing N N 88  
GLN CG  HG3  sing N N 89  
GLN CD  OE1  doub N N 90  
GLN CD  NE2  sing N N 91  
GLN NE2 HE21 sing N N 92  
GLN NE2 HE22 sing N N 93  
GLN OXT HXT  sing N N 94  
GLU N   CA   sing N N 95  
GLU N   H    sing N N 96  
GLU N   H2   sing N N 97  
GLU CA  C    sing N N 98  
GLU CA  CB   sing N N 99  
GLU CA  HA   sing N N 100 
GLU C   O    doub N N 101 
GLU C   OXT  sing N N 102 
GLU CB  CG   sing N N 103 
GLU CB  HB2  sing N N 104 
GLU CB  HB3  sing N N 105 
GLU CG  CD   sing N N 106 
GLU CG  HG2  sing N N 107 
GLU CG  HG3  sing N N 108 
GLU CD  OE1  doub N N 109 
GLU CD  OE2  sing N N 110 
GLU OE2 HE2  sing N N 111 
GLU OXT HXT  sing N N 112 
GLY N   CA   sing N N 113 
GLY N   H    sing N N 114 
GLY N   H2   sing N N 115 
GLY CA  C    sing N N 116 
GLY CA  HA2  sing N N 117 
GLY CA  HA3  sing N N 118 
GLY C   O    doub N N 119 
GLY C   OXT  sing N N 120 
GLY OXT HXT  sing N N 121 
HIS N   CA   sing N N 122 
HIS N   H    sing N N 123 
HIS N   H2   sing N N 124 
HIS CA  C    sing N N 125 
HIS CA  CB   sing N N 126 
HIS CA  HA   sing N N 127 
HIS C   O    doub N N 128 
HIS C   OXT  sing N N 129 
HIS CB  CG   sing N N 130 
HIS CB  HB2  sing N N 131 
HIS CB  HB3  sing N N 132 
HIS CG  ND1  sing Y N 133 
HIS CG  CD2  doub Y N 134 
HIS ND1 CE1  doub Y N 135 
HIS ND1 HD1  sing N N 136 
HIS CD2 NE2  sing Y N 137 
HIS CD2 HD2  sing N N 138 
HIS CE1 NE2  sing Y N 139 
HIS CE1 HE1  sing N N 140 
HIS NE2 HE2  sing N N 141 
HIS OXT HXT  sing N N 142 
HOH O   H1   sing N N 143 
HOH O   H2   sing N N 144 
ILE N   CA   sing N N 145 
ILE N   H    sing N N 146 
ILE N   H2   sing N N 147 
ILE CA  C    sing N N 148 
ILE CA  CB   sing N N 149 
ILE CA  HA   sing N N 150 
ILE C   O    doub N N 151 
ILE C   OXT  sing N N 152 
ILE CB  CG1  sing N N 153 
ILE CB  CG2  sing N N 154 
ILE CB  HB   sing N N 155 
ILE CG1 CD1  sing N N 156 
ILE CG1 HG12 sing N N 157 
ILE CG1 HG13 sing N N 158 
ILE CG2 HG21 sing N N 159 
ILE CG2 HG22 sing N N 160 
ILE CG2 HG23 sing N N 161 
ILE CD1 HD11 sing N N 162 
ILE CD1 HD12 sing N N 163 
ILE CD1 HD13 sing N N 164 
ILE OXT HXT  sing N N 165 
LEU N   CA   sing N N 166 
LEU N   H    sing N N 167 
LEU N   H2   sing N N 168 
LEU CA  C    sing N N 169 
LEU CA  CB   sing N N 170 
LEU CA  HA   sing N N 171 
LEU C   O    doub N N 172 
LEU C   OXT  sing N N 173 
LEU CB  CG   sing N N 174 
LEU CB  HB2  sing N N 175 
LEU CB  HB3  sing N N 176 
LEU CG  CD1  sing N N 177 
LEU CG  CD2  sing N N 178 
LEU CG  HG   sing N N 179 
LEU CD1 HD11 sing N N 180 
LEU CD1 HD12 sing N N 181 
LEU CD1 HD13 sing N N 182 
LEU CD2 HD21 sing N N 183 
LEU CD2 HD22 sing N N 184 
LEU CD2 HD23 sing N N 185 
LEU OXT HXT  sing N N 186 
LYS N   CA   sing N N 187 
LYS N   H    sing N N 188 
LYS N   H2   sing N N 189 
LYS CA  C    sing N N 190 
LYS CA  CB   sing N N 191 
LYS CA  HA   sing N N 192 
LYS C   O    doub N N 193 
LYS C   OXT  sing N N 194 
LYS CB  CG   sing N N 195 
LYS CB  HB2  sing N N 196 
LYS CB  HB3  sing N N 197 
LYS CG  CD   sing N N 198 
LYS CG  HG2  sing N N 199 
LYS CG  HG3  sing N N 200 
LYS CD  CE   sing N N 201 
LYS CD  HD2  sing N N 202 
LYS CD  HD3  sing N N 203 
LYS CE  NZ   sing N N 204 
LYS CE  HE2  sing N N 205 
LYS CE  HE3  sing N N 206 
LYS NZ  HZ1  sing N N 207 
LYS NZ  HZ2  sing N N 208 
LYS NZ  HZ3  sing N N 209 
LYS OXT HXT  sing N N 210 
MET N   CA   sing N N 211 
MET N   H    sing N N 212 
MET N   H2   sing N N 213 
MET CA  C    sing N N 214 
MET CA  CB   sing N N 215 
MET CA  HA   sing N N 216 
MET C   O    doub N N 217 
MET C   OXT  sing N N 218 
MET CB  CG   sing N N 219 
MET CB  HB2  sing N N 220 
MET CB  HB3  sing N N 221 
MET CG  SD   sing N N 222 
MET CG  HG2  sing N N 223 
MET CG  HG3  sing N N 224 
MET SD  CE   sing N N 225 
MET CE  HE1  sing N N 226 
MET CE  HE2  sing N N 227 
MET CE  HE3  sing N N 228 
MET OXT HXT  sing N N 229 
PHE N   CA   sing N N 230 
PHE N   H    sing N N 231 
PHE N   H2   sing N N 232 
PHE CA  C    sing N N 233 
PHE CA  CB   sing N N 234 
PHE CA  HA   sing N N 235 
PHE C   O    doub N N 236 
PHE C   OXT  sing N N 237 
PHE CB  CG   sing N N 238 
PHE CB  HB2  sing N N 239 
PHE CB  HB3  sing N N 240 
PHE CG  CD1  doub Y N 241 
PHE CG  CD2  sing Y N 242 
PHE CD1 CE1  sing Y N 243 
PHE CD1 HD1  sing N N 244 
PHE CD2 CE2  doub Y N 245 
PHE CD2 HD2  sing N N 246 
PHE CE1 CZ   doub Y N 247 
PHE CE1 HE1  sing N N 248 
PHE CE2 CZ   sing Y N 249 
PHE CE2 HE2  sing N N 250 
PHE CZ  HZ   sing N N 251 
PHE OXT HXT  sing N N 252 
PRO N   CA   sing N N 253 
PRO N   CD   sing N N 254 
PRO N   H    sing N N 255 
PRO CA  C    sing N N 256 
PRO CA  CB   sing N N 257 
PRO CA  HA   sing N N 258 
PRO C   O    doub N N 259 
PRO C   OXT  sing N N 260 
PRO CB  CG   sing N N 261 
PRO CB  HB2  sing N N 262 
PRO CB  HB3  sing N N 263 
PRO CG  CD   sing N N 264 
PRO CG  HG2  sing N N 265 
PRO CG  HG3  sing N N 266 
PRO CD  HD2  sing N N 267 
PRO CD  HD3  sing N N 268 
PRO OXT HXT  sing N N 269 
SER N   CA   sing N N 270 
SER N   H    sing N N 271 
SER N   H2   sing N N 272 
SER CA  C    sing N N 273 
SER CA  CB   sing N N 274 
SER CA  HA   sing N N 275 
SER C   O    doub N N 276 
SER C   OXT  sing N N 277 
SER CB  OG   sing N N 278 
SER CB  HB2  sing N N 279 
SER CB  HB3  sing N N 280 
SER OG  HG   sing N N 281 
SER OXT HXT  sing N N 282 
SO4 S   O1   doub N N 283 
SO4 S   O2   doub N N 284 
SO4 S   O3   sing N N 285 
SO4 S   O4   sing N N 286 
TFA C1  C2   sing N N 287 
TFA C1  O    doub N N 288 
TFA C1  OXT  sing N N 289 
TFA C2  F1   sing N N 290 
TFA C2  F2   sing N N 291 
TFA C2  F3   sing N N 292 
TFA OXT HXT  sing N N 293 
THR N   CA   sing N N 294 
THR N   H    sing N N 295 
THR N   H2   sing N N 296 
THR CA  C    sing N N 297 
THR CA  CB   sing N N 298 
THR CA  HA   sing N N 299 
THR C   O    doub N N 300 
THR C   OXT  sing N N 301 
THR CB  OG1  sing N N 302 
THR CB  CG2  sing N N 303 
THR CB  HB   sing N N 304 
THR OG1 HG1  sing N N 305 
THR CG2 HG21 sing N N 306 
THR CG2 HG22 sing N N 307 
THR CG2 HG23 sing N N 308 
THR OXT HXT  sing N N 309 
TRP N   CA   sing N N 310 
TRP N   H    sing N N 311 
TRP N   H2   sing N N 312 
TRP CA  C    sing N N 313 
TRP CA  CB   sing N N 314 
TRP CA  HA   sing N N 315 
TRP C   O    doub N N 316 
TRP C   OXT  sing N N 317 
TRP CB  CG   sing N N 318 
TRP CB  HB2  sing N N 319 
TRP CB  HB3  sing N N 320 
TRP CG  CD1  doub Y N 321 
TRP CG  CD2  sing Y N 322 
TRP CD1 NE1  sing Y N 323 
TRP CD1 HD1  sing N N 324 
TRP CD2 CE2  doub Y N 325 
TRP CD2 CE3  sing Y N 326 
TRP NE1 CE2  sing Y N 327 
TRP NE1 HE1  sing N N 328 
TRP CE2 CZ2  sing Y N 329 
TRP CE3 CZ3  doub Y N 330 
TRP CE3 HE3  sing N N 331 
TRP CZ2 CH2  doub Y N 332 
TRP CZ2 HZ2  sing N N 333 
TRP CZ3 CH2  sing Y N 334 
TRP CZ3 HZ3  sing N N 335 
TRP CH2 HH2  sing N N 336 
TRP OXT HXT  sing N N 337 
VAL N   CA   sing N N 338 
VAL N   H    sing N N 339 
VAL N   H2   sing N N 340 
VAL CA  C    sing N N 341 
VAL CA  CB   sing N N 342 
VAL CA  HA   sing N N 343 
VAL C   O    doub N N 344 
VAL C   OXT  sing N N 345 
VAL CB  CG1  sing N N 346 
VAL CB  CG2  sing N N 347 
VAL CB  HB   sing N N 348 
VAL CG1 HG11 sing N N 349 
VAL CG1 HG12 sing N N 350 
VAL CG1 HG13 sing N N 351 
VAL CG2 HG21 sing N N 352 
VAL CG2 HG22 sing N N 353 
VAL CG2 HG23 sing N N 354 
VAL OXT HXT  sing N N 355 
# 
_pdbx_initial_refinement_model.id               1 
_pdbx_initial_refinement_model.entity_id_list   ? 
_pdbx_initial_refinement_model.type             'experimental model' 
_pdbx_initial_refinement_model.source_name      PDB 
_pdbx_initial_refinement_model.accession_code   1W6X 
_pdbx_initial_refinement_model.details          'PDB ENTRY 1W6X' 
# 
_atom_sites.entry_id                    1W70 
_atom_sites.fract_transf_matrix[1][1]   0.00752432 
_atom_sites.fract_transf_matrix[1][2]   -0.02352806 
_atom_sites.fract_transf_matrix[1][3]   -0.00512019 
_atom_sites.fract_transf_matrix[2][1]   0.01290075 
_atom_sites.fract_transf_matrix[2][2]   0.00701767 
_atom_sites.fract_transf_matrix[2][3]   -0.01328912 
_atom_sites.fract_transf_matrix[3][1]   0.01023305 
_atom_sites.fract_transf_matrix[3][2]   0.00099622 
_atom_sites.fract_transf_matrix[3][3]   0.01046007 
_atom_sites.fract_transf_vector[1]      0.425027 
_atom_sites.fract_transf_vector[2]      0.523070 
_atom_sites.fract_transf_vector[3]      0.293202 
# 
loop_
_atom_type.symbol 
C 
F 
N 
O 
S 
# 
loop_
_atom_site.group_PDB 
_atom_site.id 
_atom_site.type_symbol 
_atom_site.label_atom_id 
_atom_site.label_alt_id 
_atom_site.label_comp_id 
_atom_site.label_asym_id 
_atom_site.label_entity_id 
_atom_site.label_seq_id 
_atom_site.pdbx_PDB_ins_code 
_atom_site.Cartn_x 
_atom_site.Cartn_y 
_atom_site.Cartn_z 
_atom_site.occupancy 
_atom_site.B_iso_or_equiv 
_atom_site.pdbx_formal_charge 
_atom_site.auth_seq_id 
_atom_site.auth_comp_id 
_atom_site.auth_asym_id 
_atom_site.auth_atom_id 
_atom_site.pdbx_PDB_model_num 
ATOM   1    N N   . LEU A 1 1  ? 1.133   -2.757  19.007  1.00 15.35 ? 169  LEU A N   1 
ATOM   2    C CA  . LEU A 1 1  ? 1.397   -2.839  17.535  1.00 14.17 ? 169  LEU A CA  1 
ATOM   3    C C   . LEU A 1 1  ? 2.276   -1.688  17.123  1.00 14.70 ? 169  LEU A C   1 
ATOM   4    O O   . LEU A 1 1  ? 2.167   -0.600  17.678  1.00 15.58 ? 169  LEU A O   1 
ATOM   5    C CB  . LEU A 1 1  ? 0.106   -2.744  16.727  1.00 18.43 ? 169  LEU A CB  1 
ATOM   6    C CG  . LEU A 1 1  ? -0.886  -3.890  16.751  1.00 19.31 ? 169  LEU A CG  1 
ATOM   7    C CD1 . LEU A 1 1  ? -1.911  -3.631  15.640  1.00 20.78 ? 169  LEU A CD1 1 
ATOM   8    C CD2 . LEU A 1 1  ? -0.195  -5.217  16.514  1.00 19.50 ? 169  LEU A CD2 1 
ATOM   9    N N   . ILE A 1 2  ? 3.137   -1.938  16.136  1.00 12.96 ? 170  ILE A N   1 
ATOM   10   C CA  . ILE A 1 2  ? 4.043   -0.929  15.605  1.00 14.07 ? 170  ILE A CA  1 
ATOM   11   C C   . ILE A 1 2  ? 3.223   0.193   14.952  1.00 14.18 ? 170  ILE A C   1 
ATOM   12   O O   . ILE A 1 2  ? 2.199   -0.058  14.301  1.00 16.60 ? 170  ILE A O   1 
ATOM   13   C CB  . ILE A 1 2  ? 4.984   -1.545  14.539  1.00 12.69 ? 170  ILE A CB  1 
ATOM   14   C CG1 . ILE A 1 2  ? 5.958   -2.516  15.216  1.00 14.27 ? 170  ILE A CG1 1 
ATOM   15   C CG2 . ILE A 1 2  ? 5.732   -0.449  13.769  1.00 12.97 ? 170  ILE A CG2 1 
ATOM   16   C CD1 . ILE A 1 2  ? 6.781   -3.329  14.245  1.00 15.10 ? 170  ILE A CD1 1 
ATOM   17   N N   . LYS A 1 3  ? 3.712   1.416   15.126  1.00 15.31 ? 171  LYS A N   1 
ATOM   18   C CA  . LYS A 1 3  ? 3.073   2.612   14.585  1.00 16.74 ? 171  LYS A CA  1 
ATOM   19   C C   . LYS A 1 3  ? 4.104   3.426   13.816  1.00 15.44 ? 171  LYS A C   1 
ATOM   20   O O   . LYS A 1 3  ? 5.271   3.450   14.183  1.00 15.95 ? 171  LYS A O   1 
ATOM   21   C CB  . LYS A 1 3  ? 2.540   3.502   15.715  1.00 18.11 ? 171  LYS A CB  1 
ATOM   22   C CG  . LYS A 1 3  ? 1.874   2.764   16.860  1.00 22.79 ? 171  LYS A CG  1 
ATOM   23   C CD  . LYS A 1 3  ? 0.660   1.984   16.399  1.00 24.51 ? 171  LYS A CD  1 
ATOM   24   C CE  . LYS A 1 3  ? -0.337  2.892   15.700  1.00 26.69 ? 171  LYS A CE  1 
ATOM   25   N NZ  . LYS A 1 3  ? -1.599  2.179   15.388  0.50 26.83 ? 171  LYS A NZ  1 
ATOM   26   N N   . HIS A 1 4  ? 3.676   4.083   12.749  1.00 16.14 ? 172  HIS A N   1 
ATOM   27   C CA  . HIS A 1 4  ? 4.564   4.939   11.974  1.00 16.61 ? 172  HIS A CA  1 
ATOM   28   C C   . HIS A 1 4  ? 5.835   4.348   11.358  1.00 15.43 ? 172  HIS A C   1 
ATOM   29   O O   . HIS A 1 4  ? 6.826   5.058   11.204  1.00 17.76 ? 172  HIS A O   1 
ATOM   30   C CB  . HIS A 1 4  ? 4.978   6.135   12.826  1.00 17.49 ? 172  HIS A CB  1 
ATOM   31   C CG  . HIS A 1 4  ? 3.845   6.787   13.552  1.00 22.52 ? 172  HIS A CG  1 
ATOM   32   N ND1 . HIS A 1 4  ? 2.525   6.455   13.331  1.00 25.38 ? 172  HIS A ND1 1 
ATOM   33   C CD2 . HIS A 1 4  ? 3.837   7.765   14.484  1.00 23.28 ? 172  HIS A CD2 1 
ATOM   34   C CE1 . HIS A 1 4  ? 1.754   7.204   14.097  1.00 25.36 ? 172  HIS A CE1 1 
ATOM   35   N NE2 . HIS A 1 4  ? 2.524   8.009   14.808  1.00 25.80 ? 172  HIS A NE2 1 
ATOM   36   N N   A MET A 1 5  ? 5.804   3.072   11.000  0.50 15.15 ? 173  MET A N   1 
ATOM   37   N N   B MET A 1 5  ? 5.832   3.055   11.033  0.50 14.50 ? 173  MET A N   1 
ATOM   38   C CA  A MET A 1 5  ? 6.966   2.462   10.381  0.50 14.73 ? 173  MET A CA  1 
ATOM   39   C CA  B MET A 1 5  ? 7.005   2.422   10.422  0.50 13.58 ? 173  MET A CA  1 
ATOM   40   C C   A MET A 1 5  ? 6.523   1.827   9.082   0.50 13.94 ? 173  MET A C   1 
ATOM   41   C C   B MET A 1 5  ? 6.579   1.738   9.127   0.50 13.25 ? 173  MET A C   1 
ATOM   42   O O   A MET A 1 5  ? 5.412   1.309   8.975   0.50 13.88 ? 173  MET A O   1 
ATOM   43   O O   B MET A 1 5  ? 5.538   1.084   9.072   0.50 12.83 ? 173  MET A O   1 
ATOM   44   C CB  A MET A 1 5  ? 7.593   1.432   11.312  0.50 15.16 ? 173  MET A CB  1 
ATOM   45   C CB  B MET A 1 5  ? 7.647   1.421   11.387  0.50 13.16 ? 173  MET A CB  1 
ATOM   46   C CG  A MET A 1 5  ? 8.085   2.052   12.606  0.50 16.96 ? 173  MET A CG  1 
ATOM   47   C CG  B MET A 1 5  ? 8.426   2.084   12.516  0.50 13.07 ? 173  MET A CG  1 
ATOM   48   S SD  A MET A 1 5  ? 9.621   1.318   13.183  0.50 18.43 ? 173  MET A SD  1 
ATOM   49   S SD  B MET A 1 5  ? 9.149   0.906   13.668  0.50 12.99 ? 173  MET A SD  1 
ATOM   50   C CE  A MET A 1 5  ? 8.980   -0.022  14.151  0.50 15.07 ? 173  MET A CE  1 
ATOM   51   C CE  B MET A 1 5  ? 10.595  0.372   12.764  0.50 15.42 ? 173  MET A CE  1 
ATOM   52   N N   . ARG A 1 6  ? 7.398   1.881   8.091   1.00 13.22 ? 174  ARG A N   1 
ATOM   53   C CA  . ARG A 1 6  ? 7.082   1.355   6.787   1.00 12.65 ? 174  ARG A CA  1 
ATOM   54   C C   . ARG A 1 6  ? 8.251   0.676   6.129   1.00 11.66 ? 174  ARG A C   1 
ATOM   55   O O   . ARG A 1 6  ? 9.411   0.949   6.439   1.00 12.47 ? 174  ARG A O   1 
ATOM   56   C CB  . ARG A 1 6  ? 6.683   2.511   5.881   1.00 14.63 ? 174  ARG A CB  1 
ATOM   57   C CG  . ARG A 1 6  ? 5.562   3.381   6.408   1.00 18.15 ? 174  ARG A CG  1 
ATOM   58   C CD  . ARG A 1 6  ? 5.419   4.607   5.556   1.00 21.84 ? 174  ARG A CD  1 
ATOM   59   N NE  . ARG A 1 6  ? 6.688   5.324   5.479   1.00 27.37 ? 174  ARG A NE  1 
ATOM   60   C CZ  . ARG A 1 6  ? 7.047   6.088   4.456   1.00 28.45 ? 174  ARG A CZ  1 
ATOM   61   N NH1 . ARG A 1 6  ? 6.226   6.235   3.420   1.00 29.74 ? 174  ARG A NH1 1 
ATOM   62   N NH2 . ARG A 1 6  ? 8.231   6.674   4.458   1.00 30.54 ? 174  ARG A NH2 1 
ATOM   63   N N   . ALA A 1 7  ? 7.932   -0.190  5.173   1.00 10.79 ? 175  ALA A N   1 
ATOM   64   C CA  . ALA A 1 7  ? 8.949   -0.868  4.390   1.00 10.20 ? 175  ALA A CA  1 
ATOM   65   C C   . ALA A 1 7  ? 8.549   -0.747  2.928   1.00 10.04 ? 175  ALA A C   1 
ATOM   66   O O   . ALA A 1 7  ? 7.378   -0.534  2.619   1.00 11.42 ? 175  ALA A O   1 
ATOM   67   C CB  . ALA A 1 7  ? 9.037   -2.329  4.762   1.00 11.48 ? 175  ALA A CB  1 
ATOM   68   N N   . GLU A 1 8  ? 9.522   -0.835  2.029   1.00 10.35 ? 176  GLU A N   1 
ATOM   69   C CA  . GLU A 1 8  ? 9.209   -0.800  0.609   1.00 9.93  ? 176  GLU A CA  1 
ATOM   70   C C   . GLU A 1 8  ? 9.585   -2.164  0.036   1.00 9.37  ? 176  GLU A C   1 
ATOM   71   O O   . GLU A 1 8  ? 10.688  -2.659  0.273   1.00 9.91  ? 176  GLU A O   1 
ATOM   72   C CB  . GLU A 1 8  ? 9.996   0.297   -0.126  1.00 10.99 ? 176  GLU A CB  1 
ATOM   73   C CG  . GLU A 1 8  ? 9.677   0.351   -1.633  1.00 16.22 ? 176  GLU A CG  1 
ATOM   74   C CD  . GLU A 1 8  ? 10.372  1.479   -2.365  1.00 20.10 ? 176  GLU A CD  1 
ATOM   75   O OE1 . GLU A 1 8  ? 10.698  2.488   -1.719  1.00 22.69 ? 176  GLU A OE1 1 
ATOM   76   O OE2 . GLU A 1 8  ? 10.558  1.360   -3.597  1.00 22.39 ? 176  GLU A OE2 1 
ATOM   77   N N   . ALA A 1 9  ? 8.666   -2.765  -0.715  1.00 8.44  ? 177  ALA A N   1 
ATOM   78   C CA  . ALA A 1 9  ? 8.949   -4.048  -1.357  1.00 9.25  ? 177  ALA A CA  1 
ATOM   79   C C   . ALA A 1 9  ? 10.054  -3.916  -2.416  1.00 9.75  ? 177  ALA A C   1 
ATOM   80   O O   . ALA A 1 9  ? 10.015  -3.028  -3.282  1.00 10.02 ? 177  ALA A O   1 
ATOM   81   C CB  . ALA A 1 9  ? 7.678   -4.580  -2.004  1.00 8.68  ? 177  ALA A CB  1 
ATOM   82   N N   . LEU A 1 10 ? 11.013  -4.831  -2.352  1.00 9.66  ? 178  LEU A N   1 
ATOM   83   C CA  . LEU A 1 10 ? 12.104  -4.872  -3.307  1.00 10.40 ? 178  LEU A CA  1 
ATOM   84   C C   . LEU A 1 10 ? 11.791  -5.825  -4.449  1.00 11.30 ? 178  LEU A C   1 
ATOM   85   O O   . LEU A 1 10 ? 12.383  -5.737  -5.534  1.00 11.68 ? 178  LEU A O   1 
ATOM   86   C CB  . LEU A 1 10 ? 13.387  -5.333  -2.622  1.00 11.39 ? 178  LEU A CB  1 
ATOM   87   C CG  . LEU A 1 10 ? 13.936  -4.438  -1.523  1.00 13.36 ? 178  LEU A CG  1 
ATOM   88   C CD1 . LEU A 1 10 ? 15.150  -5.099  -0.878  1.00 13.85 ? 178  LEU A CD1 1 
ATOM   89   C CD2 . LEU A 1 10 ? 14.306  -3.084  -2.118  1.00 13.63 ? 178  LEU A CD2 1 
ATOM   90   N N   . PHE A 1 11 ? 10.877  -6.750  -4.190  1.00 11.00 ? 179  PHE A N   1 
ATOM   91   C CA  . PHE A 1 11 ? 10.470  -7.743  -5.175  1.00 10.34 ? 179  PHE A CA  1 
ATOM   92   C C   . PHE A 1 11 ? 8.995   -8.020  -4.969  1.00 10.48 ? 179  PHE A C   1 
ATOM   93   O O   . PHE A 1 11 ? 8.421   -7.672  -3.928  1.00 11.62 ? 179  PHE A O   1 
ATOM   94   C CB  . PHE A 1 11 ? 11.218  -9.072  -4.947  1.00 11.42 ? 179  PHE A CB  1 
ATOM   95   C CG  . PHE A 1 11 ? 12.706  -8.941  -4.950  1.00 12.16 ? 179  PHE A CG  1 
ATOM   96   C CD1 . PHE A 1 11 ? 13.417  -9.025  -6.134  1.00 13.74 ? 179  PHE A CD1 1 
ATOM   97   C CD2 . PHE A 1 11 ? 13.395  -8.703  -3.769  1.00 13.08 ? 179  PHE A CD2 1 
ATOM   98   C CE1 . PHE A 1 11 ? 14.800  -8.870  -6.132  1.00 14.35 ? 179  PHE A CE1 1 
ATOM   99   C CE2 . PHE A 1 11 ? 14.786  -8.546  -3.770  1.00 14.07 ? 179  PHE A CE2 1 
ATOM   100  C CZ  . PHE A 1 11 ? 15.475  -8.632  -4.953  1.00 14.41 ? 179  PHE A CZ  1 
ATOM   101  N N   . ASP A 1 12 ? 8.372   -8.650  -5.959  1.00 10.99 ? 180  ASP A N   1 
ATOM   102  C CA  . ASP A 1 12 ? 6.982   -9.059  -5.822  1.00 10.06 ? 180  ASP A CA  1 
ATOM   103  C C   . ASP A 1 12 ? 6.967   -10.243 -4.852  1.00 10.75 ? 180  ASP A C   1 
ATOM   104  O O   . ASP A 1 12 ? 7.926   -11.030 -4.789  1.00 10.74 ? 180  ASP A O   1 
ATOM   105  C CB  . ASP A 1 12 ? 6.407   -9.626  -7.125  1.00 10.53 ? 180  ASP A CB  1 
ATOM   106  C CG  . ASP A 1 12 ? 6.141   -8.591  -8.194  1.00 13.02 ? 180  ASP A CG  1 
ATOM   107  O OD1 . ASP A 1 12 ? 6.405   -7.388  -8.026  1.00 13.01 ? 180  ASP A OD1 1 
ATOM   108  O OD2 . ASP A 1 12 ? 5.652   -9.025  -9.262  1.00 17.87 ? 180  ASP A OD2 1 
ATOM   109  N N   . PHE A 1 13 ? 5.877   -10.383 -4.112  1.00 8.98  ? 181  PHE A N   1 
ATOM   110  C CA  . PHE A 1 13 ? 5.717   -11.532 -3.222  1.00 9.08  ? 181  PHE A CA  1 
ATOM   111  C C   . PHE A 1 13 ? 4.278   -12.022 -3.289  1.00 9.83  ? 181  PHE A C   1 
ATOM   112  O O   . PHE A 1 13 ? 3.328   -11.259 -3.059  1.00 10.13 ? 181  PHE A O   1 
ATOM   113  C CB  . PHE A 1 13 ? 6.048   -11.211 -1.759  1.00 9.27  ? 181  PHE A CB  1 
ATOM   114  C CG  . PHE A 1 13 ? 5.841   -12.385 -0.828  1.00 10.21 ? 181  PHE A CG  1 
ATOM   115  C CD1 . PHE A 1 13 ? 6.615   -13.539 -0.944  1.00 9.01  ? 181  PHE A CD1 1 
ATOM   116  C CD2 . PHE A 1 13 ? 4.848   -12.342 0.148   1.00 10.89 ? 181  PHE A CD2 1 
ATOM   117  C CE1 . PHE A 1 13 ? 6.396   -14.631 -0.107  1.00 9.77  ? 181  PHE A CE1 1 
ATOM   118  C CE2 . PHE A 1 13 ? 4.628   -13.432 0.991   1.00 10.35 ? 181  PHE A CE2 1 
ATOM   119  C CZ  . PHE A 1 13 ? 5.400   -14.574 0.863   1.00 9.34  ? 181  PHE A CZ  1 
ATOM   120  N N   . THR A 1 14 ? 4.124   -13.289 -3.663  1.00 11.21 ? 182  THR A N   1 
ATOM   121  C CA  . THR A 1 14 ? 2.821   -13.939 -3.723  1.00 13.72 ? 182  THR A CA  1 
ATOM   122  C C   . THR A 1 14 ? 2.868   -15.039 -2.680  1.00 15.41 ? 182  THR A C   1 
ATOM   123  O O   . THR A 1 14 ? 3.664   -15.983 -2.788  1.00 17.70 ? 182  THR A O   1 
ATOM   124  C CB  . THR A 1 14 ? 2.566   -14.548 -5.098  1.00 14.35 ? 182  THR A CB  1 
ATOM   125  O OG1 . THR A 1 14 ? 2.549   -13.494 -6.068  1.00 15.96 ? 182  THR A OG1 1 
ATOM   126  C CG2 . THR A 1 14 ? 1.212   -15.269 -5.141  1.00 17.38 ? 182  THR A CG2 1 
ATOM   127  N N   . GLY A 1 15 ? 2.009   -14.909 -1.680  1.00 16.56 ? 183  GLY A N   1 
ATOM   128  C CA  . GLY A 1 15 ? 1.999   -15.872 -0.599  1.00 17.55 ? 183  GLY A CA  1 
ATOM   129  C C   . GLY A 1 15 ? 1.305   -17.176 -0.902  1.00 17.34 ? 183  GLY A C   1 
ATOM   130  O O   . GLY A 1 15 ? 0.598   -17.316 -1.894  1.00 18.12 ? 183  GLY A O   1 
ATOM   131  N N   . ASN A 1 16 ? 1.501   -18.128 -0.002  1.00 14.98 ? 184  ASN A N   1 
ATOM   132  C CA  . ASN A 1 16 ? 0.924   -19.453 -0.131  1.00 15.74 ? 184  ASN A CA  1 
ATOM   133  C C   . ASN A 1 16 ? -0.468  -19.580 0.481   1.00 15.39 ? 184  ASN A C   1 
ATOM   134  O O   . ASN A 1 16 ? -1.151  -20.569 0.233   1.00 16.65 ? 184  ASN A O   1 
ATOM   135  C CB  . ASN A 1 16 ? 1.855   -20.489 0.506   1.00 15.86 ? 184  ASN A CB  1 
ATOM   136  C CG  . ASN A 1 16 ? 3.014   -20.889 -0.408  1.00 17.29 ? 184  ASN A CG  1 
ATOM   137  O OD1 . ASN A 1 16 ? 3.811   -21.773 -0.065  1.00 18.07 ? 184  ASN A OD1 1 
ATOM   138  N ND2 . ASN A 1 16 ? 3.112   -20.242 -1.565  1.00 17.02 ? 184  ASN A ND2 1 
ATOM   139  N N   . SER A 1 17 ? -0.877  -18.601 1.285   1.00 13.73 ? 185  SER A N   1 
ATOM   140  C CA  . SER A 1 17 ? -2.205  -18.592 1.903   1.00 12.98 ? 185  SER A CA  1 
ATOM   141  C C   . SER A 1 17 ? -2.582  -17.174 2.286   1.00 11.87 ? 185  SER A C   1 
ATOM   142  O O   . SER A 1 17 ? -1.740  -16.279 2.202   1.00 11.74 ? 185  SER A O   1 
ATOM   143  C CB  . SER A 1 17 ? -2.231  -19.442 3.167   1.00 15.04 ? 185  SER A CB  1 
ATOM   144  O OG  . SER A 1 17 ? -1.698  -18.708 4.252   1.00 15.70 ? 185  SER A OG  1 
ATOM   145  N N   . LYS A 1 18 ? -3.824  -16.978 2.729   1.00 13.03 ? 186  LYS A N   1 
ATOM   146  C CA  . LYS A 1 18 ? -4.301  -15.661 3.105   1.00 13.98 ? 186  LYS A CA  1 
ATOM   147  C C   . LYS A 1 18 ? -3.681  -15.158 4.393   1.00 12.68 ? 186  LYS A C   1 
ATOM   148  O O   . LYS A 1 18 ? -3.954  -14.035 4.824   1.00 14.07 ? 186  LYS A O   1 
ATOM   149  C CB  . LYS A 1 18 ? -5.833  -15.620 3.156   1.00 16.37 ? 186  LYS A CB  1 
ATOM   150  C CG  . LYS A 1 18 ? -6.484  -15.620 1.771   1.00 21.05 ? 186  LYS A CG  1 
ATOM   151  C CD  . LYS A 1 18 ? -6.069  -14.402 0.958   1.00 24.73 ? 186  LYS A CD  1 
ATOM   152  C CE  . LYS A 1 18 ? -7.046  -14.152 -0.173  1.00 27.93 ? 186  LYS A CE  1 
ATOM   153  N NZ  . LYS A 1 18 ? -7.350  -15.411 -0.904  1.00 28.52 ? 186  LYS A NZ  1 
ATOM   154  N N   A LEU A 1 19 ? -2.858  -15.992 5.025   0.70 12.15 ? 187  LEU A N   1 
ATOM   155  N N   B LEU A 1 19 ? -2.833  -15.982 5.005   0.30 12.24 ? 187  LEU A N   1 
ATOM   156  C CA  A LEU A 1 19 ? -2.148  -15.558 6.225   0.70 12.23 ? 187  LEU A CA  1 
ATOM   157  C CA  B LEU A 1 19 ? -2.139  -15.573 6.219   0.30 11.53 ? 187  LEU A CA  1 
ATOM   158  C C   A LEU A 1 19 ? -0.959  -14.714 5.760   0.70 10.71 ? 187  LEU A C   1 
ATOM   159  C C   B LEU A 1 19 ? -0.937  -14.742 5.771   0.30 10.68 ? 187  LEU A C   1 
ATOM   160  O O   A LEU A 1 19 ? -0.437  -13.897 6.510   0.70 10.80 ? 187  LEU A O   1 
ATOM   161  O O   B LEU A 1 19 ? -0.382  -13.963 6.543   0.30 10.67 ? 187  LEU A O   1 
ATOM   162  C CB  A LEU A 1 19 ? -1.622  -16.754 7.022   0.70 14.18 ? 187  LEU A CB  1 
ATOM   163  C CB  B LEU A 1 19 ? -1.645  -16.789 7.006   0.30 11.98 ? 187  LEU A CB  1 
ATOM   164  C CG  A LEU A 1 19 ? -0.831  -16.374 8.272   0.70 15.90 ? 187  LEU A CG  1 
ATOM   165  C CG  B LEU A 1 19 ? -1.256  -16.507 8.458   0.30 12.28 ? 187  LEU A CG  1 
ATOM   166  C CD1 A LEU A 1 19 ? -1.741  -15.670 9.258   0.70 18.12 ? 187  LEU A CD1 1 
ATOM   167  C CD1 B LEU A 1 19 ? -2.523  -16.348 9.288   0.30 11.59 ? 187  LEU A CD1 1 
ATOM   168  C CD2 A LEU A 1 19 ? -0.227  -17.616 8.901   0.70 17.09 ? 187  LEU A CD2 1 
ATOM   169  C CD2 B LEU A 1 19 ? -0.412  -17.642 9.008   0.30 12.88 ? 187  LEU A CD2 1 
ATOM   170  N N   . GLU A 1 20 ? -0.545  -14.922 4.510   1.00 10.10 ? 188  GLU A N   1 
ATOM   171  C CA  . GLU A 1 20 ? 0.597   -14.210 3.931   1.00 10.09 ? 188  GLU A CA  1 
ATOM   172  C C   . GLU A 1 20 ? 0.148   -13.014 3.100   1.00 8.78  ? 188  GLU A C   1 
ATOM   173  O O   . GLU A 1 20 ? -0.872  -13.050 2.412   1.00 11.72 ? 188  GLU A O   1 
ATOM   174  C CB  . GLU A 1 20 ? 1.441   -15.186 3.097   1.00 9.79  ? 188  GLU A CB  1 
ATOM   175  C CG  . GLU A 1 20 ? 1.938   -16.340 3.974   1.00 12.54 ? 188  GLU A CG  1 
ATOM   176  C CD  . GLU A 1 20 ? 2.740   -17.379 3.242   1.00 12.62 ? 188  GLU A CD  1 
ATOM   177  O OE1 . GLU A 1 20 ? 3.106   -17.163 2.081   1.00 14.14 ? 188  GLU A OE1 1 
ATOM   178  O OE2 . GLU A 1 20 ? 3.023   -18.426 3.860   1.00 17.42 ? 188  GLU A OE2 1 
ATOM   179  N N   . LEU A 1 21 ? 0.923   -11.937 3.203   1.00 9.18  ? 189  LEU A N   1 
ATOM   180  C CA  . LEU A 1 21 ? 0.628   -10.682 2.525   1.00 10.33 ? 189  LEU A CA  1 
ATOM   181  C C   . LEU A 1 21 ? 1.218   -10.590 1.125   1.00 10.92 ? 189  LEU A C   1 
ATOM   182  O O   . LEU A 1 21 ? 2.442   -10.598 0.982   1.00 13.02 ? 189  LEU A O   1 
ATOM   183  C CB  . LEU A 1 21 ? 1.206   -9.552  3.382   1.00 11.11 ? 189  LEU A CB  1 
ATOM   184  C CG  . LEU A 1 21 ? 0.862   -8.122  3.006   1.00 14.30 ? 189  LEU A CG  1 
ATOM   185  C CD1 . LEU A 1 21 ? -0.583  -7.859  3.428   1.00 12.86 ? 189  LEU A CD1 1 
ATOM   186  C CD2 . LEU A 1 21 ? 1.815   -7.160  3.697   1.00 12.72 ? 189  LEU A CD2 1 
ATOM   187  N N   . ASN A 1 22 ? 0.361   -10.448 0.108   1.00 9.62  ? 190  ASN A N   1 
ATOM   188  C CA  . ASN A 1 22 ? 0.814   -10.325 -1.283  1.00 10.33 ? 190  ASN A CA  1 
ATOM   189  C C   . ASN A 1 22 ? 1.143   -8.869  -1.604  1.00 9.75  ? 190  ASN A C   1 
ATOM   190  O O   . ASN A 1 22 ? 0.455   -7.949  -1.146  1.00 11.49 ? 190  ASN A O   1 
ATOM   191  C CB  . ASN A 1 22 ? -0.291  -10.766 -2.256  1.00 13.78 ? 190  ASN A CB  1 
ATOM   192  C CG  . ASN A 1 22 ? -0.517  -12.272 -2.263  1.00 14.65 ? 190  ASN A CG  1 
ATOM   193  O OD1 . ASN A 1 22 ? 0.169   -13.025 -1.585  1.00 18.30 ? 190  ASN A OD1 1 
ATOM   194  N ND2 . ASN A 1 22 ? -1.498  -12.711 -3.047  1.00 23.10 ? 190  ASN A ND2 1 
ATOM   195  N N   . PHE A 1 23 ? 2.197   -8.658  -2.389  1.00 9.74  ? 191  PHE A N   1 
ATOM   196  C CA  . PHE A 1 23 ? 2.518   -7.296  -2.803  1.00 9.87  ? 191  PHE A CA  1 
ATOM   197  C C   . PHE A 1 23 ? 3.394   -7.290  -4.034  1.00 9.33  ? 191  PHE A C   1 
ATOM   198  O O   . PHE A 1 23 ? 3.865   -8.328  -4.474  1.00 10.94 ? 191  PHE A O   1 
ATOM   199  C CB  . PHE A 1 23 ? 3.183   -6.492  -1.669  1.00 10.18 ? 191  PHE A CB  1 
ATOM   200  C CG  . PHE A 1 23 ? 4.353   -7.172  -1.020  1.00 8.87  ? 191  PHE A CG  1 
ATOM   201  C CD1 . PHE A 1 23 ? 5.598   -7.250  -1.641  1.00 9.46  ? 191  PHE A CD1 1 
ATOM   202  C CD2 . PHE A 1 23 ? 4.201   -7.707  0.249   1.00 9.90  ? 191  PHE A CD2 1 
ATOM   203  C CE1 . PHE A 1 23 ? 6.680   -7.857  -0.988  1.00 10.38 ? 191  PHE A CE1 1 
ATOM   204  C CE2 . PHE A 1 23 ? 5.253   -8.306  0.902   1.00 9.54  ? 191  PHE A CE2 1 
ATOM   205  C CZ  . PHE A 1 23 ? 6.498   -8.387  0.303   1.00 10.46 ? 191  PHE A CZ  1 
ATOM   206  N N   A LYS A 1 24 ? 3.578   -6.104  -4.611  0.50 9.58  ? 192  LYS A N   1 
ATOM   207  N N   B LYS A 1 24 ? 3.590   -6.107  -4.607  0.50 9.99  ? 192  LYS A N   1 
ATOM   208  C CA  A LYS A 1 24 ? 4.409   -5.934  -5.804  0.50 9.46  ? 192  LYS A CA  1 
ATOM   209  C CA  B LYS A 1 24 ? 4.430   -5.962  -5.793  0.50 10.11 ? 192  LYS A CA  1 
ATOM   210  C C   A LYS A 1 24 ? 5.624   -5.084  -5.459  0.50 9.63  ? 192  LYS A C   1 
ATOM   211  C C   B LYS A 1 24 ? 5.623   -5.084  -5.462  0.50 10.06 ? 192  LYS A C   1 
ATOM   212  O O   A LYS A 1 24 ? 5.565   -4.256  -4.545  0.50 9.32  ? 192  LYS A O   1 
ATOM   213  O O   B LYS A 1 24 ? 5.550   -4.240  -4.566  0.50 9.72  ? 192  LYS A O   1 
ATOM   214  C CB  A LYS A 1 24 ? 3.634   -5.209  -6.906  0.50 10.44 ? 192  LYS A CB  1 
ATOM   215  C CB  B LYS A 1 24 ? 3.644   -5.318  -6.930  0.50 11.98 ? 192  LYS A CB  1 
ATOM   216  C CG  A LYS A 1 24 ? 2.338   -5.875  -7.326  0.50 13.34 ? 192  LYS A CG  1 
ATOM   217  C CG  B LYS A 1 24 ? 2.429   -6.113  -7.338  0.50 15.47 ? 192  LYS A CG  1 
ATOM   218  C CD  A LYS A 1 24 ? 2.586   -7.258  -7.914  0.50 15.23 ? 192  LYS A CD  1 
ATOM   219  C CD  B LYS A 1 24 ? 1.651   -5.404  -8.422  0.50 17.81 ? 192  LYS A CD  1 
ATOM   220  C CE  A LYS A 1 24 ? 1.316   -7.848  -8.542  0.50 17.24 ? 192  LYS A CE  1 
ATOM   221  C CE  B LYS A 1 24 ? 0.350   -6.126  -8.720  0.50 19.73 ? 192  LYS A CE  1 
ATOM   222  N NZ  A LYS A 1 24 ? 0.862   -7.063  -9.723  0.50 17.42 ? 192  LYS A NZ  1 
ATOM   223  N NZ  B LYS A 1 24 ? -0.480  -5.343  -9.677  0.50 22.21 ? 192  LYS A NZ  1 
ATOM   224  N N   . ALA A 1 25 ? 6.720   -5.287  -6.186  1.00 9.68  ? 193  ALA A N   1 
ATOM   225  C CA  . ALA A 1 25 ? 7.921   -4.499  -5.981  1.00 9.35  ? 193  ALA A CA  1 
ATOM   226  C C   . ALA A 1 25 ? 7.540   -3.020  -6.050  1.00 9.92  ? 193  ALA A C   1 
ATOM   227  O O   . ALA A 1 25 ? 6.808   -2.612  -6.965  1.00 10.76 ? 193  ALA A O   1 
ATOM   228  C CB  . ALA A 1 25 ? 8.927   -4.816  -7.061  1.00 9.90  ? 193  ALA A CB  1 
ATOM   229  N N   . GLY A 1 26 ? 8.013   -2.238  -5.079  1.00 9.05  ? 194  GLY A N   1 
ATOM   230  C CA  . GLY A 1 26 ? 7.715   -0.820  -5.052  1.00 9.15  ? 194  GLY A CA  1 
ATOM   231  C C   . GLY A 1 26 ? 6.588   -0.446  -4.107  1.00 9.16  ? 194  GLY A C   1 
ATOM   232  O O   . GLY A 1 26 ? 6.449   0.722   -3.739  1.00 10.85 ? 194  GLY A O   1 
ATOM   233  N N   . ASP A 1 27 ? 5.778   -1.426  -3.705  1.00 9.24  ? 195  ASP A N   1 
ATOM   234  C CA  . ASP A 1 27 ? 4.694   -1.137  -2.771  1.00 9.55  ? 195  ASP A CA  1 
ATOM   235  C C   . ASP A 1 27 ? 5.263   -0.706  -1.416  1.00 9.75  ? 195  ASP A C   1 
ATOM   236  O O   . ASP A 1 27 ? 6.354   -1.134  -1.019  1.00 9.50  ? 195  ASP A O   1 
ATOM   237  C CB  . ASP A 1 27 ? 3.851   -2.387  -2.488  1.00 8.40  ? 195  ASP A CB  1 
ATOM   238  C CG  . ASP A 1 27 ? 2.917   -2.778  -3.629  1.00 9.98  ? 195  ASP A CG  1 
ATOM   239  O OD1 . ASP A 1 27 ? 2.793   -2.058  -4.642  1.00 10.97 ? 195  ASP A OD1 1 
ATOM   240  O OD2 . ASP A 1 27 ? 2.269   -3.839  -3.473  1.00 10.71 ? 195  ASP A OD2 1 
ATOM   241  N N   . VAL A 1 28 ? 4.508   0.142   -0.712  1.00 9.14  ? 196  VAL A N   1 
ATOM   242  C CA  . VAL A 1 28 ? 4.887   0.572   0.631   1.00 8.88  ? 196  VAL A CA  1 
ATOM   243  C C   . VAL A 1 28 ? 4.003   -0.234  1.598   1.00 8.20  ? 196  VAL A C   1 
ATOM   244  O O   . VAL A 1 28 ? 2.762   -0.224  1.532   1.00 8.84  ? 196  VAL A O   1 
ATOM   245  C CB  . VAL A 1 28 ? 4.680   2.092   0.825   1.00 9.08  ? 196  VAL A CB  1 
ATOM   246  C CG1 . VAL A 1 28 ? 4.948   2.486   2.283   1.00 10.02 ? 196  VAL A CG1 1 
ATOM   247  C CG2 . VAL A 1 28 ? 5.614   2.854   -0.113  1.00 10.77 ? 196  VAL A CG2 1 
ATOM   248  N N   . ILE A 1 29 ? 4.660   -0.964  2.485   1.00 8.86  ? 197  ILE A N   1 
ATOM   249  C CA  . ILE A 1 29 ? 3.964   -1.816  3.450   1.00 9.55  ? 197  ILE A CA  1 
ATOM   250  C C   . ILE A 1 29 ? 3.998   -1.168  4.821   1.00 9.15  ? 197  ILE A C   1 
ATOM   251  O O   . ILE A 1 29 ? 5.055   -0.737  5.270   1.00 10.20 ? 197  ILE A O   1 
ATOM   252  C CB  . ILE A 1 29 ? 4.643   -3.196  3.515   1.00 9.73  ? 197  ILE A CB  1 
ATOM   253  C CG1 . ILE A 1 29 ? 4.601   -3.868  2.137   1.00 13.28 ? 197  ILE A CG1 1 
ATOM   254  C CG2 . ILE A 1 29 ? 3.960   -4.088  4.528   1.00 10.22 ? 197  ILE A CG2 1 
ATOM   255  C CD1 . ILE A 1 29 ? 5.730   -4.873  1.960   1.00 15.13 ? 197  ILE A CD1 1 
ATOM   256  N N   . PHE A 1 30 ? 2.846   -1.073  5.469   1.00 9.19  ? 198  PHE A N   1 
ATOM   257  C CA  . PHE A 1 30 ? 2.771   -0.459  6.802   1.00 9.09  ? 198  PHE A CA  1 
ATOM   258  C C   . PHE A 1 30 ? 2.975   -1.579  7.809   1.00 8.75  ? 198  PHE A C   1 
ATOM   259  O O   . PHE A 1 30 ? 2.188   -2.544  7.859   1.00 9.67  ? 198  PHE A O   1 
ATOM   260  C CB  . PHE A 1 30 ? 1.432   0.271   6.937   1.00 9.88  ? 198  PHE A CB  1 
ATOM   261  C CG  . PHE A 1 30 ? 1.312   1.426   5.988   1.00 11.58 ? 198  PHE A CG  1 
ATOM   262  C CD1 . PHE A 1 30 ? 0.926   1.244   4.662   1.00 11.67 ? 198  PHE A CD1 1 
ATOM   263  C CD2 . PHE A 1 30 ? 1.694   2.692   6.403   1.00 12.72 ? 198  PHE A CD2 1 
ATOM   264  C CE1 . PHE A 1 30 ? 0.930   2.325   3.760   1.00 10.71 ? 198  PHE A CE1 1 
ATOM   265  C CE2 . PHE A 1 30 ? 1.707   3.773   5.530   1.00 13.75 ? 198  PHE A CE2 1 
ATOM   266  C CZ  . PHE A 1 30 ? 1.328   3.598   4.210   1.00 11.67 ? 198  PHE A CZ  1 
ATOM   267  N N   . LEU A 1 31 ? 4.058   -1.465  8.578   1.00 9.53  ? 199  LEU A N   1 
ATOM   268  C CA  . LEU A 1 31 ? 4.443   -2.502  9.527   1.00 9.86  ? 199  LEU A CA  1 
ATOM   269  C C   . LEU A 1 31 ? 3.600   -2.598  10.783  1.00 11.18 ? 199  LEU A C   1 
ATOM   270  O O   . LEU A 1 31 ? 3.149   -1.593  11.336  1.00 12.36 ? 199  LEU A O   1 
ATOM   271  C CB  . LEU A 1 31 ? 5.921   -2.339  9.922   1.00 10.54 ? 199  LEU A CB  1 
ATOM   272  C CG  . LEU A 1 31 ? 6.902   -2.315  8.746   1.00 11.11 ? 199  LEU A CG  1 
ATOM   273  C CD1 . LEU A 1 31 ? 8.298   -2.198  9.269   1.00 12.53 ? 199  LEU A CD1 1 
ATOM   274  C CD2 . LEU A 1 31 ? 6.787   -3.590  7.935   1.00 11.51 ? 199  LEU A CD2 1 
ATOM   275  N N   . LEU A 1 32 ? 3.389   -3.831  11.234  1.00 10.95 ? 200  LEU A N   1 
ATOM   276  C CA  . LEU A 1 32 ? 2.574   -4.062  12.436  1.00 11.24 ? 200  LEU A CA  1 
ATOM   277  C C   . LEU A 1 32 ? 3.281   -4.822  13.542  1.00 12.16 ? 200  LEU A C   1 
ATOM   278  O O   . LEU A 1 32 ? 3.128   -4.505  14.727  1.00 11.57 ? 200  LEU A O   1 
ATOM   279  C CB  . LEU A 1 32 ? 1.293   -4.806  12.069  1.00 11.24 ? 200  LEU A CB  1 
ATOM   280  C CG  . LEU A 1 32 ? 0.329   -4.008  11.196  1.00 13.39 ? 200  LEU A CG  1 
ATOM   281  C CD1 . LEU A 1 32 ? -0.742  -4.927  10.642  1.00 12.63 ? 200  LEU A CD1 1 
ATOM   282  C CD2 . LEU A 1 32 ? -0.277  -2.872  12.019  1.00 14.39 ? 200  LEU A CD2 1 
ATOM   283  N N   A SER A 1 33 ? 4.045   -5.837  13.169  0.50 10.54 ? 201  SER A N   1 
ATOM   284  N N   B SER A 1 33 ? 4.066   -5.820  13.169  0.50 11.40 ? 201  SER A N   1 
ATOM   285  C CA  A SER A 1 33 ? 4.732   -6.647  14.169  0.50 11.39 ? 201  SER A CA  1 
ATOM   286  C CA  B SER A 1 33 ? 4.783   -6.598  14.171  0.50 12.97 ? 201  SER A CA  1 
ATOM   287  C C   A SER A 1 33 ? 5.819   -7.492  13.523  0.50 12.18 ? 201  SER A C   1 
ATOM   288  C C   B SER A 1 33 ? 5.855   -7.449  13.521  0.50 13.02 ? 201  SER A C   1 
ATOM   289  O O   A SER A 1 33 ? 5.899   -7.594  12.296  0.50 12.66 ? 201  SER A O   1 
ATOM   290  O O   B SER A 1 33 ? 5.949   -7.526  12.292  0.50 13.10 ? 201  SER A O   1 
ATOM   291  C CB  A SER A 1 33 ? 3.705   -7.553  14.868  0.50 12.08 ? 201  SER A CB  1 
ATOM   292  C CB  B SER A 1 33 ? 3.809   -7.496  14.936  0.50 14.75 ? 201  SER A CB  1 
ATOM   293  O OG  A SER A 1 33 ? 4.315   -8.468  15.764  0.50 10.69 ? 201  SER A OG  1 
ATOM   294  O OG  B SER A 1 33 ? 3.220   -8.455  14.078  0.50 17.73 ? 201  SER A OG  1 
ATOM   295  N N   . ARG A 1 34 ? 6.682   -8.073  14.348  1.00 14.66 ? 202  ARG A N   1 
ATOM   296  C CA  . ARG A 1 34 ? 7.716   -8.946  13.839  1.00 16.04 ? 202  ARG A CA  1 
ATOM   297  C C   . ARG A 1 34 ? 7.342   -10.346 14.291  1.00 16.70 ? 202  ARG A C   1 
ATOM   298  O O   . ARG A 1 34 ? 6.991   -10.560 15.448  1.00 17.28 ? 202  ARG A O   1 
ATOM   299  C CB  . ARG A 1 34 ? 9.100   -8.572  14.338  1.00 18.53 ? 202  ARG A CB  1 
ATOM   300  C CG  . ARG A 1 34 ? 10.147  -9.386  13.605  1.00 20.06 ? 202  ARG A CG  1 
ATOM   301  C CD  . ARG A 1 34 ? 11.499  -8.768  13.687  1.00 21.43 ? 202  ARG A CD  1 
ATOM   302  N NE  . ARG A 1 34 ? 12.475  -9.526  12.917  1.00 22.14 ? 202  ARG A NE  1 
ATOM   303  C CZ  . ARG A 1 34 ? 13.697  -9.093  12.641  1.00 24.37 ? 202  ARG A CZ  1 
ATOM   304  N NH1 . ARG A 1 34 ? 14.090  -7.901  13.069  1.00 24.34 ? 202  ARG A NH1 1 
ATOM   305  N NH2 . ARG A 1 34 ? 14.533  -9.859  11.948  1.00 24.69 ? 202  ARG A NH2 1 
ATOM   306  N N   . ILE A 1 35 ? 7.413   -11.300 13.371  1.00 15.51 ? 203  ILE A N   1 
ATOM   307  C CA  . ILE A 1 35 ? 7.042   -12.689 13.647  1.00 18.30 ? 203  ILE A CA  1 
ATOM   308  C C   . ILE A 1 35 ? 8.238   -13.483 14.155  1.00 18.92 ? 203  ILE A C   1 
ATOM   309  O O   . ILE A 1 35 ? 8.152   -14.161 15.183  1.00 20.48 ? 203  ILE A O   1 
ATOM   310  C CB  . ILE A 1 35 ? 6.468   -13.362 12.372  1.00 18.76 ? 203  ILE A CB  1 
ATOM   311  C CG1 . ILE A 1 35 ? 5.197   -12.642 11.918  1.00 18.59 ? 203  ILE A CG1 1 
ATOM   312  C CG2 . ILE A 1 35 ? 6.198   -14.831 12.641  1.00 18.99 ? 203  ILE A CG2 1 
ATOM   313  C CD1 . ILE A 1 35 ? 4.099   -12.598 12.971  1.00 18.98 ? 203  ILE A CD1 1 
ATOM   314  N N   . ASN A 1 36 ? 9.337   -13.432 13.412  1.00 17.47 ? 204  ASN A N   1 
ATOM   315  C CA  . ASN A 1 36 ? 10.580  -14.082 13.824  1.00 18.29 ? 204  ASN A CA  1 
ATOM   316  C C   . ASN A 1 36 ? 11.731  -13.459 13.046  1.00 17.57 ? 204  ASN A C   1 
ATOM   317  O O   . ASN A 1 36 ? 11.555  -12.427 12.400  1.00 16.59 ? 204  ASN A O   1 
ATOM   318  C CB  . ASN A 1 36 ? 10.529  -15.613 13.656  1.00 17.88 ? 204  ASN A CB  1 
ATOM   319  C CG  . ASN A 1 36 ? 10.375  -16.065 12.209  1.00 17.10 ? 204  ASN A CG  1 
ATOM   320  O OD1 . ASN A 1 36 ? 10.709  -15.346 11.271  1.00 15.15 ? 204  ASN A OD1 1 
ATOM   321  N ND2 . ASN A 1 36 ? 9.894   -17.290 12.036  1.00 17.85 ? 204  ASN A ND2 1 
ATOM   322  N N   . LYS A 1 37 ? 12.915  -14.054 13.090  1.00 17.09 ? 205  LYS A N   1 
ATOM   323  C CA  . LYS A 1 37 ? 14.052  -13.462 12.399  1.00 16.93 ? 205  LYS A CA  1 
ATOM   324  C C   . LYS A 1 37 ? 13.842  -13.225 10.901  1.00 15.24 ? 205  LYS A C   1 
ATOM   325  O O   . LYS A 1 37 ? 14.384  -12.275 10.334  1.00 17.39 ? 205  LYS A O   1 
ATOM   326  C CB  . LYS A 1 37 ? 15.307  -14.329 12.590  1.00 18.60 ? 205  LYS A CB  1 
ATOM   327  C CG  . LYS A 1 37 ? 15.180  -15.709 11.957  1.00 21.00 ? 205  LYS A CG  1 
ATOM   328  C CD  . LYS A 1 37 ? 16.331  -16.648 12.330  0.50 19.79 ? 205  LYS A CD  1 
ATOM   329  C CE  . LYS A 1 37 ? 16.129  -18.021 11.697  0.50 20.16 ? 205  LYS A CE  1 
ATOM   330  N NZ  . LYS A 1 37 ? 17.099  -19.037 12.202  0.50 19.96 ? 205  LYS A NZ  1 
ATOM   331  N N   . ASP A 1 38 ? 13.040  -14.079 10.268  1.00 14.32 ? 206  ASP A N   1 
ATOM   332  C CA  . ASP A 1 38 ? 12.837  -13.972 8.828   1.00 13.60 ? 206  ASP A CA  1 
ATOM   333  C C   . ASP A 1 38 ? 11.522  -13.366 8.359   1.00 12.98 ? 206  ASP A C   1 
ATOM   334  O O   . ASP A 1 38 ? 11.421  -13.003 7.195   1.00 11.99 ? 206  ASP A O   1 
ATOM   335  C CB  . ASP A 1 38 ? 12.939  -15.363 8.177   1.00 14.70 ? 206  ASP A CB  1 
ATOM   336  C CG  . ASP A 1 38 ? 14.300  -16.009 8.358   1.00 16.48 ? 206  ASP A CG  1 
ATOM   337  O OD1 . ASP A 1 38 ? 15.315  -15.302 8.262   1.00 18.47 ? 206  ASP A OD1 1 
ATOM   338  O OD2 . ASP A 1 38 ? 14.337  -17.243 8.567   1.00 21.47 ? 206  ASP A OD2 1 
ATOM   339  N N   . TRP A 1 39 ? 10.533  -13.260 9.239   1.00 11.87 ? 207  TRP A N   1 
ATOM   340  C CA  . TRP A 1 39 ? 9.216   -12.785 8.833   1.00 11.13 ? 207  TRP A CA  1 
ATOM   341  C C   . TRP A 1 39 ? 8.685   -11.605 9.615   1.00 11.76 ? 207  TRP A C   1 
ATOM   342  O O   . TRP A 1 39 ? 8.867   -11.521 10.820  1.00 11.65 ? 207  TRP A O   1 
ATOM   343  C CB  . TRP A 1 39 ? 8.176   -13.922 8.961   1.00 11.74 ? 207  TRP A CB  1 
ATOM   344  C CG  . TRP A 1 39 ? 8.426   -15.125 8.074   1.00 9.47  ? 207  TRP A CG  1 
ATOM   345  C CD1 . TRP A 1 39 ? 9.332   -16.120 8.272   1.00 10.61 ? 207  TRP A CD1 1 
ATOM   346  C CD2 . TRP A 1 39 ? 7.794   -15.392 6.819   1.00 9.69  ? 207  TRP A CD2 1 
ATOM   347  N NE1 . TRP A 1 39 ? 9.316   -16.995 7.203   1.00 10.66 ? 207  TRP A NE1 1 
ATOM   348  C CE2 . TRP A 1 39 ? 8.375   -16.565 6.299   1.00 10.00 ? 207  TRP A CE2 1 
ATOM   349  C CE3 . TRP A 1 39 ? 6.790   -14.752 6.092   1.00 10.20 ? 207  TRP A CE3 1 
ATOM   350  C CZ2 . TRP A 1 39 ? 7.994   -17.107 5.083   1.00 9.28  ? 207  TRP A CZ2 1 
ATOM   351  C CZ3 . TRP A 1 39 ? 6.391   -15.297 4.869   1.00 9.35  ? 207  TRP A CZ3 1 
ATOM   352  C CH2 . TRP A 1 39 ? 7.000   -16.465 4.378   1.00 9.65  ? 207  TRP A CH2 1 
ATOM   353  N N   . LEU A 1 40 ? 8.026   -10.694 8.908   1.00 9.82  ? 208  LEU A N   1 
ATOM   354  C CA  . LEU A 1 40 ? 7.375   -9.526  9.505   1.00 10.56 ? 208  LEU A CA  1 
ATOM   355  C C   . LEU A 1 40 ? 5.874   -9.630  9.222   1.00 9.49  ? 208  LEU A C   1 
ATOM   356  O O   . LEU A 1 40 ? 5.434   -10.477 8.443   1.00 10.68 ? 208  LEU A O   1 
ATOM   357  C CB  . LEU A 1 40 ? 7.910   -8.220  8.888   1.00 11.71 ? 208  LEU A CB  1 
ATOM   358  C CG  . LEU A 1 40 ? 9.372   -7.850  9.116   1.00 14.92 ? 208  LEU A CG  1 
ATOM   359  C CD1 . LEU A 1 40 ? 9.642   -6.514  8.480   1.00 14.79 ? 208  LEU A CD1 1 
ATOM   360  C CD2 . LEU A 1 40 ? 9.667   -7.814  10.603  1.00 16.45 ? 208  LEU A CD2 1 
ATOM   361  N N   . GLU A 1 41 ? 5.089   -8.787  9.885   1.00 9.86  ? 209  GLU A N   1 
ATOM   362  C CA  . GLU A 1 41 ? 3.655   -8.731  9.669   1.00 9.14  ? 209  GLU A CA  1 
ATOM   363  C C   . GLU A 1 41 ? 3.337   -7.278  9.329   1.00 10.37 ? 209  GLU A C   1 
ATOM   364  O O   . GLU A 1 41 ? 3.851   -6.346  9.969   1.00 11.22 ? 209  GLU A O   1 
ATOM   365  C CB  . GLU A 1 41 ? 2.894   -9.151  10.938  1.00 10.38 ? 209  GLU A CB  1 
ATOM   366  C CG  . GLU A 1 41 ? 1.375   -9.180  10.765  1.00 12.38 ? 209  GLU A CG  1 
ATOM   367  C CD  . GLU A 1 41 ? 0.655   -9.407  12.068  1.00 14.15 ? 209  GLU A CD  1 
ATOM   368  O OE1 . GLU A 1 41 ? 1.161   -10.186 12.902  1.00 16.49 ? 209  GLU A OE1 1 
ATOM   369  O OE2 . GLU A 1 41 ? -0.406  -8.796  12.261  1.00 13.57 ? 209  GLU A OE2 1 
ATOM   370  N N   . GLY A 1 42 ? 2.476   -7.069  8.339   1.00 9.06  ? 210  GLY A N   1 
ATOM   371  C CA  . GLY A 1 42 ? 2.115   -5.709  7.968   1.00 8.61  ? 210  GLY A CA  1 
ATOM   372  C C   . GLY A 1 42 ? 0.865   -5.668  7.121   1.00 8.31  ? 210  GLY A C   1 
ATOM   373  O O   . GLY A 1 42 ? 0.179   -6.684  6.948   1.00 9.22  ? 210  GLY A O   1 
ATOM   374  N N   . THR A 1 43 ? 0.567   -4.482  6.596   1.00 8.48  ? 211  THR A N   1 
ATOM   375  C CA  . THR A 1 43 ? -0.597  -4.316  5.751   1.00 9.97  ? 211  THR A CA  1 
ATOM   376  C C   . THR A 1 43 ? -0.331  -3.501  4.493   1.00 9.95  ? 211  THR A C   1 
ATOM   377  O O   . THR A 1 43 ? 0.427   -2.514  4.490   1.00 9.57  ? 211  THR A O   1 
ATOM   378  C CB  . THR A 1 43 ? -1.787  -3.663  6.538   1.00 11.00 ? 211  THR A CB  1 
ATOM   379  O OG1 . THR A 1 43 ? -2.942  -3.587  5.691   1.00 11.92 ? 211  THR A OG1 1 
ATOM   380  C CG2 . THR A 1 43 ? -1.418  -2.267  7.042   1.00 14.49 ? 211  THR A CG2 1 
ATOM   381  N N   . VAL A 1 44 ? -0.927  -3.976  3.403   1.00 7.77  ? 212  VAL A N   1 
ATOM   382  C CA  . VAL A 1 44 ? -0.902  -3.279  2.126   1.00 8.85  ? 212  VAL A CA  1 
ATOM   383  C C   . VAL A 1 44 ? -2.030  -3.891  1.292   1.00 9.47  ? 212  VAL A C   1 
ATOM   384  O O   . VAL A 1 44 ? -2.426  -5.040  1.497   1.00 10.04 ? 212  VAL A O   1 
ATOM   385  C CB  . VAL A 1 44 ? 0.455   -3.416  1.402   1.00 8.69  ? 212  VAL A CB  1 
ATOM   386  C CG1 . VAL A 1 44 ? 0.639   -4.820  0.853   1.00 11.02 ? 212  VAL A CG1 1 
ATOM   387  C CG2 . VAL A 1 44 ? 0.562   -2.355  0.307   1.00 10.40 ? 212  VAL A CG2 1 
ATOM   388  N N   . ARG A 1 45 ? -2.549  -3.107  0.357   1.00 9.20  ? 213  ARG A N   1 
ATOM   389  C CA  . ARG A 1 45 ? -3.617  -3.537  -0.528  1.00 9.65  ? 213  ARG A CA  1 
ATOM   390  C C   . ARG A 1 45 ? -4.882  -4.009  0.200   1.00 10.96 ? 213  ARG A C   1 
ATOM   391  O O   . ARG A 1 45 ? -5.656  -4.832  -0.309  1.00 12.17 ? 213  ARG A O   1 
ATOM   392  C CB  . ARG A 1 45 ? -3.074  -4.592  -1.506  1.00 10.30 ? 213  ARG A CB  1 
ATOM   393  C CG  . ARG A 1 45 ? -2.070  -3.982  -2.494  1.00 11.00 ? 213  ARG A CG  1 
ATOM   394  C CD  . ARG A 1 45 ? -1.284  -4.991  -3.339  1.00 11.41 ? 213  ARG A CD  1 
ATOM   395  N NE  . ARG A 1 45 ? -0.306  -4.308  -4.194  1.00 11.41 ? 213  ARG A NE  1 
ATOM   396  C CZ  . ARG A 1 45 ? -0.551  -3.840  -5.414  1.00 10.26 ? 213  ARG A CZ  1 
ATOM   397  N NH1 . ARG A 1 45 ? -1.749  -3.996  -5.962  1.00 13.41 ? 213  ARG A NH1 1 
ATOM   398  N NH2 . ARG A 1 45 ? 0.391   -3.157  -6.069  1.00 11.73 ? 213  ARG A NH2 1 
ATOM   399  N N   . GLY A 1 46 ? -5.084  -3.456  1.389   1.00 11.16 ? 214  GLY A N   1 
ATOM   400  C CA  . GLY A 1 46 ? -6.268  -3.766  2.180   1.00 12.39 ? 214  GLY A CA  1 
ATOM   401  C C   . GLY A 1 46 ? -6.210  -5.024  3.021   1.00 13.50 ? 214  GLY A C   1 
ATOM   402  O O   . GLY A 1 46 ? -7.155  -5.305  3.757   1.00 14.99 ? 214  GLY A O   1 
ATOM   403  N N   . ALA A 1 47 ? -5.118  -5.768  2.916   1.00 10.46 ? 215  ALA A N   1 
ATOM   404  C CA  . ALA A 1 47 ? -4.962  -7.009  3.659   1.00 10.71 ? 215  ALA A CA  1 
ATOM   405  C C   . ALA A 1 47 ? -3.875  -6.893  4.713   1.00 10.56 ? 215  ALA A C   1 
ATOM   406  O O   . ALA A 1 47 ? -3.019  -6.009  4.659   1.00 10.58 ? 215  ALA A O   1 
ATOM   407  C CB  . ALA A 1 47 ? -4.627  -8.149  2.692   1.00 10.79 ? 215  ALA A CB  1 
ATOM   408  N N   . THR A 1 48 ? -3.927  -7.800  5.676   1.00 9.54  ? 216  THR A N   1 
ATOM   409  C CA  . THR A 1 48 ? -2.940  -7.877  6.745   1.00 9.88  ? 216  THR A CA  1 
ATOM   410  C C   . THR A 1 48 ? -2.408  -9.305  6.738   1.00 10.39 ? 216  THR A C   1 
ATOM   411  O O   . THR A 1 48 ? -3.177  -10.276 6.609   1.00 12.41 ? 216  THR A O   1 
ATOM   412  C CB  . THR A 1 48 ? -3.575  -7.558  8.114   1.00 11.55 ? 216  THR A CB  1 
ATOM   413  O OG1 . THR A 1 48 ? -4.016  -6.192  8.123   1.00 12.29 ? 216  THR A OG1 1 
ATOM   414  C CG2 . THR A 1 48 ? -2.581  -7.762  9.245   1.00 12.07 ? 216  THR A CG2 1 
ATOM   415  N N   . GLY A 1 49 ? -1.097  -9.445  6.852   1.00 9.77  ? 217  GLY A N   1 
ATOM   416  C CA  . GLY A 1 49 ? -0.500  -10.760 6.845   1.00 9.76  ? 217  GLY A CA  1 
ATOM   417  C C   . GLY A 1 49 ? 1.004   -10.723 7.013   1.00 8.30  ? 217  GLY A C   1 
ATOM   418  O O   . GLY A 1 49 ? 1.602   -9.657  7.214   1.00 9.20  ? 217  GLY A O   1 
ATOM   419  N N   . ILE A 1 50 ? 1.622   -11.900 6.915   1.00 9.42  ? 218  ILE A N   1 
ATOM   420  C CA  . ILE A 1 50 ? 3.057   -12.020 7.090   1.00 9.21  ? 218  ILE A CA  1 
ATOM   421  C C   . ILE A 1 50 ? 3.807   -12.061 5.763   1.00 9.52  ? 218  ILE A C   1 
ATOM   422  O O   . ILE A 1 50 ? 3.258   -12.430 4.726   1.00 9.77  ? 218  ILE A O   1 
ATOM   423  C CB  . ILE A 1 50 ? 3.384   -13.274 7.935   1.00 10.68 ? 218  ILE A CB  1 
ATOM   424  C CG1 . ILE A 1 50 ? 3.120   -14.557 7.139   1.00 11.08 ? 218  ILE A CG1 1 
ATOM   425  C CG2 . ILE A 1 50 ? 2.523   -13.250 9.195   1.00 12.44 ? 218  ILE A CG2 1 
ATOM   426  C CD1 . ILE A 1 50 ? 3.556   -15.838 7.869   1.00 11.64 ? 218  ILE A CD1 1 
ATOM   427  N N   . PHE A 1 51 ? 5.078   -11.676 5.801   1.00 8.39  ? 219  PHE A N   1 
ATOM   428  C CA  . PHE A 1 51 ? 5.888   -11.663 4.586   1.00 8.83  ? 219  PHE A CA  1 
ATOM   429  C C   . PHE A 1 51 ? 7.360   -11.714 4.959   1.00 9.37  ? 219  PHE A C   1 
ATOM   430  O O   . PHE A 1 51 ? 7.732   -11.426 6.095   1.00 9.43  ? 219  PHE A O   1 
ATOM   431  C CB  . PHE A 1 51 ? 5.607   -10.401 3.742   1.00 9.50  ? 219  PHE A CB  1 
ATOM   432  C CG  . PHE A 1 51 ? 5.899   -9.118  4.462   1.00 8.15  ? 219  PHE A CG  1 
ATOM   433  C CD1 . PHE A 1 51 ? 4.930   -8.521  5.280   1.00 8.00  ? 219  PHE A CD1 1 
ATOM   434  C CD2 . PHE A 1 51 ? 7.156   -8.519  4.344   1.00 8.53  ? 219  PHE A CD2 1 
ATOM   435  C CE1 . PHE A 1 51 ? 5.227   -7.353  5.955   1.00 9.89  ? 219  PHE A CE1 1 
ATOM   436  C CE2 . PHE A 1 51 ? 7.458   -7.358  5.021   1.00 9.58  ? 219  PHE A CE2 1 
ATOM   437  C CZ  . PHE A 1 51 ? 6.492   -6.766  5.833   1.00 10.44 ? 219  PHE A CZ  1 
ATOM   438  N N   . PRO A 1 52 ? 8.229   -12.076 4.015   1.00 9.29  ? 220  PRO A N   1 
ATOM   439  C CA  . PRO A 1 52 ? 9.654   -12.149 4.339   1.00 10.14 ? 220  PRO A CA  1 
ATOM   440  C C   . PRO A 1 52 ? 10.383  -10.816 4.448   1.00 10.41 ? 220  PRO A C   1 
ATOM   441  O O   . PRO A 1 52 ? 10.234  -9.955  3.593   1.00 9.55  ? 220  PRO A O   1 
ATOM   442  C CB  . PRO A 1 52 ? 10.239  -13.008 3.198   1.00 10.50 ? 220  PRO A CB  1 
ATOM   443  C CG  . PRO A 1 52 ? 9.067   -13.612 2.525   1.00 12.16 ? 220  PRO A CG  1 
ATOM   444  C CD  . PRO A 1 52 ? 7.965   -12.604 2.666   1.00 11.33 ? 220  PRO A CD  1 
ATOM   445  N N   . LEU A 1 53 ? 11.179  -10.666 5.504   1.00 10.76 ? 221  LEU A N   1 
ATOM   446  C CA  . LEU A 1 53 ? 11.982  -9.462  5.693   1.00 11.01 ? 221  LEU A CA  1 
ATOM   447  C C   . LEU A 1 53 ? 12.921  -9.265  4.477   1.00 11.40 ? 221  LEU A C   1 
ATOM   448  O O   . LEU A 1 53 ? 13.174  -8.135  4.036   1.00 11.71 ? 221  LEU A O   1 
ATOM   449  C CB  . LEU A 1 53 ? 12.831  -9.598  6.968   1.00 13.21 ? 221  LEU A CB  1 
ATOM   450  C CG  . LEU A 1 53 ? 13.840  -8.490  7.276   1.00 16.25 ? 221  LEU A CG  1 
ATOM   451  C CD1 . LEU A 1 53 ? 13.163  -7.134  7.345   1.00 17.34 ? 221  LEU A CD1 1 
ATOM   452  C CD2 . LEU A 1 53 ? 14.514  -8.807  8.610   1.00 19.64 ? 221  LEU A CD2 1 
ATOM   453  N N   . SER A 1 54 ? 13.420  -10.360 3.914   1.00 10.35 ? 222  SER A N   1 
ATOM   454  C CA  . SER A 1 54 ? 14.354  -10.250 2.795   1.00 10.86 ? 222  SER A CA  1 
ATOM   455  C C   . SER A 1 54 ? 13.763  -9.661  1.516   1.00 11.10 ? 222  SER A C   1 
ATOM   456  O O   . SER A 1 54 ? 14.497  -9.300  0.595   1.00 13.45 ? 222  SER A O   1 
ATOM   457  C CB  . SER A 1 54 ? 14.960  -11.618 2.489   1.00 12.02 ? 222  SER A CB  1 
ATOM   458  O OG  . SER A 1 54 ? 13.954  -12.550 2.103   1.00 13.20 ? 222  SER A OG  1 
ATOM   459  N N   . PHE A 1 55 ? 12.441  -9.556  1.454   1.00 9.55  ? 223  PHE A N   1 
ATOM   460  C CA  . PHE A 1 55 ? 11.796  -9.020  0.265   1.00 9.51  ? 223  PHE A CA  1 
ATOM   461  C C   . PHE A 1 55 ? 11.540  -7.521  0.353   1.00 10.61 ? 223  PHE A C   1 
ATOM   462  O O   . PHE A 1 55 ? 10.972  -6.939  -0.567  1.00 11.26 ? 223  PHE A O   1 
ATOM   463  C CB  . PHE A 1 55 ? 10.462  -9.741  0.006   1.00 9.06  ? 223  PHE A CB  1 
ATOM   464  C CG  . PHE A 1 55 ? 10.598  -11.047 -0.750  1.00 8.75  ? 223  PHE A CG  1 
ATOM   465  C CD1 . PHE A 1 55 ? 11.408  -12.074 -0.267  1.00 9.27  ? 223  PHE A CD1 1 
ATOM   466  C CD2 . PHE A 1 55 ? 9.891   -11.250 -1.934  1.00 9.81  ? 223  PHE A CD2 1 
ATOM   467  C CE1 . PHE A 1 55 ? 11.510  -13.291 -0.953  1.00 9.84  ? 223  PHE A CE1 1 
ATOM   468  C CE2 . PHE A 1 55 ? 9.983   -12.475 -2.642  1.00 8.82  ? 223  PHE A CE2 1 
ATOM   469  C CZ  . PHE A 1 55 ? 10.797  -13.492 -2.145  1.00 10.57 ? 223  PHE A CZ  1 
ATOM   470  N N   . VAL A 1 56 ? 11.967  -6.886  1.437   1.00 9.91  ? 224  VAL A N   1 
ATOM   471  C CA  . VAL A 1 56 ? 11.720  -5.452  1.588   1.00 9.66  ? 224  VAL A CA  1 
ATOM   472  C C   . VAL A 1 56 ? 12.913  -4.717  2.173   1.00 10.95 ? 224  VAL A C   1 
ATOM   473  O O   . VAL A 1 56 ? 13.847  -5.338  2.672   1.00 12.53 ? 224  VAL A O   1 
ATOM   474  C CB  . VAL A 1 56 ? 10.540  -5.176  2.580   1.00 9.81  ? 224  VAL A CB  1 
ATOM   475  C CG1 . VAL A 1 56 ? 9.301   -5.918  2.157   1.00 11.48 ? 224  VAL A CG1 1 
ATOM   476  C CG2 . VAL A 1 56 ? 10.944  -5.553  4.027   1.00 10.80 ? 224  VAL A CG2 1 
ATOM   477  N N   . LYS A 1 57 ? 12.875  -3.394  2.075   1.00 10.52 ? 225  LYS A N   1 
ATOM   478  C CA  . LYS A 1 57 ? 13.869  -2.561  2.737   1.00 11.96 ? 225  LYS A CA  1 
ATOM   479  C C   . LYS A 1 57 ? 13.061  -1.663  3.689   1.00 11.73 ? 225  LYS A C   1 
ATOM   480  O O   . LYS A 1 57 ? 11.959  -1.205  3.360   1.00 13.67 ? 225  LYS A O   1 
ATOM   481  C CB  . LYS A 1 57 ? 14.670  -1.712  1.741   1.00 13.24 ? 225  LYS A CB  1 
ATOM   482  C CG  . LYS A 1 57 ? 13.863  -0.696  0.971   1.00 15.66 ? 225  LYS A CG  1 
ATOM   483  C CD  . LYS A 1 57 ? 14.805  0.181   0.151   1.00 17.60 ? 225  LYS A CD  1 
ATOM   484  C CE  . LYS A 1 57 ? 14.051  1.132   -0.737  1.00 18.58 ? 225  LYS A CE  1 
ATOM   485  N NZ  . LYS A 1 57 ? 14.972  1.797   -1.709  1.00 22.83 ? 225  LYS A NZ  1 
ATOM   486  N N   . ILE A 1 58 ? 13.571  -1.443  4.890   1.00 12.61 ? 226  ILE A N   1 
ATOM   487  C CA  . ILE A 1 58 ? 12.882  -0.586  5.849   1.00 13.92 ? 226  ILE A CA  1 
ATOM   488  C C   . ILE A 1 58 ? 13.109  0.880   5.462   1.00 12.91 ? 226  ILE A C   1 
ATOM   489  O O   . ILE A 1 58 ? 14.243  1.293   5.203   1.00 15.65 ? 226  ILE A O   1 
ATOM   490  C CB  . ILE A 1 58 ? 13.423  -0.833  7.276   1.00 13.41 ? 226  ILE A CB  1 
ATOM   491  C CG1 . ILE A 1 58 ? 13.401  -2.326  7.591   1.00 15.71 ? 226  ILE A CG1 1 
ATOM   492  C CG2 . ILE A 1 58 ? 12.622  -0.041  8.286   1.00 14.60 ? 226  ILE A CG2 1 
ATOM   493  C CD1 . ILE A 1 58 ? 12.049  -2.992  7.423   1.00 15.02 ? 226  ILE A CD1 1 
ATOM   494  N N   . LEU A 1 59 ? 12.041  1.664   5.412   1.00 13.88 ? 227  LEU A N   1 
ATOM   495  C CA  . LEU A 1 59 ? 12.153  3.072   5.028   1.00 15.61 ? 227  LEU A CA  1 
ATOM   496  C C   . LEU A 1 59 ? 12.477  3.980   6.198   1.00 18.50 ? 227  LEU A C   1 
ATOM   497  O O   . LEU A 1 59 ? 12.126  3.697   7.337   1.00 19.24 ? 227  LEU A O   1 
ATOM   498  C CB  . LEU A 1 59 ? 10.865  3.552   4.366   1.00 15.23 ? 227  LEU A CB  1 
ATOM   499  C CG  . LEU A 1 59 ? 10.512  2.878   3.037   1.00 15.57 ? 227  LEU A CG  1 
ATOM   500  C CD1 . LEU A 1 59 ? 9.158   3.370   2.599   1.00 15.50 ? 227  LEU A CD1 1 
ATOM   501  C CD2 . LEU A 1 59 ? 11.564  3.206   1.981   1.00 16.64 ? 227  LEU A CD2 1 
ATOM   502  N N   . LYS A 1 60 ? 13.168  5.074   5.894   1.00 20.73 ? 228  LYS A N   1 
ATOM   503  C CA  . LYS A 1 60 ? 13.548  6.051   6.906   1.00 23.60 ? 228  LYS A CA  1 
ATOM   504  C C   . LYS A 1 60 ? 12.342  6.905   7.247   1.00 24.73 ? 228  LYS A C   1 
ATOM   505  O O   . LYS A 1 60 ? 12.258  7.344   8.412   1.00 27.04 ? 228  LYS A O   1 
ATOM   506  C CB  . LYS A 1 60 ? 14.677  6.954   6.396   1.00 24.86 ? 228  LYS A CB  1 
ATOM   507  C CG  . LYS A 1 60 ? 15.961  6.217   6.034   1.00 28.46 ? 228  LYS A CG  1 
ATOM   508  C CD  . LYS A 1 60 ? 17.154  7.169   5.915   1.00 29.80 ? 228  LYS A CD  1 
ATOM   509  C CE  . LYS A 1 60 ? 16.794  8.456   5.167   1.00 31.38 ? 228  LYS A CE  1 
ATOM   510  N NZ  . LYS A 1 60 ? 16.238  8.209   3.805   0.50 30.69 ? 228  LYS A NZ  1 
ATOM   511  O OXT . LYS A 1 60 ? 11.512  7.150   6.341   1.00 26.99 ? 228  LYS A OXT 1 
ATOM   512  N N   . LEU B 1 1  ? -8.535  8.906   -20.448 1.00 18.80 ? 169  LEU B N   1 
ATOM   513  C CA  . LEU B 1 1  ? -8.560  7.612   -19.721 1.00 16.63 ? 169  LEU B CA  1 
ATOM   514  C C   . LEU B 1 1  ? -7.199  6.942   -19.672 1.00 16.30 ? 169  LEU B C   1 
ATOM   515  O O   . LEU B 1 1  ? -6.626  6.542   -20.693 1.00 17.13 ? 169  LEU B O   1 
ATOM   516  C CB  . LEU B 1 1  ? -9.581  6.657   -20.347 1.00 16.97 ? 169  LEU B CB  1 
ATOM   517  C CG  . LEU B 1 1  ? -9.701  5.297   -19.647 1.00 17.99 ? 169  LEU B CG  1 
ATOM   518  C CD1 . LEU B 1 1  ? -10.239 5.459   -18.228 1.00 19.06 ? 169  LEU B CD1 1 
ATOM   519  C CD2 . LEU B 1 1  ? -10.629 4.404   -20.458 1.00 19.51 ? 169  LEU B CD2 1 
ATOM   520  N N   . ILE B 1 2  ? -6.692  6.835   -18.450 1.00 14.99 ? 170  ILE B N   1 
ATOM   521  C CA  . ILE B 1 2  ? -5.412  6.207   -18.160 1.00 14.86 ? 170  ILE B CA  1 
ATOM   522  C C   . ILE B 1 2  ? -5.587  4.676   -18.158 1.00 13.87 ? 170  ILE B C   1 
ATOM   523  O O   . ILE B 1 2  ? -6.605  4.167   -17.694 1.00 15.02 ? 170  ILE B O   1 
ATOM   524  C CB  . ILE B 1 2  ? -4.934  6.622   -16.753 1.00 16.37 ? 170  ILE B CB  1 
ATOM   525  C CG1 . ILE B 1 2  ? -4.896  8.139   -16.637 1.00 19.07 ? 170  ILE B CG1 1 
ATOM   526  C CG2 . ILE B 1 2  ? -3.566  6.024   -16.483 1.00 19.51 ? 170  ILE B CG2 1 
ATOM   527  C CD1 . ILE B 1 2  ? -4.697  8.612   -15.205 1.00 17.25 ? 170  ILE B CD1 1 
ATOM   528  N N   . LYS B 1 3  ? -4.582  3.963   -18.650 1.00 13.76 ? 171  LYS B N   1 
ATOM   529  C CA  . LYS B 1 3  ? -4.640  2.508   -18.689 1.00 13.77 ? 171  LYS B CA  1 
ATOM   530  C C   . LYS B 1 3  ? -3.550  1.845   -17.857 1.00 13.63 ? 171  LYS B C   1 
ATOM   531  O O   . LYS B 1 3  ? -2.385  2.235   -17.907 1.00 13.95 ? 171  LYS B O   1 
ATOM   532  C CB  . LYS B 1 3  ? -4.542  2.011   -20.131 1.00 15.62 ? 171  LYS B CB  1 
ATOM   533  C CG  . LYS B 1 3  ? -5.760  2.324   -20.981 1.00 17.83 ? 171  LYS B CG  1 
ATOM   534  C CD  . LYS B 1 3  ? -6.963  1.495   -20.557 1.00 20.23 ? 171  LYS B CD  1 
ATOM   535  C CE  . LYS B 1 3  ? -6.708  0.010   -20.768 1.00 22.84 ? 171  LYS B CE  1 
ATOM   536  N NZ  . LYS B 1 3  ? -7.891  -0.829  -20.430 1.00 24.90 ? 171  LYS B NZ  1 
ATOM   537  N N   . HIS B 1 4  ? -3.954  0.841   -17.089 1.00 13.17 ? 172  HIS B N   1 
ATOM   538  C CA  . HIS B 1 4  ? -3.053  0.069   -16.246 1.00 14.94 ? 172  HIS B CA  1 
ATOM   539  C C   . HIS B 1 4  ? -2.097  0.869   -15.360 1.00 14.10 ? 172  HIS B C   1 
ATOM   540  O O   . HIS B 1 4  ? -0.923  0.524   -15.234 1.00 16.59 ? 172  HIS B O   1 
ATOM   541  C CB  . HIS B 1 4  ? -2.241  -0.899  -17.107 1.00 17.90 ? 172  HIS B CB  1 
ATOM   542  C CG  . HIS B 1 4  ? -1.871  -2.165  -16.404 1.00 19.64 ? 172  HIS B CG  1 
ATOM   543  N ND1 . HIS B 1 4  ? -0.628  -2.747  -16.522 0.50 19.99 ? 172  HIS B ND1 1 
ATOM   544  C CD2 . HIS B 1 4  ? -2.593  -2.982  -15.598 0.50 20.37 ? 172  HIS B CD2 1 
ATOM   545  C CE1 . HIS B 1 4  ? -0.598  -3.867  -15.820 0.50 20.93 ? 172  HIS B CE1 1 
ATOM   546  N NE2 . HIS B 1 4  ? -1.779  -4.031  -15.252 0.50 20.40 ? 172  HIS B NE2 1 
ATOM   547  N N   . MET B 1 5  ? -2.590  1.940   -14.755 1.00 12.26 ? 173  MET B N   1 
ATOM   548  C CA  . MET B 1 5  ? -1.769  2.724   -13.850 1.00 11.25 ? 173  MET B CA  1 
ATOM   549  C C   . MET B 1 5  ? -2.443  2.662   -12.491 1.00 10.74 ? 173  MET B C   1 
ATOM   550  O O   . MET B 1 5  ? -3.665  2.636   -12.390 1.00 11.38 ? 173  MET B O   1 
ATOM   551  C CB  . MET B 1 5  ? -1.597  4.162   -14.339 1.00 11.83 ? 173  MET B CB  1 
ATOM   552  C CG  . MET B 1 5  ? -0.539  4.274   -15.432 1.00 12.84 ? 173  MET B CG  1 
ATOM   553  S SD  . MET B 1 5  ? -0.082  5.962   -15.851 1.00 14.75 ? 173  MET B SD  1 
ATOM   554  C CE  . MET B 1 5  ? 0.971   6.379   -14.452 1.00 14.36 ? 173  MET B CE  1 
ATOM   555  N N   . ARG B 1 6  ? -1.627  2.638   -11.448 1.00 10.63 ? 174  ARG B N   1 
ATOM   556  C CA  . ARG B 1 6  ? -2.102  2.484   -10.087 1.00 9.68  ? 174  ARG B CA  1 
ATOM   557  C C   . ARG B 1 6  ? -1.388  3.426   -9.139  1.00 8.26  ? 174  ARG B C   1 
ATOM   558  O O   . ARG B 1 6  ? -0.250  3.845   -9.385  1.00 9.67  ? 174  ARG B O   1 
ATOM   559  C CB  . ARG B 1 6  ? -1.822  1.050   -9.620  1.00 11.16 ? 174  ARG B CB  1 
ATOM   560  C CG  . ARG B 1 6  ? -2.242  -0.044  -10.597 1.00 16.44 ? 174  ARG B CG  1 
ATOM   561  C CD  . ARG B 1 6  ? -3.729  -0.279  -10.530 1.00 16.47 ? 174  ARG B CD  1 
ATOM   562  N NE  . ARG B 1 6  ? -4.155  -1.363  -11.428 1.00 18.68 ? 174  ARG B NE  1 
ATOM   563  C CZ  . ARG B 1 6  ? -4.735  -1.172  -12.613 1.00 16.42 ? 174  ARG B CZ  1 
ATOM   564  N NH1 . ARG B 1 6  ? -4.967  0.049   -13.072 1.00 15.68 ? 174  ARG B NH1 1 
ATOM   565  N NH2 . ARG B 1 6  ? -5.116  -2.223  -13.329 1.00 18.37 ? 174  ARG B NH2 1 
ATOM   566  N N   . ALA B 1 7  ? -2.063  3.756   -8.047  1.00 8.72  ? 175  ALA B N   1 
ATOM   567  C CA  . ALA B 1 7  ? -1.450  4.599   -7.031  1.00 8.77  ? 175  ALA B CA  1 
ATOM   568  C C   . ALA B 1 7  ? -1.777  4.047   -5.660  1.00 8.51  ? 175  ALA B C   1 
ATOM   569  O O   . ALA B 1 7  ? -2.942  3.725   -5.369  1.00 10.17 ? 175  ALA B O   1 
ATOM   570  C CB  . ALA B 1 7  ? -1.940  6.035   -7.139  1.00 11.42 ? 175  ALA B CB  1 
ATOM   571  N N   . GLU B 1 8  ? -0.764  3.950   -4.813  1.00 8.64  ? 176  GLU B N   1 
ATOM   572  C CA  . GLU B 1 8  ? -0.992  3.474   -3.451  1.00 8.19  ? 176  GLU B CA  1 
ATOM   573  C C   . GLU B 1 8  ? -1.189  4.653   -2.510  1.00 7.66  ? 176  GLU B C   1 
ATOM   574  O O   . GLU B 1 8  ? -0.387  5.576   -2.493  1.00 8.50  ? 176  GLU B O   1 
ATOM   575  C CB  . GLU B 1 8  ? 0.204   2.673   -2.932  1.00 7.70  ? 176  GLU B CB  1 
ATOM   576  C CG  . GLU B 1 8  ? -0.079  2.154   -1.521  1.00 8.40  ? 176  GLU B CG  1 
ATOM   577  C CD  . GLU B 1 8  ? 1.077   1.412   -0.900  1.00 10.22 ? 176  GLU B CD  1 
ATOM   578  O OE1 . GLU B 1 8  ? 2.031   1.061   -1.623  1.00 11.62 ? 176  GLU B OE1 1 
ATOM   579  O OE2 . GLU B 1 8  ? 1.032   1.154   0.327   1.00 10.45 ? 176  GLU B OE2 1 
ATOM   580  N N   . ALA B 1 9  ? -2.252  4.606   -1.723  1.00 9.05  ? 177  ALA B N   1 
ATOM   581  C CA  . ALA B 1 9  ? -2.473  5.625   -0.718  1.00 8.50  ? 177  ALA B CA  1 
ATOM   582  C C   . ALA B 1 9  ? -1.386  5.520   0.361   1.00 8.95  ? 177  ALA B C   1 
ATOM   583  O O   . ALA B 1 9  ? -1.121  4.434   0.894   1.00 9.30  ? 177  ALA B O   1 
ATOM   584  C CB  . ALA B 1 9  ? -3.841  5.430   -0.078  1.00 10.72 ? 177  ALA B CB  1 
ATOM   585  N N   . LEU B 1 10 ? -0.754  6.644   0.676   1.00 8.46  ? 178  LEU B N   1 
ATOM   586  C CA  . LEU B 1 10 ? 0.249   6.663   1.729   1.00 9.50  ? 178  LEU B CA  1 
ATOM   587  C C   . LEU B 1 10 ? -0.332  7.260   3.002   1.00 9.77  ? 178  LEU B C   1 
ATOM   588  O O   . LEU B 1 10 ? 0.301   7.184   4.062   1.00 10.48 ? 178  LEU B O   1 
ATOM   589  C CB  . LEU B 1 10 ? 1.471   7.464   1.290   1.00 11.13 ? 178  LEU B CB  1 
ATOM   590  C CG  . LEU B 1 10 ? 2.209   6.841   0.099   1.00 10.85 ? 178  LEU B CG  1 
ATOM   591  C CD1 . LEU B 1 10 ? 3.439   7.665   -0.246  1.00 16.63 ? 178  LEU B CD1 1 
ATOM   592  C CD2 . LEU B 1 10 ? 2.623   5.414   0.445   1.00 15.01 ? 178  LEU B CD2 1 
ATOM   593  N N   . PHE B 1 11 ? -1.541  7.821   2.887   1.00 9.57  ? 179  PHE B N   1 
ATOM   594  C CA  . PHE B 1 11 ? -2.273  8.458   3.989   1.00 10.45 ? 179  PHE B CA  1 
ATOM   595  C C   . PHE B 1 11 ? -3.756  8.228   3.773   1.00 11.00 ? 179  PHE B C   1 
ATOM   596  O O   . PHE B 1 11 ? -4.206  8.074   2.637   1.00 12.30 ? 179  PHE B O   1 
ATOM   597  C CB  . PHE B 1 11 ? -2.038  9.975   3.980   1.00 11.54 ? 179  PHE B CB  1 
ATOM   598  C CG  . PHE B 1 11 ? -0.601  10.356  4.080   1.00 9.68  ? 179  PHE B CG  1 
ATOM   599  C CD1 . PHE B 1 11 ? 0.015   10.465  5.323   1.00 11.51 ? 179  PHE B CD1 1 
ATOM   600  C CD2 . PHE B 1 11 ? 0.159   10.558  2.929   1.00 10.96 ? 179  PHE B CD2 1 
ATOM   601  C CE1 . PHE B 1 11 ? 1.373   10.772  5.422   1.00 11.84 ? 179  PHE B CE1 1 
ATOM   602  C CE2 . PHE B 1 11 ? 1.509   10.860  3.013   1.00 10.54 ? 179  PHE B CE2 1 
ATOM   603  C CZ  . PHE B 1 11 ? 2.124   10.968  4.266   1.00 13.14 ? 179  PHE B CZ  1 
ATOM   604  N N   . ASP B 1 12 ? -4.530  8.205   4.853   1.00 10.14 ? 180  ASP B N   1 
ATOM   605  C CA  . ASP B 1 12 ? -5.977  8.051   4.744   1.00 10.98 ? 180  ASP B CA  1 
ATOM   606  C C   . ASP B 1 12 ? -6.533  9.349   4.133   1.00 11.19 ? 180  ASP B C   1 
ATOM   607  O O   . ASP B 1 12 ? -6.014  10.447  4.360   1.00 11.62 ? 180  ASP B O   1 
ATOM   608  C CB  . ASP B 1 12 ? -6.648  7.922   6.119   1.00 11.70 ? 180  ASP B CB  1 
ATOM   609  C CG  . ASP B 1 12 ? -6.271  6.666   6.886   1.00 13.74 ? 180  ASP B CG  1 
ATOM   610  O OD1 . ASP B 1 12 ? -5.684  5.703   6.349   1.00 14.81 ? 180  ASP B OD1 1 
ATOM   611  O OD2 . ASP B 1 12 ? -6.606  6.660   8.100   1.00 18.93 ? 180  ASP B OD2 1 
ATOM   612  N N   . PHE B 1 13 ? -7.606  9.217   3.366   1.00 11.99 ? 181  PHE B N   1 
ATOM   613  C CA  . PHE B 1 13 ? -8.273  10.383  2.813   1.00 11.93 ? 181  PHE B CA  1 
ATOM   614  C C   . PHE B 1 13 ? -9.765  10.149  2.941   1.00 12.05 ? 181  PHE B C   1 
ATOM   615  O O   . PHE B 1 13 ? -10.276 9.109   2.517   1.00 12.44 ? 181  PHE B O   1 
ATOM   616  C CB  . PHE B 1 13 ? -7.933  10.603  1.332   1.00 12.63 ? 181  PHE B CB  1 
ATOM   617  C CG  . PHE B 1 13 ? -8.659  11.773  0.715   1.00 12.04 ? 181  PHE B CG  1 
ATOM   618  C CD1 . PHE B 1 13 ? -8.409  13.072  1.152   1.00 12.01 ? 181  PHE B CD1 1 
ATOM   619  C CD2 . PHE B 1 13 ? -9.620  11.571  -0.273  1.00 11.28 ? 181  PHE B CD2 1 
ATOM   620  C CE1 . PHE B 1 13 ? -9.112  14.164  0.611   1.00 12.01 ? 181  PHE B CE1 1 
ATOM   621  C CE2 . PHE B 1 13 ? -10.328 12.655  -0.816  1.00 11.26 ? 181  PHE B CE2 1 
ATOM   622  C CZ  . PHE B 1 13 ? -10.073 13.949  -0.375  1.00 10.89 ? 181  PHE B CZ  1 
ATOM   623  N N   . THR B 1 14 ? -10.462 11.112  3.540   1.00 14.24 ? 182  THR B N   1 
ATOM   624  C CA  . THR B 1 14 ? -11.907 11.036  3.671   1.00 16.04 ? 182  THR B CA  1 
ATOM   625  C C   . THR B 1 14 ? -12.453 12.235  2.895   1.00 15.86 ? 182  THR B C   1 
ATOM   626  O O   . THR B 1 14 ? -12.168 13.377  3.234   1.00 18.87 ? 182  THR B O   1 
ATOM   627  C CB  . THR B 1 14 ? -12.334 11.120  5.146   1.00 16.61 ? 182  THR B CB  1 
ATOM   628  O OG1 . THR B 1 14 ? -11.674 10.082  5.879   1.00 21.52 ? 182  THR B OG1 1 
ATOM   629  C CG2 . THR B 1 14 ? -13.841 10.925  5.281   1.00 19.99 ? 182  THR B CG2 1 
ATOM   630  N N   . GLY B 1 15 ? -13.223 11.966  1.846   1.00 17.12 ? 183  GLY B N   1 
ATOM   631  C CA  . GLY B 1 15 ? -13.768 13.042  1.031   1.00 18.07 ? 183  GLY B CA  1 
ATOM   632  C C   . GLY B 1 15 ? -14.798 13.886  1.748   1.00 21.01 ? 183  GLY B C   1 
ATOM   633  O O   . GLY B 1 15 ? -15.386 13.458  2.726   1.00 20.93 ? 183  GLY B O   1 
ATOM   634  N N   . ASN B 1 16 ? -15.031 15.087  1.240   1.00 23.16 ? 184  ASN B N   1 
ATOM   635  C CA  . ASN B 1 16 ? -16.003 16.001  1.843   1.00 26.14 ? 184  ASN B CA  1 
ATOM   636  C C   . ASN B 1 16 ? -17.254 16.030  0.973   1.00 26.74 ? 184  ASN B C   1 
ATOM   637  O O   . ASN B 1 16 ? -18.287 16.617  1.320   1.00 28.66 ? 184  ASN B O   1 
ATOM   638  C CB  . ASN B 1 16 ? -15.375 17.391  1.954   1.00 28.13 ? 184  ASN B CB  1 
ATOM   639  C CG  . ASN B 1 16 ? -16.297 18.406  2.594   1.00 29.35 ? 184  ASN B CG  1 
ATOM   640  O OD1 . ASN B 1 16 ? -17.323 18.771  2.027   0.50 31.09 ? 184  ASN B OD1 1 
ATOM   641  N ND2 . ASN B 1 16 ? -15.928 18.875  3.778   0.50 30.60 ? 184  ASN B ND2 1 
ATOM   642  N N   . SER B 1 17 ? -17.166 15.363  -0.164  1.00 26.43 ? 185  SER B N   1 
ATOM   643  C CA  . SER B 1 17 ? -18.276 15.298  -1.089  1.00 26.45 ? 185  SER B CA  1 
ATOM   644  C C   . SER B 1 17 ? -18.389 13.925  -1.738  1.00 25.30 ? 185  SER B C   1 
ATOM   645  O O   . SER B 1 17 ? -17.445 13.133  -1.708  1.00 22.68 ? 185  SER B O   1 
ATOM   646  C CB  . SER B 1 17 ? -18.103 16.373  -2.162  1.00 28.63 ? 185  SER B CB  1 
ATOM   647  O OG  . SER B 1 17 ? -18.561 15.887  -3.407  1.00 28.57 ? 185  SER B OG  1 
ATOM   648  N N   . LYS B 1 18 ? -19.545 13.640  -2.334  1.00 23.81 ? 186  LYS B N   1 
ATOM   649  C CA  . LYS B 1 18 ? -19.767 12.365  -2.999  1.00 21.85 ? 186  LYS B CA  1 
ATOM   650  C C   . LYS B 1 18 ? -18.930 12.304  -4.282  1.00 18.28 ? 186  LYS B C   1 
ATOM   651  O O   . LYS B 1 18 ? -18.831 11.262  -4.921  1.00 18.84 ? 186  LYS B O   1 
ATOM   652  C CB  . LYS B 1 18 ? -21.252 12.192  -3.337  1.00 24.95 ? 186  LYS B CB  1 
ATOM   653  C CG  . LYS B 1 18 ? -22.199 12.967  -2.422  1.00 28.31 ? 186  LYS B CG  1 
ATOM   654  C CD  . LYS B 1 18 ? -21.946 12.673  -0.950  1.00 30.79 ? 186  LYS B CD  1 
ATOM   655  C CE  . LYS B 1 18 ? -22.596 13.723  -0.060  1.00 31.77 ? 186  LYS B CE  1 
ATOM   656  N NZ  . LYS B 1 18 ? -22.325 13.449  1.375   0.50 31.52 ? 186  LYS B NZ  1 
ATOM   657  N N   . LEU B 1 19 ? -18.314 13.427  -4.639  1.00 18.89 ? 187  LEU B N   1 
ATOM   658  C CA  . LEU B 1 19 ? -17.459 13.477  -5.831  1.00 14.93 ? 187  LEU B CA  1 
ATOM   659  C C   . LEU B 1 19 ? -16.053 13.032  -5.492  1.00 13.97 ? 187  LEU B C   1 
ATOM   660  O O   . LEU B 1 19 ? -15.265 12.731  -6.377  1.00 11.98 ? 187  LEU B O   1 
ATOM   661  C CB  . LEU B 1 19 ? -17.380 14.889  -6.377  1.00 15.67 ? 187  LEU B CB  1 
ATOM   662  C CG  . LEU B 1 19 ? -18.658 15.420  -7.007  1.00 16.45 ? 187  LEU B CG  1 
ATOM   663  C CD1 . LEU B 1 19 ? -18.583 16.934  -7.121  1.00 19.90 ? 187  LEU B CD1 1 
ATOM   664  C CD2 . LEU B 1 19 ? -18.852 14.751  -8.355  1.00 17.58 ? 187  LEU B CD2 1 
ATOM   665  N N   . GLU B 1 20 ? -15.766 12.972  -4.199  1.00 13.30 ? 188  GLU B N   1 
ATOM   666  C CA  . GLU B 1 20 ? -14.443 12.585  -3.728  1.00 11.61 ? 188  GLU B CA  1 
ATOM   667  C C   . GLU B 1 20 ? -14.389 11.131  -3.302  1.00 11.82 ? 188  GLU B C   1 
ATOM   668  O O   . GLU B 1 20 ? -15.380 10.544  -2.861  1.00 14.83 ? 188  GLU B O   1 
ATOM   669  C CB  . GLU B 1 20 ? -14.002 13.501  -2.582  1.00 11.69 ? 188  GLU B CB  1 
ATOM   670  C CG  . GLU B 1 20 ? -13.888 14.932  -3.101  1.00 16.20 ? 188  GLU B CG  1 
ATOM   671  C CD  . GLU B 1 20 ? -13.486 15.962  -2.090  1.00 18.96 ? 188  GLU B CD  1 
ATOM   672  O OE1 . GLU B 1 20 ? -13.205 15.616  -0.930  1.00 18.44 ? 188  GLU B OE1 1 
ATOM   673  O OE2 . GLU B 1 20 ? -13.458 17.150  -2.478  1.00 21.81 ? 188  GLU B OE2 1 
ATOM   674  N N   . LEU B 1 21 ? -13.220 10.536  -3.486  1.00 11.65 ? 189  LEU B N   1 
ATOM   675  C CA  . LEU B 1 21 ? -12.980 9.156   -3.116  1.00 12.15 ? 189  LEU B CA  1 
ATOM   676  C C   . LEU B 1 21 ? -12.702 9.086   -1.605  1.00 13.72 ? 189  LEU B C   1 
ATOM   677  O O   . LEU B 1 21 ? -12.565 10.106  -0.926  1.00 16.99 ? 189  LEU B O   1 
ATOM   678  C CB  . LEU B 1 21 ? -11.782 8.641   -3.936  1.00 13.48 ? 189  LEU B CB  1 
ATOM   679  C CG  . LEU B 1 21 ? -11.571 7.134   -4.158  1.00 12.07 ? 189  LEU B CG  1 
ATOM   680  C CD1 . LEU B 1 21 ? -12.814 6.503   -4.811  1.00 12.47 ? 189  LEU B CD1 1 
ATOM   681  C CD2 . LEU B 1 21 ? -10.342 6.932   -5.048  1.00 11.87 ? 189  LEU B CD2 1 
ATOM   682  N N   . ASN B 1 22 ? -12.713 7.880   -1.060  1.00 11.54 ? 190  ASN B N   1 
ATOM   683  C CA  . ASN B 1 22 ? -12.399 7.667   0.349   1.00 12.64 ? 190  ASN B CA  1 
ATOM   684  C C   . ASN B 1 22 ? -11.472 6.470   0.352   1.00 11.73 ? 190  ASN B C   1 
ATOM   685  O O   . ASN B 1 22 ? -11.723 5.494   -0.352  1.00 12.84 ? 190  ASN B O   1 
ATOM   686  C CB  . ASN B 1 22 ? -13.640 7.288   1.161   1.00 14.38 ? 190  ASN B CB  1 
ATOM   687  C CG  . ASN B 1 22 ? -14.634 8.415   1.278   1.00 18.22 ? 190  ASN B CG  1 
ATOM   688  O OD1 . ASN B 1 22 ? -14.488 9.292   2.121   1.00 18.88 ? 190  ASN B OD1 1 
ATOM   689  N ND2 . ASN B 1 22 ? -15.660 8.391   0.431   1.00 20.89 ? 190  ASN B ND2 1 
ATOM   690  N N   . PHE B 1 23 ? -10.394 6.538   1.119   1.00 10.61 ? 191  PHE B N   1 
ATOM   691  C CA  . PHE B 1 23 ? -9.499  5.394   1.166   1.00 10.54 ? 191  PHE B CA  1 
ATOM   692  C C   . PHE B 1 23 ? -8.633  5.405   2.406   1.00 10.53 ? 191  PHE B C   1 
ATOM   693  O O   . PHE B 1 23 ? -8.591  6.402   3.143   1.00 10.78 ? 191  PHE B O   1 
ATOM   694  C CB  . PHE B 1 23 ? -8.623  5.295   -0.113  1.00 11.77 ? 191  PHE B CB  1 
ATOM   695  C CG  . PHE B 1 23 ? -7.885  6.566   -0.489  1.00 10.61 ? 191  PHE B CG  1 
ATOM   696  C CD1 . PHE B 1 23 ? -6.768  6.996   0.215   1.00 10.38 ? 191  PHE B CD1 1 
ATOM   697  C CD2 . PHE B 1 23 ? -8.285  7.289   -1.604  1.00 9.61  ? 191  PHE B CD2 1 
ATOM   698  C CE1 . PHE B 1 23 ? -6.057  8.136   -0.195  1.00 11.54 ? 191  PHE B CE1 1 
ATOM   699  C CE2 . PHE B 1 23 ? -7.580  8.424   -2.015  1.00 10.50 ? 191  PHE B CE2 1 
ATOM   700  C CZ  . PHE B 1 23 ? -6.473  8.846   -1.317  1.00 9.62  ? 191  PHE B CZ  1 
ATOM   701  N N   A LYS B 1 24 ? -7.965  4.282   2.653   0.70 10.99 ? 192  LYS B N   1 
ATOM   702  N N   B LYS B 1 24 ? -7.949  4.291   2.639   0.30 10.96 ? 192  LYS B N   1 
ATOM   703  C CA  A LYS B 1 24 ? -7.061  4.156   3.795   0.70 11.63 ? 192  LYS B CA  1 
ATOM   704  C CA  B LYS B 1 24 ? -7.058  4.156   3.785   0.30 11.27 ? 192  LYS B CA  1 
ATOM   705  C C   A LYS B 1 24 ? -5.638  3.917   3.306   0.70 11.41 ? 192  LYS B C   1 
ATOM   706  C C   B LYS B 1 24 ? -5.635  3.919   3.304   0.30 11.03 ? 192  LYS B C   1 
ATOM   707  O O   A LYS B 1 24 ? -5.428  3.350   2.228   0.70 11.66 ? 192  LYS B O   1 
ATOM   708  O O   B LYS B 1 24 ? -5.421  3.354   2.229   0.30 11.04 ? 192  LYS B O   1 
ATOM   709  C CB  A LYS B 1 24 ? -7.445  2.979   4.690   0.70 13.55 ? 192  LYS B CB  1 
ATOM   710  C CB  B LYS B 1 24 ? -7.475  2.972   4.658   0.30 12.61 ? 192  LYS B CB  1 
ATOM   711  C CG  A LYS B 1 24 ? -8.763  3.143   5.419   0.70 16.42 ? 192  LYS B CG  1 
ATOM   712  C CG  B LYS B 1 24 ? -8.896  3.045   5.179   0.30 14.31 ? 192  LYS B CG  1 
ATOM   713  C CD  A LYS B 1 24 ? -9.118  1.879   6.197   0.70 16.29 ? 192  LYS B CD  1 
ATOM   714  C CD  B LYS B 1 24 ? -9.107  4.271   6.049   0.30 14.81 ? 192  LYS B CD  1 
ATOM   715  C CE  A LYS B 1 24 ? -10.437 2.044   6.915   0.70 20.36 ? 192  LYS B CE  1 
ATOM   716  C CE  B LYS B 1 24 ? -10.501 4.283   6.638   0.30 16.45 ? 192  LYS B CE  1 
ATOM   717  N NZ  A LYS B 1 24 ? -10.379 3.248   7.774   0.70 21.38 ? 192  LYS B NZ  1 
ATOM   718  N NZ  B LYS B 1 24 ? -10.805 5.569   7.310   0.30 16.53 ? 192  LYS B NZ  1 
ATOM   719  N N   . ALA B 1 25 ? -4.666  4.356   4.101   1.00 9.98  ? 193  ALA B N   1 
ATOM   720  C CA  . ALA B 1 25 ? -3.261  4.158   3.761   1.00 10.79 ? 193  ALA B CA  1 
ATOM   721  C C   . ALA B 1 25 ? -3.070  2.671   3.454   1.00 9.79  ? 193  ALA B C   1 
ATOM   722  O O   . ALA B 1 25 ? -3.562  1.794   4.195   1.00 11.56 ? 193  ALA B O   1 
ATOM   723  C CB  . ALA B 1 25 ? -2.375  4.575   4.930   1.00 11.55 ? 193  ALA B CB  1 
ATOM   724  N N   . GLY B 1 26 ? -2.364  2.387   2.358   1.00 8.62  ? 194  GLY B N   1 
ATOM   725  C CA  . GLY B 1 26 ? -2.125  1.015   1.954   1.00 9.30  ? 194  GLY B CA  1 
ATOM   726  C C   . GLY B 1 26 ? -2.999  0.578   0.792   1.00 8.25  ? 194  GLY B C   1 
ATOM   727  O O   . GLY B 1 26 ? -2.662  -0.346  0.062   1.00 10.08 ? 194  GLY B O   1 
ATOM   728  N N   . ASP B 1 27 ? -4.136  1.244   0.615   1.00 8.91  ? 195  ASP B N   1 
ATOM   729  C CA  . ASP B 1 27 ? -5.041  0.885   -0.492  1.00 9.12  ? 195  ASP B CA  1 
ATOM   730  C C   . ASP B 1 27 ? -4.374  1.197   -1.833  1.00 10.27 ? 195  ASP B C   1 
ATOM   731  O O   . ASP B 1 27 ? -3.600  2.154   -1.962  1.00 9.85  ? 195  ASP B O   1 
ATOM   732  C CB  . ASP B 1 27 ? -6.335  1.703   -0.468  1.00 8.32  ? 195  ASP B CB  1 
ATOM   733  C CG  . ASP B 1 27 ? -7.259  1.360   0.679   1.00 11.12 ? 195  ASP B CG  1 
ATOM   734  O OD1 . ASP B 1 27 ? -7.064  0.321   1.359   1.00 11.54 ? 195  ASP B OD1 1 
ATOM   735  O OD2 . ASP B 1 27 ? -8.222  2.134   0.875   1.00 10.22 ? 195  ASP B OD2 1 
ATOM   736  N N   . VAL B 1 28 ? -4.676  0.387   -2.836  1.00 9.56  ? 196  VAL B N   1 
ATOM   737  C CA  . VAL B 1 28 ? -4.160  0.640   -4.179  1.00 10.01 ? 196  VAL B CA  1 
ATOM   738  C C   . VAL B 1 28 ? -5.340  1.003   -5.083  1.00 10.33 ? 196  VAL B C   1 
ATOM   739  O O   . VAL B 1 28 ? -6.271  0.224   -5.304  1.00 13.01 ? 196  VAL B O   1 
ATOM   740  C CB  . VAL B 1 28 ? -3.325  -0.551  -4.699  1.00 10.01 ? 196  VAL B CB  1 
ATOM   741  C CG1 . VAL B 1 28 ? -2.920  -0.325  -6.178  1.00 12.56 ? 196  VAL B CG1 1 
ATOM   742  C CG2 . VAL B 1 28 ? -2.049  -0.655  -3.853  1.00 12.05 ? 196  VAL B CG2 1 
ATOM   743  N N   . ILE B 1 29 ? -5.272  2.233   -5.577  1.00 9.19  ? 197  ILE B N   1 
ATOM   744  C CA  . ILE B 1 29 ? -6.281  2.873   -6.410  1.00 9.22  ? 197  ILE B CA  1 
ATOM   745  C C   . ILE B 1 29 ? -6.028  2.661   -7.893  1.00 8.49  ? 197  ILE B C   1 
ATOM   746  O O   . ILE B 1 29 ? -4.890  2.786   -8.354  1.00 9.87  ? 197  ILE B O   1 
ATOM   747  C CB  . ILE B 1 29 ? -6.250  4.411   -6.133  1.00 8.83  ? 197  ILE B CB  1 
ATOM   748  C CG1 . ILE B 1 29 ? -6.475  4.687   -4.649  1.00 9.90  ? 197  ILE B CG1 1 
ATOM   749  C CG2 . ILE B 1 29 ? -7.302  5.155   -6.965  1.00 9.19  ? 197  ILE B CG2 1 
ATOM   750  C CD1 . ILE B 1 29 ? -5.872  6.015   -4.219  1.00 11.38 ? 197  ILE B CD1 1 
ATOM   751  N N   . PHE B 1 30 ? -7.087  2.337   -8.629  1.00 9.97  ? 198  PHE B N   1 
ATOM   752  C CA  . PHE B 1 30 ? -6.995  2.179   -10.079 1.00 9.58  ? 198  PHE B CA  1 
ATOM   753  C C   . PHE B 1 30 ? -7.183  3.573   -10.662 1.00 9.43  ? 198  PHE B C   1 
ATOM   754  O O   . PHE B 1 30 ? -8.227  4.203   -10.466 1.00 10.86 ? 198  PHE B O   1 
ATOM   755  C CB  . PHE B 1 30 ? -8.080  1.217   -10.575 1.00 13.36 ? 198  PHE B CB  1 
ATOM   756  C CG  . PHE B 1 30 ? -7.731  -0.231  -10.375 1.00 17.79 ? 198  PHE B CG  1 
ATOM   757  C CD1 . PHE B 1 30 ? -7.122  -0.663  -9.195  1.00 21.66 ? 198  PHE B CD1 1 
ATOM   758  C CD2 . PHE B 1 30 ? -8.007  -1.166  -11.366 1.00 22.10 ? 198  PHE B CD2 1 
ATOM   759  C CE1 . PHE B 1 30 ? -6.797  -2.002  -9.005  1.00 22.60 ? 198  PHE B CE1 1 
ATOM   760  C CE2 . PHE B 1 30 ? -7.687  -2.505  -11.188 1.00 24.16 ? 198  PHE B CE2 1 
ATOM   761  C CZ  . PHE B 1 30 ? -7.082  -2.924  -10.003 1.00 23.11 ? 198  PHE B CZ  1 
ATOM   762  N N   . LEU B 1 31 ? -6.164  4.078   -11.355 1.00 9.36  ? 199  LEU B N   1 
ATOM   763  C CA  . LEU B 1 31 ? -6.247  5.434   -11.888 1.00 9.62  ? 199  LEU B CA  1 
ATOM   764  C C   . LEU B 1 31 ? -7.099  5.535   -13.131 1.00 11.40 ? 199  LEU B C   1 
ATOM   765  O O   . LEU B 1 31 ? -7.046  4.657   -13.990 1.00 13.28 ? 199  LEU B O   1 
ATOM   766  C CB  . LEU B 1 31 ? -4.845  5.984   -12.173 1.00 9.20  ? 199  LEU B CB  1 
ATOM   767  C CG  . LEU B 1 31 ? -3.945  6.119   -10.953 1.00 9.46  ? 199  LEU B CG  1 
ATOM   768  C CD1 . LEU B 1 31 ? -2.612  6.725   -11.377 1.00 11.02 ? 199  LEU B CD1 1 
ATOM   769  C CD2 . LEU B 1 31 ? -4.611  7.006   -9.885  1.00 10.40 ? 199  LEU B CD2 1 
ATOM   770  N N   . LEU B 1 32 ? -7.880  6.616   -13.222 1.00 9.91  ? 200  LEU B N   1 
ATOM   771  C CA  . LEU B 1 32 ? -8.755  6.838   -14.380 1.00 10.39 ? 200  LEU B CA  1 
ATOM   772  C C   . LEU B 1 32 ? -8.430  8.112   -15.144 1.00 10.65 ? 200  LEU B C   1 
ATOM   773  O O   . LEU B 1 32 ? -8.325  8.088   -16.366 1.00 12.23 ? 200  LEU B O   1 
ATOM   774  C CB  . LEU B 1 32 ? -10.236 6.891   -13.957 1.00 11.06 ? 200  LEU B CB  1 
ATOM   775  C CG  . LEU B 1 32 ? -10.835 5.602   -13.362 1.00 13.16 ? 200  LEU B CG  1 
ATOM   776  C CD1 . LEU B 1 32 ? -12.242 5.864   -12.803 1.00 11.99 ? 200  LEU B CD1 1 
ATOM   777  C CD2 . LEU B 1 32 ? -10.853 4.507   -14.422 1.00 15.09 ? 200  LEU B CD2 1 
ATOM   778  N N   . SER B 1 33 ? -8.270  9.233   -14.447 1.00 10.51 ? 201  SER B N   1 
ATOM   779  C CA  . SER B 1 33 ? -7.992  10.474  -15.154 1.00 10.13 ? 201  SER B CA  1 
ATOM   780  C C   . SER B 1 33 ? -7.351  11.543  -14.284 1.00 10.00 ? 201  SER B C   1 
ATOM   781  O O   . SER B 1 33 ? -7.298  11.425  -13.058 1.00 10.07 ? 201  SER B O   1 
ATOM   782  C CB  . SER B 1 33 ? -9.277  11.029  -15.758 1.00 13.20 ? 201  SER B CB  1 
ATOM   783  O OG  . SER B 1 33 ? -10.092 11.646  -14.777 1.00 15.08 ? 201  SER B OG  1 
ATOM   784  N N   . ARG B 1 34 ? -6.844  12.579  -14.939 1.00 10.45 ? 202  ARG B N   1 
ATOM   785  C CA  . ARG B 1 34 ? -6.216  13.720  -14.268 1.00 9.54  ? 202  ARG B CA  1 
ATOM   786  C C   . ARG B 1 34 ? -7.288  14.804  -14.188 1.00 10.01 ? 202  ARG B C   1 
ATOM   787  O O   . ARG B 1 34 ? -7.855  15.199  -15.207 1.00 11.99 ? 202  ARG B O   1 
ATOM   788  C CB  . ARG B 1 34 ? -5.014  14.228  -15.092 1.00 10.83 ? 202  ARG B CB  1 
ATOM   789  C CG  . ARG B 1 34 ? -4.320  15.453  -14.498 1.00 10.31 ? 202  ARG B CG  1 
ATOM   790  C CD  . ARG B 1 34 ? -3.161  15.905  -15.431 1.00 12.12 ? 202  ARG B CD  1 
ATOM   791  N NE  . ARG B 1 34 ? -2.456  17.097  -14.940 1.00 11.11 ? 202  ARG B NE  1 
ATOM   792  C CZ  . ARG B 1 34 ? -2.914  18.349  -14.993 1.00 12.22 ? 202  ARG B CZ  1 
ATOM   793  N NH1 . ARG B 1 34 ? -4.098  18.632  -15.518 1.00 11.77 ? 202  ARG B NH1 1 
ATOM   794  N NH2 . ARG B 1 34 ? -2.170  19.343  -14.517 1.00 14.56 ? 202  ARG B NH2 1 
ATOM   795  N N   . ILE B 1 35 ? -7.584  15.288  -12.982 1.00 10.99 ? 203  ILE B N   1 
ATOM   796  C CA  . ILE B 1 35 ? -8.589  16.332  -12.824 1.00 10.30 ? 203  ILE B CA  1 
ATOM   797  C C   . ILE B 1 35 ? -7.927  17.708  -12.961 1.00 10.64 ? 203  ILE B C   1 
ATOM   798  O O   . ILE B 1 35 ? -8.432  18.599  -13.666 1.00 11.02 ? 203  ILE B O   1 
ATOM   799  C CB  . ILE B 1 35 ? -9.297  16.199  -11.453 1.00 11.30 ? 203  ILE B CB  1 
ATOM   800  C CG1 . ILE B 1 35 ? -9.980  14.828  -11.356 1.00 11.83 ? 203  ILE B CG1 1 
ATOM   801  C CG2 . ILE B 1 35 ? -10.321 17.329  -11.262 1.00 11.68 ? 203  ILE B CG2 1 
ATOM   802  C CD1 . ILE B 1 35 ? -11.176 14.623  -12.325 1.00 11.96 ? 203  ILE B CD1 1 
ATOM   803  N N   . ASN B 1 36 ? -6.827  17.909  -12.243 1.00 9.13  ? 204  ASN B N   1 
ATOM   804  C CA  . ASN B 1 36 ? -6.050  19.144  -12.380 1.00 8.89  ? 204  ASN B CA  1 
ATOM   805  C C   . ASN B 1 36 ? -4.680  18.839  -11.808 1.00 10.42 ? 204  ASN B C   1 
ATOM   806  O O   . ASN B 1 36 ? -4.388  17.672  -11.579 1.00 10.66 ? 204  ASN B O   1 
ATOM   807  C CB  . ASN B 1 36 ? -6.749  20.370  -11.738 1.00 10.05 ? 204  ASN B CB  1 
ATOM   808  C CG  . ASN B 1 36 ? -6.534  20.488  -10.259 1.00 12.22 ? 204  ASN B CG  1 
ATOM   809  O OD1 . ASN B 1 36 ? -6.222  19.516  -9.592  1.00 11.21 ? 204  ASN B OD1 1 
ATOM   810  N ND2 . ASN B 1 36 ? -6.717  21.699  -9.724  1.00 16.02 ? 204  ASN B ND2 1 
ATOM   811  N N   . LYS B 1 37 ? -3.844  19.842  -11.566 1.00 10.86 ? 205  LYS B N   1 
ATOM   812  C CA  . LYS B 1 37 ? -2.506  19.523  -11.079 1.00 11.85 ? 205  LYS B CA  1 
ATOM   813  C C   . LYS B 1 37 ? -2.446  18.885  -9.698  1.00 12.05 ? 205  LYS B C   1 
ATOM   814  O O   . LYS B 1 37 ? -1.477  18.185  -9.388  1.00 13.11 ? 205  LYS B O   1 
ATOM   815  C CB  . LYS B 1 37 ? -1.620  20.769  -11.068 1.00 13.78 ? 205  LYS B CB  1 
ATOM   816  C CG  . LYS B 1 37 ? -2.089  21.823  -10.109 1.00 18.31 ? 205  LYS B CG  1 
ATOM   817  C CD  . LYS B 1 37 ? -1.111  22.962  -10.061 1.00 21.68 ? 205  LYS B CD  1 
ATOM   818  C CE  . LYS B 1 37 ? -1.586  24.012  -9.089  1.00 25.00 ? 205  LYS B CE  1 
ATOM   819  N NZ  . LYS B 1 37 ? -0.635  25.143  -9.023  1.00 28.99 ? 205  LYS B NZ  1 
ATOM   820  N N   . ASP B 1 38 ? -3.477  19.103  -8.888  1.00 10.43 ? 206  ASP B N   1 
ATOM   821  C CA  . ASP B 1 38 ? -3.496  18.565  -7.527  1.00 11.41 ? 206  ASP B CA  1 
ATOM   822  C C   . ASP B 1 38 ? -4.417  17.387  -7.312  1.00 10.54 ? 206  ASP B C   1 
ATOM   823  O O   . ASP B 1 38 ? -4.302  16.726  -6.282  1.00 11.31 ? 206  ASP B O   1 
ATOM   824  C CB  . ASP B 1 38 ? -3.923  19.643  -6.513  1.00 12.89 ? 206  ASP B CB  1 
ATOM   825  C CG  . ASP B 1 38 ? -2.992  20.835  -6.491  1.00 15.43 ? 206  ASP B CG  1 
ATOM   826  O OD1 . ASP B 1 38 ? -1.774  20.614  -6.499  1.00 17.80 ? 206  ASP B OD1 1 
ATOM   827  O OD2 . ASP B 1 38 ? -3.492  21.979  -6.464  1.00 18.95 ? 206  ASP B OD2 1 
ATOM   828  N N   . TRP B 1 39 ? -5.333  17.131  -8.242  1.00 9.75  ? 207  TRP B N   1 
ATOM   829  C CA  . TRP B 1 39 ? -6.315  16.073  -8.082  1.00 10.03 ? 207  TRP B CA  1 
ATOM   830  C C   . TRP B 1 39 ? -6.364  15.077  -9.222  1.00 9.55  ? 207  TRP B C   1 
ATOM   831  O O   . TRP B 1 39 ? -6.234  15.449  -10.387 1.00 10.03 ? 207  TRP B O   1 
ATOM   832  C CB  . TRP B 1 39 ? -7.725  16.668  -7.928  1.00 9.97  ? 207  TRP B CB  1 
ATOM   833  C CG  . TRP B 1 39 ? -7.907  17.560  -6.721  1.00 9.09  ? 207  TRP B CG  1 
ATOM   834  C CD1 . TRP B 1 39 ? -7.520  18.874  -6.598  1.00 11.13 ? 207  TRP B CD1 1 
ATOM   835  C CD2 . TRP B 1 39 ? -8.501  17.198  -5.464  1.00 9.50  ? 207  TRP B CD2 1 
ATOM   836  N NE1 . TRP B 1 39 ? -7.837  19.349  -5.334  1.00 11.69 ? 207  TRP B NE1 1 
ATOM   837  C CE2 . TRP B 1 39 ? -8.434  18.339  -4.622  1.00 10.14 ? 207  TRP B CE2 1 
ATOM   838  C CE3 . TRP B 1 39 ? -9.087  16.022  -4.965  1.00 9.92  ? 207  TRP B CE3 1 
ATOM   839  C CZ2 . TRP B 1 39 ? -8.930  18.332  -3.305  1.00 9.97  ? 207  TRP B CZ2 1 
ATOM   840  C CZ3 . TRP B 1 39 ? -9.587  16.017  -3.654  1.00 11.15 ? 207  TRP B CZ3 1 
ATOM   841  C CH2 . TRP B 1 39 ? -9.501  17.168  -2.842  1.00 10.96 ? 207  TRP B CH2 1 
ATOM   842  N N   . LEU B 1 40 ? -6.537  13.808  -8.853  1.00 9.22  ? 208  LEU B N   1 
ATOM   843  C CA  . LEU B 1 40 ? -6.689  12.707  -9.810  1.00 8.91  ? 208  LEU B CA  1 
ATOM   844  C C   . LEU B 1 40 ? -8.035  12.042  -9.566  1.00 9.82  ? 208  LEU B C   1 
ATOM   845  O O   . LEU B 1 40 ? -8.682  12.279  -8.545  1.00 11.11 ? 208  LEU B O   1 
ATOM   846  C CB  . LEU B 1 40 ? -5.595  11.649  -9.627  1.00 11.13 ? 208  LEU B CB  1 
ATOM   847  C CG  . LEU B 1 40 ? -4.144  12.087  -9.850  1.00 10.44 ? 208  LEU B CG  1 
ATOM   848  C CD1 . LEU B 1 40 ? -3.228  10.877  -9.625  1.00 12.67 ? 208  LEU B CD1 1 
ATOM   849  C CD2 . LEU B 1 40 ? -3.950  12.643  -11.247 1.00 11.89 ? 208  LEU B CD2 1 
ATOM   850  N N   . GLU B 1 41 ? -8.442  11.198  -10.502 1.00 9.94  ? 209  GLU B N   1 
ATOM   851  C CA  . GLU B 1 41 ? -9.690  10.456  -10.365 1.00 9.53  ? 209  GLU B CA  1 
ATOM   852  C C   . GLU B 1 41 ? -9.329  8.982   -10.418 1.00 9.45  ? 209  GLU B C   1 
ATOM   853  O O   . GLU B 1 41 ? -8.504  8.561   -11.239 1.00 10.55 ? 209  GLU B O   1 
ATOM   854  C CB  . GLU B 1 41 ? -10.650 10.761  -11.504 1.00 11.72 ? 209  GLU B CB  1 
ATOM   855  C CG  . GLU B 1 41 ? -12.010 10.156  -11.283 1.00 12.64 ? 209  GLU B CG  1 
ATOM   856  C CD  . GLU B 1 41 ? -12.791 9.895   -12.559 1.00 12.79 ? 209  GLU B CD  1 
ATOM   857  O OE1 . GLU B 1 41 ? -12.378 10.290  -13.668 1.00 13.99 ? 209  GLU B OE1 1 
ATOM   858  O OE2 . GLU B 1 41 ? -13.861 9.256   -12.438 1.00 17.56 ? 209  GLU B OE2 1 
ATOM   859  N N   . GLY B 1 42 ? -9.953  8.189   -9.551  1.00 8.79  ? 210  GLY B N   1 
ATOM   860  C CA  . GLY B 1 42 ? -9.673  6.776   -9.546  1.00 8.97  ? 210  GLY B CA  1 
ATOM   861  C C   . GLY B 1 42 ? -10.766 5.968   -8.898  1.00 8.59  ? 210  GLY B C   1 
ATOM   862  O O   . GLY B 1 42 ? -11.774 6.512   -8.473  1.00 9.83  ? 210  GLY B O   1 
ATOM   863  N N   . THR B 1 43 ? -10.538 4.661   -8.828  1.00 9.62  ? 211  THR B N   1 
ATOM   864  C CA  . THR B 1 43 ? -11.488 3.728   -8.251  1.00 9.99  ? 211  THR B CA  1 
ATOM   865  C C   . THR B 1 43 ? -10.808 2.864   -7.198  1.00 10.82 ? 211  THR B C   1 
ATOM   866  O O   . THR B 1 43 ? -9.708  2.355   -7.397  1.00 11.79 ? 211  THR B O   1 
ATOM   867  C CB  . THR B 1 43 ? -12.064 2.819   -9.353  1.00 11.45 ? 211  THR B CB  1 
ATOM   868  O OG1 . THR B 1 43 ? -12.740 3.633   -10.326 1.00 13.95 ? 211  THR B OG1 1 
ATOM   869  C CG2 . THR B 1 43 ? -13.043 1.792   -8.767  1.00 11.79 ? 211  THR B CG2 1 
ATOM   870  N N   . VAL B 1 44 ? -11.468 2.738   -6.055  1.00 10.01 ? 212  VAL B N   1 
ATOM   871  C CA  . VAL B 1 44 ? -10.980 1.913   -4.953  1.00 11.15 ? 212  VAL B CA  1 
ATOM   872  C C   . VAL B 1 44 ? -12.163 1.611   -4.009  1.00 11.88 ? 212  VAL B C   1 
ATOM   873  O O   . VAL B 1 44 ? -13.102 2.415   -3.875  1.00 11.49 ? 212  VAL B O   1 
ATOM   874  C CB  . VAL B 1 44 ? -9.828  2.614   -4.195  1.00 12.31 ? 212  VAL B CB  1 
ATOM   875  C CG1 . VAL B 1 44 ? -10.387 3.669   -3.236  1.00 13.45 ? 212  VAL B CG1 1 
ATOM   876  C CG2 . VAL B 1 44 ? -8.968  1.571   -3.480  1.00 13.48 ? 212  VAL B CG2 1 
ATOM   877  N N   . ARG B 1 45 ? -12.116 0.438   -3.379  1.00 11.67 ? 213  ARG B N   1 
ATOM   878  C CA  . ARG B 1 45 ? -13.187 0.006   -2.474  1.00 12.16 ? 213  ARG B CA  1 
ATOM   879  C C   . ARG B 1 45 ? -14.564 0.076   -3.147  1.00 13.84 ? 213  ARG B C   1 
ATOM   880  O O   . ARG B 1 45 ? -15.560 0.402   -2.518  1.00 15.52 ? 213  ARG B O   1 
ATOM   881  C CB  . ARG B 1 45 ? -13.162 0.836   -1.187  1.00 12.75 ? 213  ARG B CB  1 
ATOM   882  C CG  . ARG B 1 45 ? -11.963 0.509   -0.324  1.00 14.06 ? 213  ARG B CG  1 
ATOM   883  C CD  . ARG B 1 45 ? -11.790 1.492   0.811   1.00 14.85 ? 213  ARG B CD  1 
ATOM   884  N NE  . ARG B 1 45 ? -10.608 1.130   1.583   1.00 15.70 ? 213  ARG B NE  1 
ATOM   885  C CZ  . ARG B 1 45 ? -10.623 0.344   2.650   1.00 19.22 ? 213  ARG B CZ  1 
ATOM   886  N NH1 . ARG B 1 45 ? -11.776 -0.138  3.093   1.00 20.55 ? 213  ARG B NH1 1 
ATOM   887  N NH2 . ARG B 1 45 ? -9.482  -0.031  3.211   1.00 17.55 ? 213  ARG B NH2 1 
ATOM   888  N N   . GLY B 1 46 ? -14.611 -0.231  -4.438  1.00 13.80 ? 214  GLY B N   1 
ATOM   889  C CA  . GLY B 1 46 ? -15.890 -0.234  -5.149  1.00 13.97 ? 214  GLY B CA  1 
ATOM   890  C C   . GLY B 1 46 ? -16.551 1.117   -5.381  1.00 15.43 ? 214  GLY B C   1 
ATOM   891  O O   . GLY B 1 46 ? -17.760 1.206   -5.616  1.00 17.87 ? 214  GLY B O   1 
ATOM   892  N N   . ALA B 1 47 ? -15.767 2.181   -5.310  1.00 12.64 ? 215  ALA B N   1 
ATOM   893  C CA  . ALA B 1 47 ? -16.304 3.512   -5.541  1.00 12.67 ? 215  ALA B CA  1 
ATOM   894  C C   . ALA B 1 47 ? -15.336 4.311   -6.420  1.00 11.37 ? 215  ALA B C   1 
ATOM   895  O O   . ALA B 1 47 ? -14.163 3.977   -6.529  1.00 11.96 ? 215  ALA B O   1 
ATOM   896  C CB  . ALA B 1 47 ? -16.535 4.222   -4.219  1.00 13.29 ? 215  ALA B CB  1 
ATOM   897  N N   . THR B 1 48 ? -15.849 5.348   -7.066  1.00 12.14 ? 216  THR B N   1 
ATOM   898  C CA  . THR B 1 48 ? -15.046 6.182   -7.963  1.00 10.58 ? 216  THR B CA  1 
ATOM   899  C C   . THR B 1 48 ? -15.171 7.636   -7.563  1.00 12.52 ? 216  THR B C   1 
ATOM   900  O O   . THR B 1 48 ? -16.253 8.101   -7.192  1.00 14.36 ? 216  THR B O   1 
ATOM   901  C CB  . THR B 1 48 ? -15.536 6.002   -9.410  1.00 12.16 ? 216  THR B CB  1 
ATOM   902  O OG1 . THR B 1 48 ? -15.348 4.640   -9.798  1.00 13.87 ? 216  THR B OG1 1 
ATOM   903  C CG2 . THR B 1 48 ? -14.774 6.893   -10.363 1.00 12.59 ? 216  THR B CG2 1 
ATOM   904  N N   . GLY B 1 49 ? -14.064 8.368   -7.625  1.00 10.42 ? 217  GLY B N   1 
ATOM   905  C CA  . GLY B 1 49 ? -14.121 9.772   -7.262  1.00 10.81 ? 217  GLY B CA  1 
ATOM   906  C C   . GLY B 1 49 ? -12.747 10.414  -7.334  1.00 9.48  ? 217  GLY B C   1 
ATOM   907  O O   . GLY B 1 49 ? -11.769 9.765   -7.733  1.00 10.70 ? 217  GLY B O   1 
ATOM   908  N N   . ILE B 1 50 ? -12.665 11.681  -6.924  1.00 9.36  ? 218  ILE B N   1 
ATOM   909  C CA  . ILE B 1 50 ? -11.399 12.397  -7.006  1.00 9.57  ? 218  ILE B CA  1 
ATOM   910  C C   . ILE B 1 50 ? -10.652 12.430  -5.670  1.00 9.56  ? 218  ILE B C   1 
ATOM   911  O O   . ILE B 1 50 ? -11.240 12.275  -4.590  1.00 9.77  ? 218  ILE B O   1 
ATOM   912  C CB  . ILE B 1 50 ? -11.601 13.845  -7.577  1.00 9.30  ? 218  ILE B CB  1 
ATOM   913  C CG1 . ILE B 1 50 ? -12.287 14.768  -6.564  1.00 9.88  ? 218  ILE B CG1 1 
ATOM   914  C CG2 . ILE B 1 50 ? -12.459 13.781  -8.881  1.00 9.96  ? 218  ILE B CG2 1 
ATOM   915  C CD1 . ILE B 1 50 ? -12.220 16.252  -6.978  1.00 11.97 ? 218  ILE B CD1 1 
ATOM   916  N N   . PHE B 1 51 ? -9.341  12.620  -5.743  1.00 8.52  ? 219  PHE B N   1 
ATOM   917  C CA  . PHE B 1 51 ? -8.529  12.622  -4.522  1.00 8.23  ? 219  PHE B CA  1 
ATOM   918  C C   . PHE B 1 51 ? -7.228  13.364  -4.785  1.00 8.41  ? 219  PHE B C   1 
ATOM   919  O O   . PHE B 1 51 ? -6.846  13.572  -5.941  1.00 8.77  ? 219  PHE B O   1 
ATOM   920  C CB  . PHE B 1 51 ? -8.254  11.174  -4.086  1.00 9.13  ? 219  PHE B CB  1 
ATOM   921  C CG  . PHE B 1 51 ? -7.461  10.380  -5.084  1.00 8.84  ? 219  PHE B CG  1 
ATOM   922  C CD1 . PHE B 1 51 ? -6.070  10.397  -5.041  1.00 8.58  ? 219  PHE B CD1 1 
ATOM   923  C CD2 . PHE B 1 51 ? -8.096  9.674   -6.126  1.00 9.92  ? 219  PHE B CD2 1 
ATOM   924  C CE1 . PHE B 1 51 ? -5.310  9.729   -6.019  1.00 9.23  ? 219  PHE B CE1 1 
ATOM   925  C CE2 . PHE B 1 51 ? -7.353  9.015   -7.094  1.00 8.54  ? 219  PHE B CE2 1 
ATOM   926  C CZ  . PHE B 1 51 ? -5.956  9.037   -7.050  1.00 9.68  ? 219  PHE B CZ  1 
ATOM   927  N N   . PRO B 1 52 ? -6.522  13.787  -3.718  1.00 8.37  ? 220  PRO B N   1 
ATOM   928  C CA  . PRO B 1 52 ? -5.263  14.511  -3.906  1.00 8.16  ? 220  PRO B CA  1 
ATOM   929  C C   . PRO B 1 52 ? -4.064  13.654  -4.286  1.00 9.57  ? 220  PRO B C   1 
ATOM   930  O O   . PRO B 1 52 ? -3.772  12.645  -3.629  1.00 9.33  ? 220  PRO B O   1 
ATOM   931  C CB  . PRO B 1 52 ? -5.025  15.181  -2.542  1.00 10.11 ? 220  PRO B CB  1 
ATOM   932  C CG  . PRO B 1 52 ? -6.354  15.095  -1.824  1.00 9.65  ? 220  PRO B CG  1 
ATOM   933  C CD  . PRO B 1 52 ? -6.899  13.776  -2.289  1.00 9.79  ? 220  PRO B CD  1 
ATOM   934  N N   . LEU B 1 53 ? -3.357  14.087  -5.323  1.00 8.78  ? 221  LEU B N   1 
ATOM   935  C CA  . LEU B 1 53 ? -2.145  13.434  -5.782  1.00 8.29  ? 221  LEU B CA  1 
ATOM   936  C C   . LEU B 1 53 ? -1.143  13.327  -4.618  1.00 8.89  ? 221  LEU B C   1 
ATOM   937  O O   . LEU B 1 53 ? -0.425  12.334  -4.495  1.00 9.21  ? 221  LEU B O   1 
ATOM   938  C CB  . LEU B 1 53 ? -1.517  14.273  -6.911  1.00 11.30 ? 221  LEU B CB  1 
ATOM   939  C CG  . LEU B 1 53 ? -0.101  13.934  -7.365  1.00 13.12 ? 221  LEU B CG  1 
ATOM   940  C CD1 . LEU B 1 53 ? -0.110  12.535  -7.955  1.00 13.98 ? 221  LEU B CD1 1 
ATOM   941  C CD2 . LEU B 1 53 ? 0.394   14.976  -8.380  1.00 14.11 ? 221  LEU B CD2 1 
ATOM   942  N N   . SER B 1 54 ? -1.100  14.337  -3.754  1.00 9.39  ? 222  SER B N   1 
ATOM   943  C CA  . SER B 1 54 ? -0.125  14.305  -2.680  1.00 8.91  ? 222  SER B CA  1 
ATOM   944  C C   . SER B 1 54 ? -0.337  13.224  -1.635  1.00 9.43  ? 222  SER B C   1 
ATOM   945  O O   . SER B 1 54 ? 0.551   12.969  -0.830  1.00 10.96 ? 222  SER B O   1 
ATOM   946  C CB  . SER B 1 54 ? -0.079  15.668  -1.990  1.00 10.05 ? 222  SER B CB  1 
ATOM   947  O OG  . SER B 1 54 ? -1.302  15.918  -1.365  1.00 11.28 ? 222  SER B OG  1 
ATOM   948  N N   . PHE B 1 55 ? -1.487  12.574  -1.662  1.00 7.65  ? 223  PHE B N   1 
ATOM   949  C CA  . PHE B 1 55 ? -1.770  11.540  -0.678  1.00 7.71  ? 223  PHE B CA  1 
ATOM   950  C C   . PHE B 1 55 ? -1.345  10.154  -1.148  1.00 9.22  ? 223  PHE B C   1 
ATOM   951  O O   . PHE B 1 55 ? -1.468  9.193   -0.397  1.00 9.66  ? 223  PHE B O   1 
ATOM   952  C CB  . PHE B 1 55 ? -3.272  11.522  -0.379  1.00 8.58  ? 223  PHE B CB  1 
ATOM   953  C CG  . PHE B 1 55 ? -3.722  12.533  0.647   1.00 8.49  ? 223  PHE B CG  1 
ATOM   954  C CD1 . PHE B 1 55 ? -3.464  13.892  0.480   1.00 9.34  ? 223  PHE B CD1 1 
ATOM   955  C CD2 . PHE B 1 55 ? -4.434  12.124  1.766   1.00 8.99  ? 223  PHE B CD2 1 
ATOM   956  C CE1 . PHE B 1 55 ? -3.922  14.822  1.430   1.00 8.80  ? 223  PHE B CE1 1 
ATOM   957  C CE2 . PHE B 1 55 ? -4.887  13.047  2.704   1.00 9.24  ? 223  PHE B CE2 1 
ATOM   958  C CZ  . PHE B 1 55 ? -4.628  14.393  2.529   1.00 10.36 ? 223  PHE B CZ  1 
ATOM   959  N N   . VAL B 1 56 ? -0.812  10.052  -2.361  1.00 8.27  ? 224  VAL B N   1 
ATOM   960  C CA  . VAL B 1 56 ? -0.481  8.755   -2.939  1.00 9.15  ? 224  VAL B CA  1 
ATOM   961  C C   . VAL B 1 56 ? 0.885   8.666   -3.582  1.00 9.42  ? 224  VAL B C   1 
ATOM   962  O O   . VAL B 1 56 ? 1.564   9.673   -3.798  1.00 10.36 ? 224  VAL B O   1 
ATOM   963  C CB  . VAL B 1 56 ? -1.530  8.373   -4.052  1.00 8.88  ? 224  VAL B CB  1 
ATOM   964  C CG1 . VAL B 1 56 ? -2.937  8.527   -3.507  1.00 9.55  ? 224  VAL B CG1 1 
ATOM   965  C CG2 . VAL B 1 56 ? -1.344  9.262   -5.302  1.00 8.76  ? 224  VAL B CG2 1 
ATOM   966  N N   . LYS B 1 57 ? 1.279   7.426   -3.855  1.00 9.08  ? 225  LYS B N   1 
ATOM   967  C CA  . LYS B 1 57 ? 2.505   7.144   -4.585  1.00 9.40  ? 225  LYS B CA  1 
ATOM   968  C C   . LYS B 1 57 ? 2.075   6.506   -5.904  1.00 9.39  ? 225  LYS B C   1 
ATOM   969  O O   . LYS B 1 57 ? 1.361   5.502   -5.893  1.00 10.19 ? 225  LYS B O   1 
ATOM   970  C CB  . LYS B 1 57 ? 3.386   6.144   -3.834  1.00 11.31 ? 225  LYS B CB  1 
ATOM   971  C CG  . LYS B 1 57 ? 4.565   5.684   -4.673  1.00 11.78 ? 225  LYS B CG  1 
ATOM   972  C CD  . LYS B 1 57 ? 5.368   4.592   -3.978  1.00 13.10 ? 225  LYS B CD  1 
ATOM   973  C CE  . LYS B 1 57 ? 6.521   4.162   -4.866  1.00 15.21 ? 225  LYS B CE  1 
ATOM   974  N NZ  . LYS B 1 57 ? 7.472   3.244   -4.177  1.00 16.63 ? 225  LYS B NZ  1 
ATOM   975  N N   . ILE B 1 58 ? 2.445   7.104   -7.033  1.00 8.95  ? 226  ILE B N   1 
ATOM   976  C CA  . ILE B 1 58 ? 2.145   6.511   -8.339  1.00 10.38 ? 226  ILE B CA  1 
ATOM   977  C C   . ILE B 1 58 ? 3.079   5.299   -8.455  1.00 9.71  ? 226  ILE B C   1 
ATOM   978  O O   . ILE B 1 58 ? 4.282   5.443   -8.286  1.00 10.65 ? 226  ILE B O   1 
ATOM   979  C CB  . ILE B 1 58 ? 2.451   7.494   -9.483  1.00 10.93 ? 226  ILE B CB  1 
ATOM   980  C CG1 . ILE B 1 58 ? 1.645   8.784   -9.294  1.00 15.71 ? 226  ILE B CG1 1 
ATOM   981  C CG2 . ILE B 1 58 ? 2.141   6.850   -10.840 1.00 10.64 ? 226  ILE B CG2 1 
ATOM   982  C CD1 . ILE B 1 58 ? 0.151   8.587   -9.255  1.00 16.54 ? 226  ILE B CD1 1 
ATOM   983  N N   . LEU B 1 59 ? 2.526   4.120   -8.737  1.00 9.48  ? 227  LEU B N   1 
ATOM   984  C CA  . LEU B 1 59 ? 3.332   2.910   -8.815  1.00 9.70  ? 227  LEU B CA  1 
ATOM   985  C C   . LEU B 1 59 ? 3.961   2.707   -10.187 1.00 11.23 ? 227  LEU B C   1 
ATOM   986  O O   . LEU B 1 59 ? 3.534   3.307   -11.181 1.00 12.51 ? 227  LEU B O   1 
ATOM   987  C CB  . LEU B 1 59 ? 2.482   1.693   -8.413  1.00 11.45 ? 227  LEU B CB  1 
ATOM   988  C CG  . LEU B 1 59 ? 1.820   1.819   -7.023  1.00 10.37 ? 227  LEU B CG  1 
ATOM   989  C CD1 . LEU B 1 59 ? 1.025   0.574   -6.695  1.00 11.51 ? 227  LEU B CD1 1 
ATOM   990  C CD2 . LEU B 1 59 ? 2.881   2.051   -5.954  1.00 11.37 ? 227  LEU B CD2 1 
ATOM   991  N N   . LYS B 1 60 ? 4.995   1.874   -10.219 1.00 13.74 ? 228  LYS B N   1 
ATOM   992  C CA  . LYS B 1 60 ? 5.725   1.543   -11.448 1.00 16.71 ? 228  LYS B CA  1 
ATOM   993  C C   . LYS B 1 60 ? 5.541   0.065   -11.746 1.00 19.57 ? 228  LYS B C   1 
ATOM   994  O O   . LYS B 1 60 ? 5.565   -0.312  -12.942 1.00 21.23 ? 228  LYS B O   1 
ATOM   995  C CB  . LYS B 1 60 ? 7.215   1.844   -11.276 1.00 18.90 ? 228  LYS B CB  1 
ATOM   996  C CG  . LYS B 1 60 ? 7.476   3.290   -10.972 1.00 21.99 ? 228  LYS B CG  1 
ATOM   997  C CD  . LYS B 1 60 ? 8.953   3.606   -10.909 1.00 26.25 ? 228  LYS B CD  1 
ATOM   998  C CE  . LYS B 1 60 ? 9.157   5.009   -10.384 1.00 28.93 ? 228  LYS B CE  1 
ATOM   999  N NZ  . LYS B 1 60 ? 8.274   5.981   -11.090 1.00 32.79 ? 228  LYS B NZ  1 
ATOM   1000 O OXT . LYS B 1 60 ? 5.402   -0.704  -10.771 1.00 19.70 ? 228  LYS B OXT 1 
HETATM 1001 C C   . ACE C 2 1  ? 15.111  -8.552  -12.886 1.00 19.70 ? 359  ACE C C   1 
HETATM 1002 O O   . ACE C 2 1  ? 15.245  -9.705  -13.306 1.00 20.30 ? 359  ACE C O   1 
HETATM 1003 C CH3 . ACE C 2 1  ? 14.178  -7.578  -13.566 1.00 22.20 ? 359  ACE C CH3 1 
ATOM   1004 N N   . LYS C 2 2  ? 15.387  -8.206  -11.630 1.00 18.90 ? 360  LYS C N   1 
ATOM   1005 C CA  . LYS C 2 2  ? 16.167  -9.084  -10.783 1.00 19.57 ? 360  LYS C CA  1 
ATOM   1006 C C   . LYS C 2 2  ? 15.290  -10.218 -10.279 1.00 19.60 ? 360  LYS C C   1 
ATOM   1007 O O   . LYS C 2 2  ? 14.092  -10.041 -10.041 1.00 18.93 ? 360  LYS C O   1 
ATOM   1008 C CB  . LYS C 2 2  ? 16.757  -8.296  -9.615  1.00 19.43 ? 360  LYS C CB  1 
ATOM   1009 C CG  . LYS C 2 2  ? 17.732  -7.211  -10.078 1.00 18.50 ? 360  LYS C CG  1 
ATOM   1010 C CD  . LYS C 2 2  ? 18.554  -6.639  -8.931  1.00 19.41 ? 360  LYS C CD  1 
ATOM   1011 C CE  . LYS C 2 2  ? 17.686  -6.122  -7.793  1.00 19.16 ? 360  LYS C CE  1 
ATOM   1012 N NZ  . LYS C 2 2  ? 18.559  -5.452  -6.798  1.00 20.69 ? 360  LYS C NZ  1 
ATOM   1013 N N   . PRO C 2 3  ? 15.879  -11.407 -10.129 1.00 19.49 ? 361  PRO C N   1 
ATOM   1014 C CA  . PRO C 2 3  ? 15.145  -12.579 -9.651  1.00 19.34 ? 361  PRO C CA  1 
ATOM   1015 C C   . PRO C 2 3  ? 14.714  -12.392 -8.205  1.00 17.06 ? 361  PRO C C   1 
ATOM   1016 O O   . PRO C 2 3  ? 15.387  -11.724 -7.422  1.00 17.74 ? 361  PRO C O   1 
ATOM   1017 C CB  . PRO C 2 3  ? 16.170  -13.707 -9.778  1.00 20.88 ? 361  PRO C CB  1 
ATOM   1018 C CG  . PRO C 2 3  ? 17.109  -13.213 -10.843 1.00 23.88 ? 361  PRO C CG  1 
ATOM   1019 C CD  . PRO C 2 3  ? 17.259  -11.764 -10.492 1.00 21.32 ? 361  PRO C CD  1 
ATOM   1020 N N   . GLN C 2 4  ? 13.581  -12.989 -7.863  1.00 16.92 ? 362  GLN C N   1 
ATOM   1021 C CA  . GLN C 2 4  ? 13.084  -12.930 -6.500  1.00 16.49 ? 362  GLN C CA  1 
ATOM   1022 C C   . GLN C 2 4  ? 13.986  -13.841 -5.669  1.00 15.38 ? 362  GLN C C   1 
ATOM   1023 O O   . GLN C 2 4  ? 14.427  -14.887 -6.146  1.00 18.26 ? 362  GLN C O   1 
ATOM   1024 C CB  . GLN C 2 4  ? 11.654  -13.473 -6.425  1.00 14.38 ? 362  GLN C CB  1 
ATOM   1025 C CG  . GLN C 2 4  ? 10.591  -12.612 -7.090  1.00 15.42 ? 362  GLN C CG  1 
ATOM   1026 C CD  . GLN C 2 4  ? 9.302   -13.369 -7.308  1.00 17.77 ? 362  GLN C CD  1 
ATOM   1027 O OE1 . GLN C 2 4  ? 9.170   -14.182 -8.238  1.00 19.33 ? 362  GLN C OE1 1 
ATOM   1028 N NE2 . GLN C 2 4  ? 8.324   -13.091 -6.460  1.00 15.77 ? 362  GLN C NE2 1 
ATOM   1029 N N   . PRO C 2 5  ? 14.276  -13.450 -4.429  1.00 16.10 ? 363  PRO C N   1 
ATOM   1030 C CA  . PRO C 2 5  ? 15.114  -14.250 -3.534  1.00 15.49 ? 363  PRO C CA  1 
ATOM   1031 C C   . PRO C 2 5  ? 14.303  -15.497 -3.164  1.00 13.75 ? 363  PRO C C   1 
ATOM   1032 O O   . PRO C 2 5  ? 13.094  -15.588 -3.423  1.00 12.73 ? 363  PRO C O   1 
ATOM   1033 C CB  . PRO C 2 5  ? 15.281  -13.358 -2.304  1.00 18.19 ? 363  PRO C CB  1 
ATOM   1034 C CG  . PRO C 2 5  ? 15.044  -11.974 -2.806  1.00 18.80 ? 363  PRO C CG  1 
ATOM   1035 C CD  . PRO C 2 5  ? 13.974  -12.131 -3.849  1.00 16.74 ? 363  PRO C CD  1 
ATOM   1036 N N   . ALA C 2 6  ? 14.973  -16.463 -2.552  1.00 13.50 ? 364  ALA C N   1 
ATOM   1037 C CA  . ALA C 2 6  ? 14.272  -17.638 -2.078  1.00 13.66 ? 364  ALA C CA  1 
ATOM   1038 C C   . ALA C 2 6  ? 13.411  -17.153 -0.912  1.00 13.57 ? 364  ALA C C   1 
ATOM   1039 O O   . ALA C 2 6  ? 13.720  -16.153 -0.261  1.00 14.06 ? 364  ALA C O   1 
ATOM   1040 C CB  . ALA C 2 6  ? 15.269  -18.674 -1.583  1.00 13.95 ? 364  ALA C CB  1 
ATOM   1041 N N   . VAL C 2 7  ? 12.323  -17.858 -0.661  1.00 11.10 ? 365  VAL C N   1 
ATOM   1042 C CA  . VAL C 2 7  ? 11.449  -17.528 0.457   1.00 11.59 ? 365  VAL C CA  1 
ATOM   1043 C C   . VAL C 2 7  ? 11.953  -18.318 1.670   1.00 11.91 ? 365  VAL C C   1 
ATOM   1044 O O   . VAL C 2 7  ? 12.171  -19.531 1.595   1.00 12.68 ? 365  VAL C O   1 
ATOM   1045 C CB  . VAL C 2 7  ? 9.998   -17.947 0.161   1.00 11.30 ? 365  VAL C CB  1 
ATOM   1046 C CG1 . VAL C 2 7  ? 9.098   -17.582 1.340   1.00 12.98 ? 365  VAL C CG1 1 
ATOM   1047 C CG2 . VAL C 2 7  ? 9.515   -17.259 -1.130  1.00 11.36 ? 365  VAL C CG2 1 
ATOM   1048 N N   . PRO C 2 8  ? 12.166  -17.636 2.805   1.00 11.11 ? 366  PRO C N   1 
ATOM   1049 C CA  . PRO C 2 8  ? 12.640  -18.362 3.987   1.00 11.75 ? 366  PRO C CA  1 
ATOM   1050 C C   . PRO C 2 8  ? 11.612  -19.384 4.456   1.00 11.24 ? 366  PRO C C   1 
ATOM   1051 O O   . PRO C 2 8  ? 10.437  -19.296 4.110   1.00 12.42 ? 366  PRO C O   1 
ATOM   1052 C CB  . PRO C 2 8  ? 12.840  -17.250 5.020   1.00 12.52 ? 366  PRO C CB  1 
ATOM   1053 C CG  . PRO C 2 8  ? 11.854  -16.210 4.622   1.00 12.45 ? 366  PRO C CG  1 
ATOM   1054 C CD  . PRO C 2 8  ? 11.949  -16.207 3.097   1.00 11.96 ? 366  PRO C CD  1 
ATOM   1055 N N   . PRO C 2 9  ? 12.049  -20.378 5.244   1.00 11.91 ? 367  PRO C N   1 
ATOM   1056 C CA  . PRO C 2 9  ? 11.109  -21.385 5.740   1.00 12.78 ? 367  PRO C CA  1 
ATOM   1057 C C   . PRO C 2 9  ? 9.967   -20.680 6.480   1.00 12.62 ? 367  PRO C C   1 
ATOM   1058 O O   . PRO C 2 9  ? 10.187  -19.713 7.217   1.00 12.74 ? 367  PRO C O   1 
ATOM   1059 C CB  . PRO C 2 9  ? 11.957  -22.217 6.702   1.00 14.08 ? 367  PRO C CB  1 
ATOM   1060 C CG  . PRO C 2 9  ? 13.355  -22.035 6.212   1.00 15.88 ? 367  PRO C CG  1 
ATOM   1061 C CD  . PRO C 2 9  ? 13.404  -20.586 5.782   1.00 14.40 ? 367  PRO C CD  1 
ATOM   1062 N N   . ARG C 2 10 ? 8.748   -21.152 6.282   1.00 13.04 ? 368  ARG C N   1 
ATOM   1063 C CA  . ARG C 2 10 ? 7.607   -20.558 6.967   1.00 13.87 ? 368  ARG C CA  1 
ATOM   1064 C C   . ARG C 2 10 ? 7.598   -20.976 8.440   1.00 14.95 ? 368  ARG C C   1 
ATOM   1065 O O   . ARG C 2 10 ? 8.150   -22.014 8.809   1.00 14.80 ? 368  ARG C O   1 
ATOM   1066 C CB  . ARG C 2 10 ? 6.294   -21.043 6.333   1.00 13.59 ? 368  ARG C CB  1 
ATOM   1067 C CG  . ARG C 2 10 ? 5.705   -20.179 5.216   1.00 16.06 ? 368  ARG C CG  1 
ATOM   1068 C CD  . ARG C 2 10 ? 6.357   -20.334 3.847   1.00 18.24 ? 368  ARG C CD  1 
ATOM   1069 N NE  . ARG C 2 10 ? 5.598   -19.544 2.876   1.00 17.49 ? 368  ARG C NE  1 
ATOM   1070 C CZ  . ARG C 2 10 ? 5.874   -19.436 1.580   1.00 16.72 ? 368  ARG C CZ  1 
ATOM   1071 N NH1 . ARG C 2 10 ? 6.909   -20.080 1.048   1.00 17.87 ? 368  ARG C NH1 1 
ATOM   1072 N NH2 . ARG C 2 10 ? 5.124   -18.663 0.819   1.00 16.97 ? 368  ARG C NH2 1 
ATOM   1073 N N   . PRO C 2 11 ? 7.009   -20.143 9.311   1.00 15.69 ? 369  PRO C N   1 
ATOM   1074 C CA  . PRO C 2 11 ? 6.966   -20.542 10.720  1.00 15.39 ? 369  PRO C CA  1 
ATOM   1075 C C   . PRO C 2 11 ? 6.090   -21.799 10.796  1.00 13.50 ? 369  PRO C C   1 
ATOM   1076 O O   . PRO C 2 11 ? 5.105   -21.909 10.052  1.00 14.31 ? 369  PRO C O   1 
ATOM   1077 C CB  . PRO C 2 11 ? 6.278   -19.360 11.395  1.00 17.66 ? 369  PRO C CB  1 
ATOM   1078 C CG  . PRO C 2 11 ? 6.683   -18.208 10.555  1.00 18.44 ? 369  PRO C CG  1 
ATOM   1079 C CD  . PRO C 2 11 ? 6.551   -18.753 9.142   1.00 16.26 ? 369  PRO C CD  1 
ATOM   1080 N N   . SER C 2 12 ? 6.420   -22.732 11.685  1.00 14.19 ? 370  SER C N   1 
ATOM   1081 C CA  . SER C 2 12 ? 5.647   -23.966 11.819  1.00 12.70 ? 370  SER C CA  1 
ATOM   1082 C C   . SER C 2 12 ? 5.803   -24.628 13.180  1.00 13.99 ? 370  SER C C   1 
ATOM   1083 O O   . SER C 2 12 ? 6.582   -24.161 14.022  1.00 14.62 ? 370  SER C O   1 
ATOM   1084 C CB  . SER C 2 12 ? 6.065   -24.970 10.743  1.00 15.04 ? 370  SER C CB  1 
ATOM   1085 O OG  . SER C 2 12 ? 7.399   -25.389 10.976  1.00 20.23 ? 370  SER C OG  1 
ATOM   1086 N N   . ALA C 2 13 ? 5.063   -25.714 13.393  1.00 13.52 ? 371  ALA C N   1 
ATOM   1087 C CA  . ALA C 2 13 ? 5.138   -26.464 14.650  1.00 13.78 ? 371  ALA C CA  1 
ATOM   1088 C C   . ALA C 2 13 ? 4.953   -27.953 14.377  1.00 14.84 ? 371  ALA C C   1 
ATOM   1089 O O   . ALA C 2 13 ? 4.294   -28.672 15.159  1.00 16.57 ? 371  ALA C O   1 
ATOM   1090 C CB  . ALA C 2 13 ? 4.064   -25.970 15.627  1.00 15.14 ? 371  ALA C CB  1 
ATOM   1091 N N   . ASP C 2 14 ? 5.530   -28.430 13.275  1.00 15.25 ? 372  ASP C N   1 
ATOM   1092 C CA  . ASP C 2 14 ? 5.396   -29.832 12.911  1.00 18.03 ? 372  ASP C CA  1 
ATOM   1093 C C   . ASP C 2 14 ? 6.702   -30.612 12.974  1.00 18.47 ? 372  ASP C C   1 
ATOM   1094 O O   . ASP C 2 14 ? 6.806   -31.658 12.286  1.00 20.28 ? 372  ASP C O   1 
ATOM   1095 C CB  . ASP C 2 14 ? 4.782   -29.946 11.509  1.00 19.37 ? 372  ASP C CB  1 
ATOM   1096 C CG  . ASP C 2 14 ? 5.598   -29.231 10.453  1.00 20.46 ? 372  ASP C CG  1 
ATOM   1097 O OD1 . ASP C 2 14 ? 6.540   -28.481 10.804  1.00 20.70 ? 372  ASP C OD1 1 
ATOM   1098 O OD2 . ASP C 2 14 ? 5.284   -29.410 9.252   1.00 22.53 ? 372  ASP C OD2 1 
ATOM   1099 O OXT . ASP C 2 14 ? 7.593   -30.190 13.742  1.00 19.64 ? 372  ASP C OXT 1 
HETATM 1100 C C   . ACE D 2 1  ? 1.325   11.415  14.236  1.00 29.56 ? 359  ACE D C   1 
HETATM 1101 O O   . ACE D 2 1  ? 2.235   11.978  14.854  1.00 30.80 ? 359  ACE D O   1 
HETATM 1102 C CH3 . ACE D 2 1  ? 0.208   10.694  14.974  1.00 30.29 ? 359  ACE D CH3 1 
ATOM   1103 N N   . LYS D 2 2  ? 1.395   11.147  12.937  1.00 28.97 ? 360  LYS D N   1 
ATOM   1104 C CA  . LYS D 2 2  ? 2.409   11.759  12.081  1.00 27.53 ? 360  LYS D CA  1 
ATOM   1105 C C   . LYS D 2 2  ? 1.766   12.866  11.252  1.00 24.64 ? 360  LYS D C   1 
ATOM   1106 O O   . LYS D 2 2  ? 0.551   12.884  11.075  1.00 24.24 ? 360  LYS D O   1 
ATOM   1107 C CB  . LYS D 2 2  ? 3.025   10.703  11.165  1.00 28.82 ? 360  LYS D CB  1 
ATOM   1108 N N   . PRO D 2 3  ? 2.573   13.811  10.741  1.00 24.07 ? 361  PRO D N   1 
ATOM   1109 C CA  . PRO D 2 3  ? 1.996   14.892  9.937   1.00 21.80 ? 361  PRO D CA  1 
ATOM   1110 C C   . PRO D 2 3  ? 1.357   14.288  8.683   1.00 21.15 ? 361  PRO D C   1 
ATOM   1111 O O   . PRO D 2 3  ? 1.755   13.217  8.230   1.00 22.92 ? 361  PRO D O   1 
ATOM   1112 C CB  . PRO D 2 3  ? 3.209   15.757  9.596   1.00 23.05 ? 361  PRO D CB  1 
ATOM   1113 C CG  . PRO D 2 3  ? 4.173   15.476  10.755  1.00 24.19 ? 361  PRO D CG  1 
ATOM   1114 C CD  . PRO D 2 3  ? 4.028   13.991  10.899  1.00 23.88 ? 361  PRO D CD  1 
ATOM   1115 N N   . GLN D 2 4  ? 0.361   14.968  8.128   1.00 19.06 ? 362  GLN D N   1 
ATOM   1116 C CA  . GLN D 2 4  ? -0.307  14.479  6.931   1.00 17.66 ? 362  GLN D CA  1 
ATOM   1117 C C   . GLN D 2 4  ? -0.190  15.552  5.844   1.00 16.81 ? 362  GLN D C   1 
ATOM   1118 O O   . GLN D 2 4  ? 0.077   16.713  6.138   1.00 16.35 ? 362  GLN D O   1 
ATOM   1119 C CB  . GLN D 2 4  ? -1.790  14.227  7.228   1.00 17.83 ? 362  GLN D CB  1 
ATOM   1120 C CG  . GLN D 2 4  ? -2.066  13.354  8.460   0.50 16.99 ? 362  GLN D CG  1 
ATOM   1121 C CD  . GLN D 2 4  ? -1.661  11.897  8.266   0.50 16.04 ? 362  GLN D CD  1 
ATOM   1122 O OE1 . GLN D 2 4  ? -2.306  11.146  7.526   0.50 18.62 ? 362  GLN D OE1 1 
ATOM   1123 N NE2 . GLN D 2 4  ? -0.586  11.493  8.934   0.50 16.06 ? 362  GLN D NE2 1 
ATOM   1124 N N   . PRO D 2 5  ? -0.314  15.173  4.568   1.00 14.53 ? 363  PRO D N   1 
ATOM   1125 C CA  . PRO D 2 5  ? -0.218  16.215  3.541   1.00 13.07 ? 363  PRO D CA  1 
ATOM   1126 C C   . PRO D 2 5  ? -1.466  17.072  3.684   1.00 11.74 ? 363  PRO D C   1 
ATOM   1127 O O   . PRO D 2 5  ? -2.492  16.591  4.133   1.00 13.51 ? 363  PRO D O   1 
ATOM   1128 C CB  . PRO D 2 5  ? -0.267  15.434  2.221   1.00 14.48 ? 363  PRO D CB  1 
ATOM   1129 C CG  . PRO D 2 5  ? 0.164   14.046  2.604   1.00 18.47 ? 363  PRO D CG  1 
ATOM   1130 C CD  . PRO D 2 5  ? -0.411  13.831  3.972   1.00 17.72 ? 363  PRO D CD  1 
ATOM   1131 N N   . ALA D 2 6  ? -1.370  18.336  3.297   1.00 10.97 ? 364  ALA D N   1 
ATOM   1132 C CA  . ALA D 2 6  ? -2.523  19.223  3.342   1.00 10.38 ? 364  ALA D CA  1 
ATOM   1133 C C   . ALA D 2 6  ? -3.485  18.881  2.209   1.00 11.01 ? 364  ALA D C   1 
ATOM   1134 O O   . ALA D 2 6  ? -3.053  18.480  1.122   1.00 11.19 ? 364  ALA D O   1 
ATOM   1135 C CB  . ALA D 2 6  ? -2.069  20.660  3.175   1.00 11.94 ? 364  ALA D CB  1 
ATOM   1136 N N   . VAL D 2 7  ? -4.779  19.023  2.455   1.00 11.14 ? 365  VAL D N   1 
ATOM   1137 C CA  . VAL D 2 7  ? -5.738  18.820  1.390   1.00 11.02 ? 365  VAL D CA  1 
ATOM   1138 C C   . VAL D 2 7  ? -5.645  20.100  0.556   1.00 12.69 ? 365  VAL D C   1 
ATOM   1139 O O   . VAL D 2 7  ? -5.817  21.219  1.061   1.00 12.96 ? 365  VAL D O   1 
ATOM   1140 C CB  . VAL D 2 7  ? -7.147  18.643  1.942   1.00 11.02 ? 365  VAL D CB  1 
ATOM   1141 C CG1 . VAL D 2 7  ? -8.176  18.616  0.791   1.00 13.65 ? 365  VAL D CG1 1 
ATOM   1142 C CG2 . VAL D 2 7  ? -7.202  17.358  2.721   1.00 12.73 ? 365  VAL D CG2 1 
ATOM   1143 N N   . PRO D 2 8  ? -5.345  19.958  -0.738  1.00 11.90 ? 366  PRO D N   1 
ATOM   1144 C CA  . PRO D 2 8  ? -5.217  21.108  -1.627  1.00 13.10 ? 366  PRO D CA  1 
ATOM   1145 C C   . PRO D 2 8  ? -6.556  21.751  -1.977  1.00 14.04 ? 366  PRO D C   1 
ATOM   1146 O O   . PRO D 2 8  ? -7.622  21.206  -1.696  1.00 14.64 ? 366  PRO D O   1 
ATOM   1147 C CB  . PRO D 2 8  ? -4.488  20.516  -2.837  1.00 13.86 ? 366  PRO D CB  1 
ATOM   1148 C CG  . PRO D 2 8  ? -5.067  19.130  -2.905  1.00 13.31 ? 366  PRO D CG  1 
ATOM   1149 C CD  . PRO D 2 8  ? -5.131  18.690  -1.460  1.00 12.14 ? 366  PRO D CD  1 
ATOM   1150 N N   . PRO D 2 9  ? -6.503  22.950  -2.570  1.00 17.35 ? 367  PRO D N   1 
ATOM   1151 C CA  . PRO D 2 9  ? -7.718  23.666  -2.963  1.00 18.20 ? 367  PRO D CA  1 
ATOM   1152 C C   . PRO D 2 9  ? -8.502  22.782  -3.928  1.00 18.62 ? 367  PRO D C   1 
ATOM   1153 O O   . PRO D 2 9  ? -7.897  22.125  -4.791  1.00 18.03 ? 367  PRO D O   1 
ATOM   1154 C CB  . PRO D 2 9  ? -7.172  24.918  -3.659  1.00 20.15 ? 367  PRO D CB  1 
ATOM   1155 C CG  . PRO D 2 9  ? -5.846  25.124  -3.005  1.00 20.32 ? 367  PRO D CG  1 
ATOM   1156 C CD  . PRO D 2 9  ? -5.298  23.722  -2.900  1.00 18.80 ? 367  PRO D CD  1 
ATOM   1157 N N   . ARG D 2 10 ? -9.826  22.741  -3.796  1.00 21.27 ? 368  ARG D N   1 
ATOM   1158 C CA  . ARG D 2 10 ? -10.611 21.912  -4.701  1.00 22.29 ? 368  ARG D CA  1 
ATOM   1159 C C   . ARG D 2 10 ? -10.475 22.445  -6.126  1.00 22.77 ? 368  ARG D C   1 
ATOM   1160 O O   . ARG D 2 10 ? -10.305 23.644  -6.349  1.00 23.96 ? 368  ARG D O   1 
ATOM   1161 C CB  . ARG D 2 10 ? -12.077 21.819  -4.251  1.00 24.89 ? 368  ARG D CB  1 
ATOM   1162 C CG  . ARG D 2 10 ? -12.411 20.519  -3.471  1.00 25.61 ? 368  ARG D CG  1 
ATOM   1163 C CD  . ARG D 2 10 ? -11.800 20.463  -2.055  1.00 27.63 ? 368  ARG D CD  1 
ATOM   1164 N NE  . ARG D 2 10 ? -12.039 19.169  -1.406  1.00 27.65 ? 368  ARG D NE  1 
ATOM   1165 C CZ  . ARG D 2 10 ? -11.759 18.895  -0.134  1.00 26.53 ? 368  ARG D CZ  1 
ATOM   1166 N NH1 . ARG D 2 10 ? -11.232 19.826  0.644   1.00 29.32 ? 368  ARG D NH1 1 
ATOM   1167 N NH2 . ARG D 2 10 ? -11.983 17.683  0.357   1.00 26.60 ? 368  ARG D NH2 1 
ATOM   1168 N N   . PRO D 2 11 ? -10.542 21.545  -7.115  1.00 22.25 ? 369  PRO D N   1 
ATOM   1169 C CA  . PRO D 2 11 ? -10.401 21.921  -8.521  1.00 24.51 ? 369  PRO D CA  1 
ATOM   1170 C C   . PRO D 2 11 ? -11.460 22.837  -9.111  1.00 26.18 ? 369  PRO D C   1 
ATOM   1171 O O   . PRO D 2 11 ? -11.040 23.904  -9.605  1.00 29.24 ? 369  PRO D O   1 
ATOM   1172 C CB  . PRO D 2 11 ? -10.308 20.567  -9.225  1.00 23.84 ? 369  PRO D CB  1 
ATOM   1173 C CG  . PRO D 2 11 ? -11.174 19.687  -8.388  1.00 22.00 ? 369  PRO D CG  1 
ATOM   1174 C CD  . PRO D 2 11 ? -10.868 20.114  -6.974  1.00 21.55 ? 369  PRO D CD  1 
ATOM   1175 N N   . SER D 2 12 ? -12.659 22.487  -9.078  1.00 28.97 ? 370  SER D N   1 
HETATM 1176 S S   . SO4 E 3 .  ? 0.197   3.790   11.155  0.50 35.70 ? 1229 SO4 A S   1 
HETATM 1177 O O1  . SO4 E 3 .  ? 0.567   3.103   9.905   0.50 37.90 ? 1229 SO4 A O1  1 
HETATM 1178 O O2  . SO4 E 3 .  ? 0.325   5.250   10.975  0.50 38.31 ? 1229 SO4 A O2  1 
HETATM 1179 O O3  . SO4 E 3 .  ? 1.087   3.343   12.242  0.50 36.94 ? 1229 SO4 A O3  1 
HETATM 1180 O O4  . SO4 E 3 .  ? -1.199  3.454   11.494  0.50 37.37 ? 1229 SO4 A O4  1 
HETATM 1181 S S   . SO4 F 3 .  ? -3.908  22.364  -14.374 0.70 23.54 ? 1229 SO4 B S   1 
HETATM 1182 O O1  . SO4 F 3 .  ? -2.510  21.959  -14.610 0.70 21.72 ? 1229 SO4 B O1  1 
HETATM 1183 O O2  . SO4 F 3 .  ? -4.839  21.382  -14.964 0.70 23.20 ? 1229 SO4 B O2  1 
HETATM 1184 O O3  . SO4 F 3 .  ? -4.142  23.669  -15.023 0.70 22.76 ? 1229 SO4 B O3  1 
HETATM 1185 O O4  . SO4 F 3 .  ? -4.143  22.499  -12.910 0.70 18.58 ? 1229 SO4 B O4  1 
HETATM 1186 S S   . SO4 G 3 .  ? -7.083  -0.735  -16.296 0.60 16.85 ? 1230 SO4 B S   1 
HETATM 1187 O O1  . SO4 G 3 .  ? -5.910  -1.620  -16.326 0.60 21.64 ? 1230 SO4 B O1  1 
HETATM 1188 O O2  . SO4 G 3 .  ? -8.172  -1.332  -17.096 0.60 22.89 ? 1230 SO4 B O2  1 
HETATM 1189 O O3  . SO4 G 3 .  ? -6.727  0.571   -16.866 0.60 21.39 ? 1230 SO4 B O3  1 
HETATM 1190 O O4  . SO4 G 3 .  ? -7.551  -0.569  -14.913 0.60 21.80 ? 1230 SO4 B O4  1 
HETATM 1191 S S   . SO4 H 3 .  ? -4.134  -5.323  -11.555 0.70 37.15 ? 1231 SO4 B S   1 
HETATM 1192 O O1  . SO4 H 3 .  ? -3.207  -6.243  -12.244 0.70 37.48 ? 1231 SO4 B O1  1 
HETATM 1193 O O2  . SO4 H 3 .  ? -5.157  -4.850  -12.508 0.70 36.42 ? 1231 SO4 B O2  1 
HETATM 1194 O O3  . SO4 H 3 .  ? -3.375  -4.173  -11.022 0.70 37.00 ? 1231 SO4 B O3  1 
HETATM 1195 O O4  . SO4 H 3 .  ? -4.799  -6.026  -10.445 0.70 37.56 ? 1231 SO4 B O4  1 
HETATM 1196 C C1  . TFA I 4 .  ? -6.163  11.390  -18.450 0.80 19.15 ? 1232 TFA B C1  1 
HETATM 1197 C C2  . TFA I 4 .  ? -4.678  11.478  -18.042 0.80 21.15 ? 1232 TFA B C2  1 
HETATM 1198 O O   . TFA I 4 .  ? -6.990  12.186  -17.899 0.80 15.90 ? 1232 TFA B O   1 
HETATM 1199 F F1  . TFA I 4 .  ? -3.814  10.785  -18.739 0.80 22.80 ? 1232 TFA B F1  1 
HETATM 1200 F F2  . TFA I 4 .  ? -4.287  12.741  -18.167 0.80 21.67 ? 1232 TFA B F2  1 
HETATM 1201 F F3  . TFA I 4 .  ? -4.325  11.160  -16.719 0.80 22.76 ? 1232 TFA B F3  1 
HETATM 1202 O OXT . TFA I 4 .  ? -6.451  10.543  -19.266 0.80 22.21 ? 1232 TFA B OXT 1 
HETATM 1203 C C1  . TFA J 4 .  ? -14.897 18.260  -8.701  0.70 23.36 ? 1233 TFA B C1  1 
HETATM 1204 C C2  . TFA J 4 .  ? -15.048 17.203  -9.819  0.70 23.54 ? 1233 TFA B C2  1 
HETATM 1205 O O   . TFA J 4 .  ? -14.137 19.279  -8.924  0.70 24.99 ? 1233 TFA B O   1 
HETATM 1206 F F1  . TFA J 4 .  ? -14.075 17.130  -10.682 0.70 23.10 ? 1233 TFA B F1  1 
HETATM 1207 F F2  . TFA J 4 .  ? -15.105 15.988  -9.264  0.70 23.13 ? 1233 TFA B F2  1 
HETATM 1208 F F3  . TFA J 4 .  ? -16.177 17.245  -10.661 0.70 23.01 ? 1233 TFA B F3  1 
HETATM 1209 O OXT . TFA J 4 .  ? -15.522 18.080  -7.690  0.70 25.04 ? 1233 TFA B OXT 1 
HETATM 1210 O O   . HOH K 5 .  ? -0.903  -4.492  20.731  1.00 24.26 ? 2001 HOH A O   1 
HETATM 1211 O O   . HOH K 5 .  ? 7.257   6.148   -0.239  1.00 32.52 ? 2002 HOH A O   1 
HETATM 1212 O O   . HOH K 5 .  ? 14.097  -1.545  -5.402  1.00 23.37 ? 2003 HOH A O   1 
HETATM 1213 O O   . HOH K 5 .  ? -2.293  0.161   17.036  1.00 36.14 ? 2004 HOH A O   1 
HETATM 1214 O O   . HOH K 5 .  ? -0.898  -0.075  14.275  1.00 36.69 ? 2005 HOH A O   1 
HETATM 1215 O O   . HOH K 5 .  ? 9.390   5.483   9.932   1.00 26.86 ? 2006 HOH A O   1 
HETATM 1216 O O   . HOH K 5 .  ? 0.661   -24.171 0.533   1.00 43.04 ? 2007 HOH A O   1 
HETATM 1217 O O   . HOH K 5 .  ? -5.773  -21.426 1.284   1.00 28.99 ? 2008 HOH A O   1 
HETATM 1218 O O   . HOH K 5 .  ? -0.368  -7.930  -5.236  1.00 26.17 ? 2009 HOH A O   1 
HETATM 1219 O O   . HOH K 5 .  ? 8.859   5.502   7.085   1.00 40.87 ? 2010 HOH A O   1 
HETATM 1220 O O   . HOH K 5 .  ? 4.857   8.407   3.428   1.00 28.67 ? 2011 HOH A O   1 
HETATM 1221 O O   . HOH K 5 .  ? -3.834  -8.454  -1.505  1.00 29.45 ? 2012 HOH A O   1 
HETATM 1222 O O   . HOH K 5 .  ? 12.490  4.425   -1.631  1.00 30.74 ? 2013 HOH A O   1 
HETATM 1223 O O   . HOH K 5 .  ? 8.489   4.352   -1.557  1.00 22.96 ? 2014 HOH A O   1 
HETATM 1224 O O   . HOH K 5 .  ? 10.402  3.451   -5.717  1.00 56.37 ? 2015 HOH A O   1 
HETATM 1225 O O   . HOH K 5 .  ? 11.632  -1.272  -4.721  1.00 20.73 ? 2016 HOH A O   1 
HETATM 1226 O O   . HOH K 5 .  ? 14.700  -4.163  -5.917  1.00 20.68 ? 2017 HOH A O   1 
HETATM 1227 O O   . HOH K 5 .  ? 12.145  -6.129  -8.204  1.00 23.97 ? 2018 HOH A O   1 
HETATM 1228 O O   . HOH K 5 .  ? 4.323   -8.213  -11.368 1.00 32.03 ? 2019 HOH A O   1 
HETATM 1229 O O   . HOH K 5 .  ? 3.649   -10.987 -8.596  1.00 19.07 ? 2020 HOH A O   1 
HETATM 1230 O O   . HOH K 5 .  ? 6.262   -5.647  -10.079 1.00 27.73 ? 2021 HOH A O   1 
HETATM 1231 O O   . HOH K 5 .  ? 9.905   -9.106  -8.350  1.00 18.66 ? 2022 HOH A O   1 
HETATM 1232 O O   . HOH K 5 .  ? 11.007  -19.068 15.858  1.00 40.07 ? 2023 HOH A O   1 
HETATM 1233 O O   . HOH K 5 .  ? 16.050  -11.576 6.372   1.00 28.13 ? 2024 HOH A O   1 
HETATM 1234 O O   . HOH K 5 .  ? 2.003   -14.873 -8.340  1.00 24.79 ? 2025 HOH A O   1 
HETATM 1235 O O   . HOH K 5 .  ? 6.114   -17.177 -2.774  1.00 23.67 ? 2026 HOH A O   1 
HETATM 1236 O O   . HOH K 5 .  ? 5.061   -13.076 -7.128  1.00 20.48 ? 2027 HOH A O   1 
HETATM 1237 O O   . HOH K 5 .  ? -1.396  -15.932 -3.311  1.00 34.90 ? 2028 HOH A O   1 
HETATM 1238 O O   . HOH K 5 .  ? -2.788  -8.365  -4.118  1.00 32.78 ? 2029 HOH A O   1 
HETATM 1239 O O   . HOH K 5 .  ? 3.279   -23.503 2.089   1.00 29.67 ? 2030 HOH A O   1 
HETATM 1240 O O   . HOH K 5 .  ? -0.556  -22.387 -1.420  1.00 27.11 ? 2031 HOH A O   1 
HETATM 1241 O O   . HOH K 5 .  ? 1.592   -21.616 -3.469  1.00 32.45 ? 2032 HOH A O   1 
HETATM 1242 O O   . HOH K 5 .  ? -3.235  -22.132 1.395   1.00 28.32 ? 2033 HOH A O   1 
HETATM 1243 O O   . HOH K 5 .  ? 5.741   -22.659 -2.050  1.00 19.16 ? 2034 HOH A O   1 
HETATM 1244 O O   . HOH K 5 .  ? -3.013  -16.305 -1.032  1.00 29.25 ? 2035 HOH A O   1 
HETATM 1245 O O   . HOH K 5 .  ? -1.022  -20.331 6.245   1.00 26.53 ? 2036 HOH A O   1 
HETATM 1246 O O   . HOH K 5 .  ? 16.977  -9.271  5.164   1.00 25.65 ? 2037 HOH A O   1 
HETATM 1247 O O   . HOH K 5 .  ? 16.357  -5.146  6.647   1.00 44.12 ? 2038 HOH A O   1 
HETATM 1248 O O   . HOH K 5 .  ? -7.521  -14.561 -3.837  1.00 42.28 ? 2039 HOH A O   1 
HETATM 1249 O O   . HOH K 5 .  ? -5.658  -19.206 2.434   1.00 24.92 ? 2040 HOH A O   1 
HETATM 1250 O O   . HOH K 5 .  ? 17.971  -6.881  0.179   1.00 39.51 ? 2041 HOH A O   1 
HETATM 1251 O O   . HOH K 5 .  ? 18.595  -9.902  2.896   1.00 31.42 ? 2042 HOH A O   1 
HETATM 1252 O O   . HOH K 5 .  ? 1.398   -19.904 5.158   1.00 22.22 ? 2043 HOH A O   1 
HETATM 1253 O O   . HOH K 5 .  ? -2.895  -11.276 3.765   1.00 30.68 ? 2044 HOH A O   1 
HETATM 1254 O O   . HOH K 5 .  ? -1.756  -14.343 0.079   1.00 25.98 ? 2045 HOH A O   1 
HETATM 1255 O O   . HOH K 5 .  ? -2.597  -10.163 0.626   1.00 23.81 ? 2046 HOH A O   1 
HETATM 1256 O O   . HOH K 5 .  ? -1.875  -7.584  0.200   1.00 13.16 ? 2047 HOH A O   1 
HETATM 1257 O O   . HOH K 5 .  ? 2.401   -10.387 -6.021  1.00 23.76 ? 2048 HOH A O   1 
HETATM 1258 O O   . HOH K 5 .  ? 4.414   -1.317  -6.769  1.00 12.12 ? 2049 HOH A O   1 
HETATM 1259 O O   . HOH K 5 .  ? 6.703   -2.934  -9.651  1.00 25.55 ? 2050 HOH A O   1 
HETATM 1260 O O   . HOH K 5 .  ? 10.640  -0.971  -7.153  1.00 31.55 ? 2051 HOH A O   1 
HETATM 1261 O O   . HOH K 5 .  ? 3.472   1.240   11.327  1.00 23.71 ? 2052 HOH A O   1 
HETATM 1262 O O   . HOH K 5 .  ? 17.366  -7.330  11.556  1.00 41.48 ? 2053 HOH A O   1 
HETATM 1263 O O   . HOH K 5 .  ? 6.712   -14.188 17.206  1.00 24.07 ? 2054 HOH A O   1 
HETATM 1264 O O   . HOH K 5 .  ? 9.051   -19.013 14.386  1.00 27.39 ? 2055 HOH A O   1 
HETATM 1265 O O   . HOH K 5 .  ? 13.340  -16.080 15.313  1.00 31.75 ? 2056 HOH A O   1 
HETATM 1266 O O   . HOH K 5 .  ? 15.820  -19.788 8.217   1.00 45.35 ? 2057 HOH A O   1 
HETATM 1267 O O   . HOH K 5 .  ? 17.769  -16.230 9.072   1.00 43.66 ? 2058 HOH A O   1 
HETATM 1268 O O   . HOH K 5 .  ? 13.503  -12.929 5.292   1.00 14.50 ? 2059 HOH A O   1 
HETATM 1269 O O   . HOH K 5 .  ? -3.507  -2.005  3.353   1.00 12.60 ? 2060 HOH A O   1 
HETATM 1270 O O   . HOH K 5 .  ? -5.337  -2.809  6.944   1.00 20.57 ? 2061 HOH A O   1 
HETATM 1271 O O   . HOH K 5 .  ? -7.351  -6.981  0.178   1.00 30.90 ? 2062 HOH A O   1 
HETATM 1272 O O   . HOH K 5 .  ? -4.258  -5.346  -5.191  1.00 30.32 ? 2063 HOH A O   1 
HETATM 1273 O O   . HOH K 5 .  ? -0.572  -2.536  -8.718  1.00 23.07 ? 2064 HOH A O   1 
HETATM 1274 O O   . HOH K 5 .  ? -6.308  -4.071  -3.810  1.00 37.86 ? 2065 HOH A O   1 
HETATM 1275 O O   . HOH K 5 .  ? -9.438  -3.822  3.937   1.00 27.01 ? 2066 HOH A O   1 
HETATM 1276 O O   . HOH K 5 .  ? -5.890  -10.043 6.174   1.00 14.07 ? 2067 HOH A O   1 
HETATM 1277 O O   . HOH K 5 .  ? -4.457  -4.631  10.245  1.00 24.93 ? 2068 HOH A O   1 
HETATM 1278 O O   . HOH K 5 .  ? 15.637  -6.711  4.500   1.00 27.62 ? 2069 HOH A O   1 
HETATM 1279 O O   . HOH K 5 .  ? 17.073  -9.370  0.100   1.00 30.89 ? 2070 HOH A O   1 
HETATM 1280 O O   . HOH K 5 .  ? 15.077  -14.942 4.112   1.00 29.93 ? 2071 HOH A O   1 
HETATM 1281 O O   . HOH K 5 .  ? 16.730  -5.314  2.236   1.00 27.12 ? 2072 HOH A O   1 
HETATM 1282 O O   . HOH K 5 .  ? 17.512  2.818   -0.853  1.00 51.05 ? 2073 HOH A O   1 
HETATM 1283 O O   . HOH K 5 .  ? 16.060  -0.262  -3.552  1.00 29.70 ? 2074 HOH A O   1 
HETATM 1284 O O   . HOH K 5 .  ? 16.466  2.249   6.560   1.00 34.43 ? 2075 HOH A O   1 
HETATM 1285 O O   . HOH K 5 .  ? 16.330  -2.289  5.252   1.00 22.07 ? 2076 HOH A O   1 
HETATM 1286 O O   . HOH K 5 .  ? 15.404  2.480   3.067   1.00 32.23 ? 2077 HOH A O   1 
HETATM 1287 O O   . HOH K 5 .  ? 13.417  3.860   9.820   1.00 31.62 ? 2078 HOH A O   1 
HETATM 1288 O O   . HOH K 5 .  ? 9.913   3.182   8.800   1.00 23.35 ? 2079 HOH A O   1 
HETATM 1289 O O   . HOH K 5 .  ? 12.139  6.147   10.483  1.00 24.86 ? 2080 HOH A O   1 
HETATM 1290 O O   . HOH K 5 .  ? 14.447  5.444   3.091   1.00 29.34 ? 2081 HOH A O   1 
HETATM 1291 O O   . HOH K 5 .  ? -3.468  -1.703  13.228  1.00 31.67 ? 2082 HOH A O   1 
HETATM 1292 O O   . HOH K 5 .  ? 3.100   2.870   9.310   1.00 31.67 ? 2083 HOH A O   1 
HETATM 1293 O O   . HOH K 5 .  ? -0.856  4.675   8.178   1.00 25.89 ? 2084 HOH A O   1 
HETATM 1294 O O   . HOH K 5 .  ? -1.426  1.890   8.065   1.00 32.00 ? 2085 HOH A O   1 
HETATM 1295 O O   . HOH K 5 .  ? 2.577   5.244   8.619   1.00 37.44 ? 2086 HOH A O   1 
HETATM 1296 O O   . HOH L 5 .  ? 1.712   1.354   -14.290 1.00 24.06 ? 2001 HOH B O   1 
HETATM 1297 O O   . HOH L 5 .  ? 1.318   -1.816  -18.056 1.00 31.82 ? 2002 HOH B O   1 
HETATM 1298 O O   . HOH L 5 .  ? -16.242 -3.361  -6.787  1.00 44.40 ? 2003 HOH B O   1 
HETATM 1299 O O   . HOH L 5 .  ? -19.191 8.223   -0.793  1.00 49.20 ? 2004 HOH B O   1 
HETATM 1300 O O   . HOH L 5 .  ? -17.566 10.894  5.468   1.00 36.29 ? 2005 HOH B O   1 
HETATM 1301 O O   . HOH L 5 .  ? -18.575 5.810   -1.389  1.00 36.97 ? 2006 HOH B O   1 
HETATM 1302 O O   . HOH L 5 .  ? -6.888  -0.959  5.808   1.00 25.66 ? 2007 HOH B O   1 
HETATM 1303 O O   . HOH L 5 .  ? -0.410  7.037   6.776   1.00 19.00 ? 2008 HOH B O   1 
HETATM 1304 O O   . HOH L 5 .  ? 3.008   7.239   4.884   1.00 19.03 ? 2009 HOH B O   1 
HETATM 1305 O O   . HOH L 5 .  ? -5.364  3.581   7.824   1.00 27.66 ? 2010 HOH B O   1 
HETATM 1306 O O   . HOH L 5 .  ? -4.912  11.777  6.477   1.00 16.93 ? 2011 HOH B O   1 
HETATM 1307 O O   . HOH L 5 .  ? -8.225  8.490   9.202   1.00 35.91 ? 2012 HOH B O   1 
HETATM 1308 O O   . HOH L 5 .  ? -3.276  5.414   8.803   1.00 45.20 ? 2013 HOH B O   1 
HETATM 1309 O O   . HOH L 5 .  ? 2.158   22.638  -5.010  1.00 41.29 ? 2014 HOH B O   1 
HETATM 1310 O O   . HOH L 5 .  ? 0.577   17.066  -5.657  1.00 38.12 ? 2015 HOH B O   1 
HETATM 1311 O O   . HOH L 5 .  ? -6.165  25.158  -7.952  1.00 34.20 ? 2016 HOH B O   1 
HETATM 1312 O O   . HOH L 5 .  ? -3.868  26.354  -6.387  1.00 45.23 ? 2017 HOH B O   1 
HETATM 1313 O O   . HOH L 5 .  ? -9.317  11.026  6.995   1.00 38.99 ? 2018 HOH B O   1 
HETATM 1314 O O   . HOH L 5 .  ? -8.471  13.289  4.857   1.00 22.64 ? 2019 HOH B O   1 
HETATM 1315 O O   . HOH L 5 .  ? -11.459 -1.669  -9.907  1.00 44.07 ? 2020 HOH B O   1 
HETATM 1316 O O   . HOH L 5 .  ? -10.901 0.844   -13.032 1.00 33.88 ? 2021 HOH B O   1 
HETATM 1317 O O   . HOH L 5 .  ? -14.075 -1.628  -8.674  1.00 40.48 ? 2022 HOH B O   1 
HETATM 1318 O O   . HOH L 5 .  ? -16.179 -0.197  -9.314  1.00 34.89 ? 2023 HOH B O   1 
HETATM 1319 O O   . HOH L 5 .  ? -18.782 11.305  1.077   1.00 28.34 ? 2024 HOH B O   1 
HETATM 1320 O O   . HOH L 5 .  ? -20.955 17.478  -4.302  1.00 47.87 ? 2025 HOH B O   1 
HETATM 1321 O O   . HOH L 5 .  ? 2.596   15.281  -5.008  1.00 20.89 ? 2026 HOH B O   1 
HETATM 1322 O O   . HOH L 5 .  ? 4.251   11.619  -6.648  1.00 29.09 ? 2027 HOH B O   1 
HETATM 1323 O O   . HOH L 5 .  ? 3.595   16.645  -0.141  1.00 28.48 ? 2028 HOH B O   1 
HETATM 1324 O O   . HOH L 5 .  ? 4.574   13.097  1.693   1.00 35.23 ? 2029 HOH B O   1 
HETATM 1325 O O   . HOH L 5 .  ? 4.555   10.581  1.204   1.00 29.37 ? 2030 HOH B O   1 
HETATM 1326 O O   . HOH L 5 .  ? 6.079   8.165   -2.460  1.00 30.10 ? 2031 HOH B O   1 
HETATM 1327 O O   . HOH L 5 .  ? -16.354 8.119   -3.793  1.00 18.64 ? 2032 HOH B O   1 
HETATM 1328 O O   . HOH L 5 .  ? -17.329 10.366  -0.827  1.00 25.71 ? 2033 HOH B O   1 
HETATM 1329 O O   . HOH L 5 .  ? 0.943   -1.288  -10.280 1.00 30.57 ? 2034 HOH B O   1 
HETATM 1330 O O   . HOH L 5 .  ? 3.909   -4.243  -10.750 1.00 33.02 ? 2035 HOH B O   1 
HETATM 1331 O O   . HOH L 5 .  ? -16.591 10.922  3.047   1.00 21.70 ? 2036 HOH B O   1 
HETATM 1332 O O   . HOH L 5 .  ? -13.690 4.495   -1.940  1.00 13.68 ? 2037 HOH B O   1 
HETATM 1333 O O   . HOH L 5 .  ? -15.618 6.398   -1.730  1.00 23.32 ? 2038 HOH B O   1 
HETATM 1334 O O   . HOH L 5 .  ? -10.560 7.133   5.119   1.00 22.57 ? 2039 HOH B O   1 
HETATM 1335 O O   . HOH L 5 .  ? -5.481  -0.018  3.554   1.00 12.21 ? 2040 HOH B O   1 
HETATM 1336 O O   . HOH L 5 .  ? -4.016  1.639   6.889   1.00 24.25 ? 2041 HOH B O   1 
HETATM 1337 O O   . HOH L 5 .  ? -8.044  -1.750  -0.234  1.00 21.86 ? 2042 HOH B O   1 
HETATM 1338 O O   . HOH L 5 .  ? -6.139  -2.022  -2.265  1.00 16.40 ? 2043 HOH B O   1 
HETATM 1339 O O   . HOH L 5 .  ? -8.519  -1.585  -5.677  1.00 41.20 ? 2044 HOH B O   1 
HETATM 1340 O O   . HOH L 5 .  ? -5.404  2.699   -15.077 1.00 15.78 ? 2045 HOH B O   1 
HETATM 1341 O O   . HOH L 5 .  ? -10.316 14.307  -15.881 1.00 16.49 ? 2046 HOH B O   1 
HETATM 1342 O O   . HOH L 5 .  ? 0.530   18.552  -13.179 1.00 20.61 ? 2047 HOH B O   1 
HETATM 1343 O O   . HOH L 5 .  ? -2.480  15.737  -10.581 1.00 20.83 ? 2048 HOH B O   1 
HETATM 1344 O O   . HOH L 5 .  ? 1.306   24.086  -7.931  1.00 33.00 ? 2049 HOH B O   1 
HETATM 1345 O O   . HOH L 5 .  ? 0.999   18.207  -10.535 1.00 24.52 ? 2050 HOH B O   1 
HETATM 1346 O O   . HOH L 5 .  ? -2.405  24.198  -5.295  1.00 31.04 ? 2051 HOH B O   1 
HETATM 1347 O O   . HOH L 5 .  ? -1.338  19.287  -3.258  1.00 30.45 ? 2052 HOH B O   1 
HETATM 1348 O O   . HOH L 5 .  ? -6.122  22.452  -6.928  1.00 18.55 ? 2053 HOH B O   1 
HETATM 1349 O O   . HOH L 5 .  ? -2.185  17.009  -4.428  1.00 14.63 ? 2054 HOH B O   1 
HETATM 1350 O O   . HOH L 5 .  ? 0.581   21.777  -7.180  1.00 31.70 ? 2055 HOH B O   1 
HETATM 1351 O O   . HOH L 5 .  ? -13.336 2.331   -12.713 1.00 22.87 ? 2056 HOH B O   1 
HETATM 1352 O O   . HOH L 5 .  ? -10.211 -0.615  -7.679  1.00 24.18 ? 2057 HOH B O   1 
HETATM 1353 O O   . HOH L 5 .  ? -15.400 -0.927  0.840   1.00 25.63 ? 2058 HOH B O   1 
HETATM 1354 O O   . HOH L 5 .  ? -13.287 -2.781  1.146   1.00 41.97 ? 2059 HOH B O   1 
HETATM 1355 O O   . HOH L 5 .  ? -14.131 -2.587  4.043   1.00 27.13 ? 2060 HOH B O   1 
HETATM 1356 O O   . HOH L 5 .  ? -14.750 0.722   2.586   1.00 22.74 ? 2061 HOH B O   1 
HETATM 1357 O O   . HOH L 5 .  ? -9.405  -1.892  5.505   1.00 32.11 ? 2062 HOH B O   1 
HETATM 1358 O O   . HOH L 5 .  ? -10.053 -1.730  -3.473  1.00 28.84 ? 2063 HOH B O   1 
HETATM 1359 O O   . HOH L 5 .  ? -20.000 2.514   -5.074  1.00 28.55 ? 2064 HOH B O   1 
HETATM 1360 O O   . HOH L 5 .  ? -12.717 -1.128  -6.368  1.00 22.20 ? 2065 HOH B O   1 
HETATM 1361 O O   . HOH L 5 .  ? -16.865 2.480   -8.830  1.00 22.67 ? 2066 HOH B O   1 
HETATM 1362 O O   . HOH L 5 .  ? 2.407   12.383  -4.823  1.00 18.40 ? 2067 HOH B O   1 
HETATM 1363 O O   . HOH L 5 .  ? 2.321   10.672  -0.635  1.00 23.22 ? 2068 HOH B O   1 
HETATM 1364 O O   . HOH L 5 .  ? 3.057   14.103  -0.325  1.00 21.35 ? 2069 HOH B O   1 
HETATM 1365 O O   . HOH L 5 .  ? 4.014   10.518  -2.895  1.00 29.86 ? 2070 HOH B O   1 
HETATM 1366 O O   . HOH L 5 .  ? 8.594   2.086   -7.183  1.00 32.14 ? 2071 HOH B O   1 
HETATM 1367 O O   . HOH L 5 .  ? 5.957   7.385   -8.769  1.00 25.88 ? 2072 HOH B O   1 
HETATM 1368 O O   . HOH L 5 .  ? 4.556   9.115   -6.721  1.00 20.80 ? 2073 HOH B O   1 
HETATM 1369 O O   . HOH L 5 .  ? 1.108   2.839   -12.310 1.00 18.99 ? 2074 HOH B O   1 
HETATM 1370 O O   . HOH L 5 .  ? 5.807   -3.002  -13.064 1.00 29.52 ? 2075 HOH B O   1 
HETATM 1371 O O   . HOH L 5 .  ? 8.952   8.269   -12.064 1.00 54.22 ? 2076 HOH B O   1 
HETATM 1372 O O   . HOH L 5 .  ? 3.414   -1.948  -9.273  1.00 17.70 ? 2077 HOH B O   1 
HETATM 1373 O O   . HOH L 5 .  ? 5.972   0.967   -7.666  1.00 15.21 ? 2078 HOH B O   1 
HETATM 1374 O O   . HOH L 5 .  ? 6.723   1.052   -14.969 1.00 14.60 ? 2079 HOH B O   1 
HETATM 1375 O O   . HOH L 5 .  ? 5.877   7.279   -11.912 1.00 24.21 ? 2080 HOH B O   1 
HETATM 1376 O O   . HOH L 5 .  ? -0.605  22.354  -16.426 1.00 27.78 ? 2081 HOH B O   1 
HETATM 1377 O O   . HOH L 5 .  ? -6.534  -4.365  -16.607 1.00 35.56 ? 2082 HOH B O   1 
HETATM 1378 O O   . HOH L 5 .  ? -8.605  1.898   -13.998 1.00 31.10 ? 2083 HOH B O   1 
HETATM 1379 O O   . HOH L 5 .  ? -4.925  -2.248  -18.842 1.00 33.82 ? 2084 HOH B O   1 
HETATM 1380 O O   . HOH L 5 .  ? -10.180 -3.945  -15.602 1.00 37.48 ? 2085 HOH B O   1 
HETATM 1381 O O   . HOH L 5 .  ? -8.675  2.479   -17.020 1.00 26.80 ? 2086 HOH B O   1 
HETATM 1382 O O   . HOH L 5 .  ? -10.799 -1.241  -17.327 1.00 38.16 ? 2087 HOH B O   1 
HETATM 1383 O O   . HOH L 5 .  ? -3.130  -3.298  -8.504  1.00 27.88 ? 2088 HOH B O   1 
HETATM 1384 O O   . HOH L 5 .  ? -8.818  12.823  -19.765 1.00 27.63 ? 2089 HOH B O   1 
HETATM 1385 O O   . HOH L 5 .  ? -12.675 19.906  -11.241 1.00 29.54 ? 2090 HOH B O   1 
HETATM 1386 O O   . HOH M 5 .  ? 11.339  -10.713 -9.820  1.00 32.12 ? 2001 HOH C O   1 
HETATM 1387 O O   . HOH M 5 .  ? 12.080  -8.132  -9.672  1.00 32.31 ? 2002 HOH C O   1 
HETATM 1388 O O   . HOH M 5 .  ? 16.972  -4.904  -4.622  1.00 28.84 ? 2003 HOH C O   1 
HETATM 1389 O O   . HOH M 5 .  ? 20.674  -7.340  -6.100  1.00 25.81 ? 2004 HOH C O   1 
HETATM 1390 O O   . HOH M 5 .  ? 17.535  -11.387 -5.949  1.00 26.70 ? 2005 HOH C O   1 
HETATM 1391 O O   . HOH M 5 .  ? 17.098  -15.848 -6.584  1.00 28.44 ? 2006 HOH C O   1 
HETATM 1392 O O   . HOH M 5 .  ? 11.775  -14.652 -9.688  1.00 30.66 ? 2007 HOH C O   1 
HETATM 1393 O O   . HOH M 5 .  ? 13.112  -17.079 -8.282  1.00 28.44 ? 2008 HOH C O   1 
HETATM 1394 O O   . HOH M 5 .  ? 18.018  -15.999 -2.186  1.00 30.64 ? 2009 HOH C O   1 
HETATM 1395 O O   . HOH M 5 .  ? 15.308  -14.774 1.307   1.00 17.93 ? 2010 HOH C O   1 
HETATM 1396 O O   . HOH M 5 .  ? 9.339   -21.213 2.334   1.00 17.66 ? 2011 HOH C O   1 
HETATM 1397 O O   . HOH M 5 .  ? 10.714  -19.082 9.808   1.00 24.64 ? 2012 HOH C O   1 
HETATM 1398 O O   . HOH M 5 .  ? 8.469   -24.500 7.582   1.00 28.70 ? 2013 HOH C O   1 
HETATM 1399 O O   . HOH M 5 .  ? 10.388  -22.746 10.204  1.00 33.65 ? 2014 HOH C O   1 
HETATM 1400 O O   . HOH M 5 .  ? 8.321   -23.199 4.136   1.00 25.68 ? 2015 HOH C O   1 
HETATM 1401 O O   . HOH M 5 .  ? 19.106  -8.142  -4.132  1.00 39.17 ? 2016 HOH C O   1 
HETATM 1402 O O   . HOH M 5 .  ? 18.996  -9.216  -6.872  1.00 29.44 ? 2017 HOH C O   1 
HETATM 1403 O O   . HOH M 5 .  ? 17.818  -6.258  -2.646  1.00 36.21 ? 2018 HOH C O   1 
HETATM 1404 O O   . HOH M 5 .  ? 9.052   -6.523  -10.764 1.00 43.66 ? 2019 HOH C O   1 
HETATM 1405 O O   . HOH M 5 .  ? 11.172  -7.869  -11.974 1.00 36.91 ? 2020 HOH C O   1 
HETATM 1406 O O   . HOH M 5 .  ? 18.189  -10.764 -3.283  1.00 39.63 ? 2021 HOH C O   1 
HETATM 1407 O O   . HOH M 5 .  ? 18.595  -13.845 -5.857  1.00 33.83 ? 2022 HOH C O   1 
HETATM 1408 O O   . HOH M 5 .  ? 14.700  -18.261 -10.022 1.00 28.21 ? 2023 HOH C O   1 
HETATM 1409 O O   . HOH M 5 .  ? 17.636  -18.118 -4.967  1.00 29.49 ? 2024 HOH C O   1 
HETATM 1410 O O   . HOH M 5 .  ? 17.702  -13.751 0.492   1.00 27.41 ? 2025 HOH C O   1 
HETATM 1411 O O   . HOH M 5 .  ? 17.688  -18.267 1.202   1.00 43.31 ? 2026 HOH C O   1 
HETATM 1412 O O   . HOH M 5 .  ? 8.795   -26.792 9.169   1.00 38.66 ? 2027 HOH C O   1 
HETATM 1413 O O   . HOH M 5 .  ? 20.594  -13.739 -7.765  1.00 34.44 ? 2028 HOH C O   1 
HETATM 1414 O O   . HOH M 5 .  ? 17.271  -17.196 -10.438 1.00 36.08 ? 2029 HOH C O   1 
HETATM 1415 O O   . HOH M 5 .  ? 5.807   -33.208 9.792   1.00 33.99 ? 2030 HOH C O   1 
HETATM 1416 O O   . HOH M 5 .  ? 3.407   -31.030 8.203   1.00 27.13 ? 2031 HOH C O   1 
HETATM 1417 O O   . HOH N 5 .  ? 2.322   10.062  17.636  1.00 40.74 ? 2001 HOH D O   1 
HETATM 1418 O O   . HOH N 5 .  ? 4.664   13.826  14.589  1.00 42.86 ? 2002 HOH D O   1 
HETATM 1419 O O   . HOH N 5 .  ? -1.344  12.204  12.785  1.00 39.59 ? 2003 HOH D O   1 
HETATM 1420 O O   . HOH N 5 .  ? 4.302   11.862  7.575   1.00 34.15 ? 2004 HOH D O   1 
HETATM 1421 O O   . HOH N 5 .  ? 3.327   14.080  5.771   1.00 29.89 ? 2005 HOH D O   1 
HETATM 1422 O O   . HOH N 5 .  ? 0.732   8.757   8.549   1.00 23.83 ? 2006 HOH D O   1 
HETATM 1423 O O   . HOH N 5 .  ? -3.005  8.334   7.403   1.00 20.27 ? 2007 HOH D O   1 
HETATM 1424 O O   . HOH N 5 .  ? -4.539  16.785  5.943   1.00 17.57 ? 2008 HOH D O   1 
HETATM 1425 O O   . HOH N 5 .  ? -0.908  18.466  -0.390  1.00 14.45 ? 2009 HOH D O   1 
HETATM 1426 O O   . HOH N 5 .  ? 1.204   19.323  2.322   1.00 17.54 ? 2010 HOH D O   1 
HETATM 1427 O O   . HOH N 5 .  ? -5.414  22.046  3.676   1.00 17.39 ? 2011 HOH D O   1 
HETATM 1428 O O   . HOH N 5 .  ? -13.894 20.869  2.188   1.00 43.60 ? 2012 HOH D O   1 
HETATM 1429 O O   . HOH N 5 .  ? -11.116 24.077  -1.675  1.00 32.38 ? 2013 HOH D O   1 
HETATM 1430 O O   . HOH N 5 .  ? 5.195   16.855  14.003  1.00 40.47 ? 2014 HOH D O   1 
HETATM 1431 O O   . HOH N 5 .  ? 5.899   9.949   6.217   1.00 39.12 ? 2015 HOH D O   1 
HETATM 1432 O O   . HOH N 5 .  ? 3.174   7.913   7.450   1.00 29.66 ? 2016 HOH D O   1 
HETATM 1433 O O   . HOH N 5 .  ? 3.439   17.539  2.693   1.00 25.10 ? 2017 HOH D O   1 
HETATM 1434 O O   . HOH N 5 .  ? -15.162 23.581  -7.076  1.00 35.54 ? 2018 HOH D O   1 
HETATM 1435 O O   . HOH N 5 .  ? 4.557   18.371  11.727  1.00 36.33 ? 2019 HOH D O   1 
HETATM 1436 O O   . HOH N 5 .  ? 7.461   9.287   8.068   1.00 36.50 ? 2020 HOH D O   1 
# 
